data_1IMJ
# 
_entry.id   1IMJ 
# 
_audit_conform.dict_name       mmcif_pdbx.dic 
_audit_conform.dict_version    5.387 
_audit_conform.dict_location   http://mmcif.pdb.org/dictionaries/ascii/mmcif_pdbx.dic 
# 
loop_
_database_2.database_id 
_database_2.database_code 
_database_2.pdbx_database_accession 
_database_2.pdbx_DOI 
PDB   1IMJ         pdb_00001imj 10.2210/pdb1imj/pdb 
RCSB  RCSB013411   ?            ?                   
WWPDB D_1000013411 ?            ?                   
# 
loop_
_pdbx_audit_revision_history.ordinal 
_pdbx_audit_revision_history.data_content_type 
_pdbx_audit_revision_history.major_revision 
_pdbx_audit_revision_history.minor_revision 
_pdbx_audit_revision_history.revision_date 
1 'Structure model' 1 0 2002-05-11 
2 'Structure model' 1 1 2008-04-27 
3 'Structure model' 1 2 2011-07-13 
4 'Structure model' 1 3 2024-03-13 
# 
_pdbx_audit_revision_details.ordinal             1 
_pdbx_audit_revision_details.revision_ordinal    1 
_pdbx_audit_revision_details.data_content_type   'Structure model' 
_pdbx_audit_revision_details.provider            repository 
_pdbx_audit_revision_details.type                'Initial release' 
_pdbx_audit_revision_details.description         ? 
_pdbx_audit_revision_details.details             ? 
# 
loop_
_pdbx_audit_revision_group.ordinal 
_pdbx_audit_revision_group.revision_ordinal 
_pdbx_audit_revision_group.data_content_type 
_pdbx_audit_revision_group.group 
1 2 'Structure model' 'Version format compliance' 
2 3 'Structure model' 'Version format compliance' 
3 4 'Structure model' 'Data collection'           
4 4 'Structure model' 'Database references'       
5 4 'Structure model' 'Derived calculations'      
# 
loop_
_pdbx_audit_revision_category.ordinal 
_pdbx_audit_revision_category.revision_ordinal 
_pdbx_audit_revision_category.data_content_type 
_pdbx_audit_revision_category.category 
1 4 'Structure model' chem_comp_atom 
2 4 'Structure model' chem_comp_bond 
3 4 'Structure model' database_2     
4 4 'Structure model' struct_sheet   
5 4 'Structure model' struct_site    
# 
loop_
_pdbx_audit_revision_item.ordinal 
_pdbx_audit_revision_item.revision_ordinal 
_pdbx_audit_revision_item.data_content_type 
_pdbx_audit_revision_item.item 
1 4 'Structure model' '_database_2.pdbx_DOI'                
2 4 'Structure model' '_database_2.pdbx_database_accession' 
3 4 'Structure model' '_struct_sheet.number_strands'        
4 4 'Structure model' '_struct_site.pdbx_auth_asym_id'      
5 4 'Structure model' '_struct_site.pdbx_auth_comp_id'      
6 4 'Structure model' '_struct_site.pdbx_auth_seq_id'       
# 
_pdbx_database_status.status_code                     REL 
_pdbx_database_status.entry_id                        1IMJ 
_pdbx_database_status.recvd_initial_deposition_date   2001-05-11 
_pdbx_database_status.deposit_site                    RCSB 
_pdbx_database_status.process_site                    PDBJ 
_pdbx_database_status.SG_entry                        . 
_pdbx_database_status.pdb_format_compatible           Y 
_pdbx_database_status.status_code_mr                  ? 
_pdbx_database_status.status_code_sf                  ? 
_pdbx_database_status.status_code_cs                  ? 
_pdbx_database_status.status_code_nmr_data            ? 
_pdbx_database_status.methods_development_category    ? 
# 
loop_
_audit_author.name 
_audit_author.pdbx_ordinal 
'Padmanabhan, B.' 1 
'Kuzuhara, T.'    2 
'Horikoshi, M.'   3 
# 
_citation.id                        primary 
_citation.title                     'The crystal structure of CCG1/TAF(II)250-interacting factor B (CIB)' 
_citation.journal_abbrev            J.Biol.Chem. 
_citation.journal_volume            279 
_citation.page_first                9615 
_citation.page_last                 9624 
_citation.year                      2004 
_citation.journal_id_ASTM           JBCHA3 
_citation.country                   US 
_citation.journal_id_ISSN           0021-9258 
_citation.journal_id_CSD            0071 
_citation.book_publisher            ? 
_citation.pdbx_database_id_PubMed   14672934 
_citation.pdbx_database_id_DOI      10.1074/jbc.M312165200 
# 
loop_
_citation_author.citation_id 
_citation_author.name 
_citation_author.ordinal 
_citation_author.identifier_ORCID 
primary 'Padmanabhan, B.' 1 ? 
primary 'Kuzuhara, T.'    2 ? 
primary 'Adachi, N.'      3 ? 
primary 'Horikoshi, M.'   4 ? 
# 
loop_
_entity.id 
_entity.type 
_entity.src_method 
_entity.pdbx_description 
_entity.formula_weight 
_entity.pdbx_number_of_molecules 
_entity.pdbx_ec 
_entity.pdbx_mutation 
_entity.pdbx_fragment 
_entity.details 
1 polymer     man 'CCG1-INTERACTING FACTOR B' 22365.586 1   ? ? ? ? 
2 non-polymer syn 'SULFATE ION'               96.063    1   ? ? ? ? 
3 water       nat water                       18.015    192 ? ? ? ? 
# 
_entity_name_com.entity_id   1 
_entity_name_com.name        CIB 
# 
_entity_poly.entity_id                      1 
_entity_poly.type                           'polypeptide(L)' 
_entity_poly.nstd_linkage                   no 
_entity_poly.nstd_monomer                   no 
_entity_poly.pdbx_seq_one_letter_code       
;MAASVEQREGTIQVQGQALFFREALPGSGQARFSVLLLHGIRFSSETWQNLGTLHRLAQAGYRAVAIDLPGLGHSKEAAA
PAPIGELAPGSFLAAVVDALELGPPVVISPSLSGMYSLPFLTAPGSQLPGFVPVAPICTDKINAANYASVKTPALIVYGD
QDPMGQTSFEHLKQLPNHRVLIMKGAGHPCYLDKPEEWHTGLLDFLQGLQ
;
_entity_poly.pdbx_seq_one_letter_code_can   
;MAASVEQREGTIQVQGQALFFREALPGSGQARFSVLLLHGIRFSSETWQNLGTLHRLAQAGYRAVAIDLPGLGHSKEAAA
PAPIGELAPGSFLAAVVDALELGPPVVISPSLSGMYSLPFLTAPGSQLPGFVPVAPICTDKINAANYASVKTPALIVYGD
QDPMGQTSFEHLKQLPNHRVLIMKGAGHPCYLDKPEEWHTGLLDFLQGLQ
;
_entity_poly.pdbx_strand_id                 A 
_entity_poly.pdbx_target_identifier         ? 
# 
loop_
_pdbx_entity_nonpoly.entity_id 
_pdbx_entity_nonpoly.name 
_pdbx_entity_nonpoly.comp_id 
2 'SULFATE ION' SO4 
3 water         HOH 
# 
loop_
_entity_poly_seq.entity_id 
_entity_poly_seq.num 
_entity_poly_seq.mon_id 
_entity_poly_seq.hetero 
1 1   MET n 
1 2   ALA n 
1 3   ALA n 
1 4   SER n 
1 5   VAL n 
1 6   GLU n 
1 7   GLN n 
1 8   ARG n 
1 9   GLU n 
1 10  GLY n 
1 11  THR n 
1 12  ILE n 
1 13  GLN n 
1 14  VAL n 
1 15  GLN n 
1 16  GLY n 
1 17  GLN n 
1 18  ALA n 
1 19  LEU n 
1 20  PHE n 
1 21  PHE n 
1 22  ARG n 
1 23  GLU n 
1 24  ALA n 
1 25  LEU n 
1 26  PRO n 
1 27  GLY n 
1 28  SER n 
1 29  GLY n 
1 30  GLN n 
1 31  ALA n 
1 32  ARG n 
1 33  PHE n 
1 34  SER n 
1 35  VAL n 
1 36  LEU n 
1 37  LEU n 
1 38  LEU n 
1 39  HIS n 
1 40  GLY n 
1 41  ILE n 
1 42  ARG n 
1 43  PHE n 
1 44  SER n 
1 45  SER n 
1 46  GLU n 
1 47  THR n 
1 48  TRP n 
1 49  GLN n 
1 50  ASN n 
1 51  LEU n 
1 52  GLY n 
1 53  THR n 
1 54  LEU n 
1 55  HIS n 
1 56  ARG n 
1 57  LEU n 
1 58  ALA n 
1 59  GLN n 
1 60  ALA n 
1 61  GLY n 
1 62  TYR n 
1 63  ARG n 
1 64  ALA n 
1 65  VAL n 
1 66  ALA n 
1 67  ILE n 
1 68  ASP n 
1 69  LEU n 
1 70  PRO n 
1 71  GLY n 
1 72  LEU n 
1 73  GLY n 
1 74  HIS n 
1 75  SER n 
1 76  LYS n 
1 77  GLU n 
1 78  ALA n 
1 79  ALA n 
1 80  ALA n 
1 81  PRO n 
1 82  ALA n 
1 83  PRO n 
1 84  ILE n 
1 85  GLY n 
1 86  GLU n 
1 87  LEU n 
1 88  ALA n 
1 89  PRO n 
1 90  GLY n 
1 91  SER n 
1 92  PHE n 
1 93  LEU n 
1 94  ALA n 
1 95  ALA n 
1 96  VAL n 
1 97  VAL n 
1 98  ASP n 
1 99  ALA n 
1 100 LEU n 
1 101 GLU n 
1 102 LEU n 
1 103 GLY n 
1 104 PRO n 
1 105 PRO n 
1 106 VAL n 
1 107 VAL n 
1 108 ILE n 
1 109 SER n 
1 110 PRO n 
1 111 SER n 
1 112 LEU n 
1 113 SER n 
1 114 GLY n 
1 115 MET n 
1 116 TYR n 
1 117 SER n 
1 118 LEU n 
1 119 PRO n 
1 120 PHE n 
1 121 LEU n 
1 122 THR n 
1 123 ALA n 
1 124 PRO n 
1 125 GLY n 
1 126 SER n 
1 127 GLN n 
1 128 LEU n 
1 129 PRO n 
1 130 GLY n 
1 131 PHE n 
1 132 VAL n 
1 133 PRO n 
1 134 VAL n 
1 135 ALA n 
1 136 PRO n 
1 137 ILE n 
1 138 CYS n 
1 139 THR n 
1 140 ASP n 
1 141 LYS n 
1 142 ILE n 
1 143 ASN n 
1 144 ALA n 
1 145 ALA n 
1 146 ASN n 
1 147 TYR n 
1 148 ALA n 
1 149 SER n 
1 150 VAL n 
1 151 LYS n 
1 152 THR n 
1 153 PRO n 
1 154 ALA n 
1 155 LEU n 
1 156 ILE n 
1 157 VAL n 
1 158 TYR n 
1 159 GLY n 
1 160 ASP n 
1 161 GLN n 
1 162 ASP n 
1 163 PRO n 
1 164 MET n 
1 165 GLY n 
1 166 GLN n 
1 167 THR n 
1 168 SER n 
1 169 PHE n 
1 170 GLU n 
1 171 HIS n 
1 172 LEU n 
1 173 LYS n 
1 174 GLN n 
1 175 LEU n 
1 176 PRO n 
1 177 ASN n 
1 178 HIS n 
1 179 ARG n 
1 180 VAL n 
1 181 LEU n 
1 182 ILE n 
1 183 MET n 
1 184 LYS n 
1 185 GLY n 
1 186 ALA n 
1 187 GLY n 
1 188 HIS n 
1 189 PRO n 
1 190 CYS n 
1 191 TYR n 
1 192 LEU n 
1 193 ASP n 
1 194 LYS n 
1 195 PRO n 
1 196 GLU n 
1 197 GLU n 
1 198 TRP n 
1 199 HIS n 
1 200 THR n 
1 201 GLY n 
1 202 LEU n 
1 203 LEU n 
1 204 ASP n 
1 205 PHE n 
1 206 LEU n 
1 207 GLN n 
1 208 GLY n 
1 209 LEU n 
1 210 GLN n 
# 
_entity_src_gen.entity_id                          1 
_entity_src_gen.pdbx_src_id                        1 
_entity_src_gen.pdbx_alt_source_flag               sample 
_entity_src_gen.pdbx_seq_type                      ? 
_entity_src_gen.pdbx_beg_seq_num                   ? 
_entity_src_gen.pdbx_end_seq_num                   ? 
_entity_src_gen.gene_src_common_name               human 
_entity_src_gen.gene_src_genus                     Homo 
_entity_src_gen.pdbx_gene_src_gene                 ? 
_entity_src_gen.gene_src_species                   ? 
_entity_src_gen.gene_src_strain                    ? 
_entity_src_gen.gene_src_tissue                    ? 
_entity_src_gen.gene_src_tissue_fraction           ? 
_entity_src_gen.gene_src_details                   ? 
_entity_src_gen.pdbx_gene_src_fragment             ? 
_entity_src_gen.pdbx_gene_src_scientific_name      'Homo sapiens' 
_entity_src_gen.pdbx_gene_src_ncbi_taxonomy_id     9606 
_entity_src_gen.pdbx_gene_src_variant              ? 
_entity_src_gen.pdbx_gene_src_cell_line            ? 
_entity_src_gen.pdbx_gene_src_atcc                 ? 
_entity_src_gen.pdbx_gene_src_organ                ? 
_entity_src_gen.pdbx_gene_src_organelle            ? 
_entity_src_gen.pdbx_gene_src_cell                 ? 
_entity_src_gen.pdbx_gene_src_cellular_location    ? 
_entity_src_gen.host_org_common_name               ? 
_entity_src_gen.pdbx_host_org_scientific_name      'Escherichia coli' 
_entity_src_gen.pdbx_host_org_ncbi_taxonomy_id     562 
_entity_src_gen.host_org_genus                     Escherichia 
_entity_src_gen.pdbx_host_org_gene                 ? 
_entity_src_gen.pdbx_host_org_organ                ? 
_entity_src_gen.host_org_species                   ? 
_entity_src_gen.pdbx_host_org_tissue               ? 
_entity_src_gen.pdbx_host_org_tissue_fraction      ? 
_entity_src_gen.pdbx_host_org_strain               ? 
_entity_src_gen.pdbx_host_org_variant              ? 
_entity_src_gen.pdbx_host_org_cell_line            ? 
_entity_src_gen.pdbx_host_org_atcc                 ? 
_entity_src_gen.pdbx_host_org_culture_collection   ? 
_entity_src_gen.pdbx_host_org_cell                 ? 
_entity_src_gen.pdbx_host_org_organelle            ? 
_entity_src_gen.pdbx_host_org_cellular_location    ? 
_entity_src_gen.pdbx_host_org_vector_type          ? 
_entity_src_gen.pdbx_host_org_vector               ? 
_entity_src_gen.host_org_details                   ? 
_entity_src_gen.expression_system_id               ? 
_entity_src_gen.plasmid_name                       ? 
_entity_src_gen.plasmid_details                    ? 
_entity_src_gen.pdbx_description                   ? 
# 
loop_
_chem_comp.id 
_chem_comp.type 
_chem_comp.mon_nstd_flag 
_chem_comp.name 
_chem_comp.pdbx_synonyms 
_chem_comp.formula 
_chem_comp.formula_weight 
ALA 'L-peptide linking' y ALANINE         ? 'C3 H7 N O2'     89.093  
ARG 'L-peptide linking' y ARGININE        ? 'C6 H15 N4 O2 1' 175.209 
ASN 'L-peptide linking' y ASPARAGINE      ? 'C4 H8 N2 O3'    132.118 
ASP 'L-peptide linking' y 'ASPARTIC ACID' ? 'C4 H7 N O4'     133.103 
CYS 'L-peptide linking' y CYSTEINE        ? 'C3 H7 N O2 S'   121.158 
GLN 'L-peptide linking' y GLUTAMINE       ? 'C5 H10 N2 O3'   146.144 
GLU 'L-peptide linking' y 'GLUTAMIC ACID' ? 'C5 H9 N O4'     147.129 
GLY 'peptide linking'   y GLYCINE         ? 'C2 H5 N O2'     75.067  
HIS 'L-peptide linking' y HISTIDINE       ? 'C6 H10 N3 O2 1' 156.162 
HOH non-polymer         . WATER           ? 'H2 O'           18.015  
ILE 'L-peptide linking' y ISOLEUCINE      ? 'C6 H13 N O2'    131.173 
LEU 'L-peptide linking' y LEUCINE         ? 'C6 H13 N O2'    131.173 
LYS 'L-peptide linking' y LYSINE          ? 'C6 H15 N2 O2 1' 147.195 
MET 'L-peptide linking' y METHIONINE      ? 'C5 H11 N O2 S'  149.211 
PHE 'L-peptide linking' y PHENYLALANINE   ? 'C9 H11 N O2'    165.189 
PRO 'L-peptide linking' y PROLINE         ? 'C5 H9 N O2'     115.130 
SER 'L-peptide linking' y SERINE          ? 'C3 H7 N O3'     105.093 
SO4 non-polymer         . 'SULFATE ION'   ? 'O4 S -2'        96.063  
THR 'L-peptide linking' y THREONINE       ? 'C4 H9 N O3'     119.119 
TRP 'L-peptide linking' y TRYPTOPHAN      ? 'C11 H12 N2 O2'  204.225 
TYR 'L-peptide linking' y TYROSINE        ? 'C9 H11 N O3'    181.189 
VAL 'L-peptide linking' y VALINE          ? 'C5 H11 N O2'    117.146 
# 
loop_
_pdbx_poly_seq_scheme.asym_id 
_pdbx_poly_seq_scheme.entity_id 
_pdbx_poly_seq_scheme.seq_id 
_pdbx_poly_seq_scheme.mon_id 
_pdbx_poly_seq_scheme.ndb_seq_num 
_pdbx_poly_seq_scheme.pdb_seq_num 
_pdbx_poly_seq_scheme.auth_seq_num 
_pdbx_poly_seq_scheme.pdb_mon_id 
_pdbx_poly_seq_scheme.auth_mon_id 
_pdbx_poly_seq_scheme.pdb_strand_id 
_pdbx_poly_seq_scheme.pdb_ins_code 
_pdbx_poly_seq_scheme.hetero 
A 1 1   MET 1   1   ?   ?   ?   A . n 
A 1 2   ALA 2   2   2   ALA ALA A . n 
A 1 3   ALA 3   3   3   ALA ALA A . n 
A 1 4   SER 4   4   4   SER SER A . n 
A 1 5   VAL 5   5   5   VAL VAL A . n 
A 1 6   GLU 6   6   6   GLU GLU A . n 
A 1 7   GLN 7   7   7   GLN GLN A . n 
A 1 8   ARG 8   8   8   ARG ARG A . n 
A 1 9   GLU 9   9   9   GLU GLU A . n 
A 1 10  GLY 10  10  10  GLY GLY A . n 
A 1 11  THR 11  11  11  THR THR A . n 
A 1 12  ILE 12  12  12  ILE ILE A . n 
A 1 13  GLN 13  13  13  GLN GLN A . n 
A 1 14  VAL 14  14  14  VAL VAL A . n 
A 1 15  GLN 15  15  15  GLN GLN A . n 
A 1 16  GLY 16  16  16  GLY GLY A . n 
A 1 17  GLN 17  17  17  GLN GLN A . n 
A 1 18  ALA 18  18  18  ALA ALA A . n 
A 1 19  LEU 19  19  19  LEU LEU A . n 
A 1 20  PHE 20  20  20  PHE PHE A . n 
A 1 21  PHE 21  21  21  PHE PHE A . n 
A 1 22  ARG 22  22  22  ARG ARG A . n 
A 1 23  GLU 23  23  23  GLU GLU A . n 
A 1 24  ALA 24  24  24  ALA ALA A . n 
A 1 25  LEU 25  25  25  LEU LEU A . n 
A 1 26  PRO 26  26  26  PRO PRO A . n 
A 1 27  GLY 27  27  27  GLY GLY A . n 
A 1 28  SER 28  28  28  SER SER A . n 
A 1 29  GLY 29  29  29  GLY GLY A . n 
A 1 30  GLN 30  30  30  GLN GLN A . n 
A 1 31  ALA 31  31  31  ALA ALA A . n 
A 1 32  ARG 32  32  32  ARG ARG A . n 
A 1 33  PHE 33  33  33  PHE PHE A . n 
A 1 34  SER 34  34  34  SER SER A . n 
A 1 35  VAL 35  35  35  VAL VAL A . n 
A 1 36  LEU 36  36  36  LEU LEU A . n 
A 1 37  LEU 37  37  37  LEU LEU A . n 
A 1 38  LEU 38  38  38  LEU LEU A . n 
A 1 39  HIS 39  39  39  HIS HIS A . n 
A 1 40  GLY 40  40  40  GLY GLY A . n 
A 1 41  ILE 41  41  41  ILE ILE A . n 
A 1 42  ARG 42  42  42  ARG ARG A . n 
A 1 43  PHE 43  43  43  PHE PHE A . n 
A 1 44  SER 44  44  44  SER SER A . n 
A 1 45  SER 45  45  45  SER SER A . n 
A 1 46  GLU 46  46  46  GLU GLU A . n 
A 1 47  THR 47  47  47  THR THR A . n 
A 1 48  TRP 48  48  48  TRP TRP A . n 
A 1 49  GLN 49  49  49  GLN GLN A . n 
A 1 50  ASN 50  50  50  ASN ASN A . n 
A 1 51  LEU 51  51  51  LEU LEU A . n 
A 1 52  GLY 52  52  52  GLY GLY A . n 
A 1 53  THR 53  53  53  THR THR A . n 
A 1 54  LEU 54  54  54  LEU LEU A . n 
A 1 55  HIS 55  55  55  HIS HIS A . n 
A 1 56  ARG 56  56  56  ARG ARG A . n 
A 1 57  LEU 57  57  57  LEU LEU A . n 
A 1 58  ALA 58  58  58  ALA ALA A . n 
A 1 59  GLN 59  59  59  GLN GLN A . n 
A 1 60  ALA 60  60  60  ALA ALA A . n 
A 1 61  GLY 61  61  61  GLY GLY A . n 
A 1 62  TYR 62  62  62  TYR TYR A . n 
A 1 63  ARG 63  63  63  ARG ARG A . n 
A 1 64  ALA 64  64  64  ALA ALA A . n 
A 1 65  VAL 65  65  65  VAL VAL A . n 
A 1 66  ALA 66  66  66  ALA ALA A . n 
A 1 67  ILE 67  67  67  ILE ILE A . n 
A 1 68  ASP 68  68  68  ASP ASP A . n 
A 1 69  LEU 69  69  69  LEU LEU A . n 
A 1 70  PRO 70  70  70  PRO PRO A . n 
A 1 71  GLY 71  71  71  GLY GLY A . n 
A 1 72  LEU 72  72  72  LEU LEU A . n 
A 1 73  GLY 73  73  73  GLY GLY A . n 
A 1 74  HIS 74  74  74  HIS HIS A . n 
A 1 75  SER 75  75  75  SER SER A . n 
A 1 76  LYS 76  76  76  LYS LYS A . n 
A 1 77  GLU 77  77  77  GLU GLU A . n 
A 1 78  ALA 78  78  78  ALA ALA A . n 
A 1 79  ALA 79  79  79  ALA ALA A . n 
A 1 80  ALA 80  80  80  ALA ALA A . n 
A 1 81  PRO 81  81  81  PRO PRO A . n 
A 1 82  ALA 82  82  82  ALA ALA A . n 
A 1 83  PRO 83  83  83  PRO PRO A . n 
A 1 84  ILE 84  84  84  ILE ILE A . n 
A 1 85  GLY 85  85  85  GLY GLY A . n 
A 1 86  GLU 86  86  86  GLU GLU A . n 
A 1 87  LEU 87  87  87  LEU LEU A . n 
A 1 88  ALA 88  88  88  ALA ALA A . n 
A 1 89  PRO 89  89  89  PRO PRO A . n 
A 1 90  GLY 90  90  90  GLY GLY A . n 
A 1 91  SER 91  91  91  SER SER A . n 
A 1 92  PHE 92  92  92  PHE PHE A . n 
A 1 93  LEU 93  93  93  LEU LEU A . n 
A 1 94  ALA 94  94  94  ALA ALA A . n 
A 1 95  ALA 95  95  95  ALA ALA A . n 
A 1 96  VAL 96  96  96  VAL VAL A . n 
A 1 97  VAL 97  97  97  VAL VAL A . n 
A 1 98  ASP 98  98  98  ASP ASP A . n 
A 1 99  ALA 99  99  99  ALA ALA A . n 
A 1 100 LEU 100 100 100 LEU LEU A . n 
A 1 101 GLU 101 101 101 GLU GLU A . n 
A 1 102 LEU 102 102 102 LEU LEU A . n 
A 1 103 GLY 103 103 103 GLY GLY A . n 
A 1 104 PRO 104 104 104 PRO PRO A . n 
A 1 105 PRO 105 105 105 PRO PRO A . n 
A 1 106 VAL 106 106 106 VAL VAL A . n 
A 1 107 VAL 107 107 107 VAL VAL A . n 
A 1 108 ILE 108 108 108 ILE ILE A . n 
A 1 109 SER 109 109 109 SER SER A . n 
A 1 110 PRO 110 110 110 PRO PRO A . n 
A 1 111 SER 111 111 111 SER SER A . n 
A 1 112 LEU 112 112 112 LEU LEU A . n 
A 1 113 SER 113 113 113 SER SER A . n 
A 1 114 GLY 114 114 114 GLY GLY A . n 
A 1 115 MET 115 115 115 MET MET A . n 
A 1 116 TYR 116 116 116 TYR TYR A . n 
A 1 117 SER 117 117 117 SER SER A . n 
A 1 118 LEU 118 118 118 LEU LEU A . n 
A 1 119 PRO 119 119 119 PRO PRO A . n 
A 1 120 PHE 120 120 120 PHE PHE A . n 
A 1 121 LEU 121 121 121 LEU LEU A . n 
A 1 122 THR 122 122 122 THR THR A . n 
A 1 123 ALA 123 123 123 ALA ALA A . n 
A 1 124 PRO 124 124 124 PRO PRO A . n 
A 1 125 GLY 125 125 125 GLY GLY A . n 
A 1 126 SER 126 126 126 SER SER A . n 
A 1 127 GLN 127 127 127 GLN GLN A . n 
A 1 128 LEU 128 128 128 LEU LEU A . n 
A 1 129 PRO 129 129 129 PRO PRO A . n 
A 1 130 GLY 130 130 130 GLY GLY A . n 
A 1 131 PHE 131 131 131 PHE PHE A . n 
A 1 132 VAL 132 132 132 VAL VAL A . n 
A 1 133 PRO 133 133 133 PRO PRO A . n 
A 1 134 VAL 134 134 134 VAL VAL A . n 
A 1 135 ALA 135 135 135 ALA ALA A . n 
A 1 136 PRO 136 136 136 PRO PRO A . n 
A 1 137 ILE 137 137 137 ILE ILE A . n 
A 1 138 CYS 138 138 138 CYS CYS A . n 
A 1 139 THR 139 139 139 THR THR A . n 
A 1 140 ASP 140 140 140 ASP ASP A . n 
A 1 141 LYS 141 141 141 LYS LYS A . n 
A 1 142 ILE 142 142 142 ILE ILE A . n 
A 1 143 ASN 143 143 143 ASN ASN A . n 
A 1 144 ALA 144 144 144 ALA ALA A . n 
A 1 145 ALA 145 145 145 ALA ALA A . n 
A 1 146 ASN 146 146 146 ASN ASN A . n 
A 1 147 TYR 147 147 147 TYR TYR A . n 
A 1 148 ALA 148 148 148 ALA ALA A . n 
A 1 149 SER 149 149 149 SER SER A . n 
A 1 150 VAL 150 150 150 VAL VAL A . n 
A 1 151 LYS 151 151 151 LYS LYS A . n 
A 1 152 THR 152 152 152 THR THR A . n 
A 1 153 PRO 153 153 153 PRO PRO A . n 
A 1 154 ALA 154 154 154 ALA ALA A . n 
A 1 155 LEU 155 155 155 LEU LEU A . n 
A 1 156 ILE 156 156 156 ILE ILE A . n 
A 1 157 VAL 157 157 157 VAL VAL A . n 
A 1 158 TYR 158 158 158 TYR TYR A . n 
A 1 159 GLY 159 159 159 GLY GLY A . n 
A 1 160 ASP 160 160 160 ASP ASP A . n 
A 1 161 GLN 161 161 161 GLN GLN A . n 
A 1 162 ASP 162 162 162 ASP ASP A . n 
A 1 163 PRO 163 163 163 PRO PRO A . n 
A 1 164 MET 164 164 164 MET MET A . n 
A 1 165 GLY 165 165 165 GLY GLY A . n 
A 1 166 GLN 166 166 166 GLN GLN A . n 
A 1 167 THR 167 167 167 THR THR A . n 
A 1 168 SER 168 168 168 SER SER A . n 
A 1 169 PHE 169 169 169 PHE PHE A . n 
A 1 170 GLU 170 170 170 GLU GLU A . n 
A 1 171 HIS 171 171 171 HIS HIS A . n 
A 1 172 LEU 172 172 172 LEU LEU A . n 
A 1 173 LYS 173 173 173 LYS LYS A . n 
A 1 174 GLN 174 174 174 GLN GLN A . n 
A 1 175 LEU 175 175 175 LEU LEU A . n 
A 1 176 PRO 176 176 176 PRO PRO A . n 
A 1 177 ASN 177 177 177 ASN ASN A . n 
A 1 178 HIS 178 178 178 HIS HIS A . n 
A 1 179 ARG 179 179 179 ARG ARG A . n 
A 1 180 VAL 180 180 180 VAL VAL A . n 
A 1 181 LEU 181 181 181 LEU LEU A . n 
A 1 182 ILE 182 182 182 ILE ILE A . n 
A 1 183 MET 183 183 183 MET MET A . n 
A 1 184 LYS 184 184 184 LYS LYS A . n 
A 1 185 GLY 185 185 185 GLY GLY A . n 
A 1 186 ALA 186 186 186 ALA ALA A . n 
A 1 187 GLY 187 187 187 GLY GLY A . n 
A 1 188 HIS 188 188 188 HIS HIS A . n 
A 1 189 PRO 189 189 189 PRO PRO A . n 
A 1 190 CYS 190 190 190 CYS CYS A . n 
A 1 191 TYR 191 191 191 TYR TYR A . n 
A 1 192 LEU 192 192 192 LEU LEU A . n 
A 1 193 ASP 193 193 193 ASP ASP A . n 
A 1 194 LYS 194 194 194 LYS LYS A . n 
A 1 195 PRO 195 195 195 PRO PRO A . n 
A 1 196 GLU 196 196 196 GLU GLU A . n 
A 1 197 GLU 197 197 197 GLU GLU A . n 
A 1 198 TRP 198 198 198 TRP TRP A . n 
A 1 199 HIS 199 199 199 HIS HIS A . n 
A 1 200 THR 200 200 200 THR THR A . n 
A 1 201 GLY 201 201 201 GLY GLY A . n 
A 1 202 LEU 202 202 202 LEU LEU A . n 
A 1 203 LEU 203 203 203 LEU LEU A . n 
A 1 204 ASP 204 204 204 ASP ASP A . n 
A 1 205 PHE 205 205 205 PHE PHE A . n 
A 1 206 LEU 206 206 206 LEU LEU A . n 
A 1 207 GLN 207 207 207 GLN GLN A . n 
A 1 208 GLY 208 208 208 GLY GLY A . n 
A 1 209 LEU 209 209 209 LEU LEU A . n 
A 1 210 GLN 210 210 ?   ?   ?   A . n 
# 
loop_
_pdbx_nonpoly_scheme.asym_id 
_pdbx_nonpoly_scheme.entity_id 
_pdbx_nonpoly_scheme.mon_id 
_pdbx_nonpoly_scheme.ndb_seq_num 
_pdbx_nonpoly_scheme.pdb_seq_num 
_pdbx_nonpoly_scheme.auth_seq_num 
_pdbx_nonpoly_scheme.pdb_mon_id 
_pdbx_nonpoly_scheme.auth_mon_id 
_pdbx_nonpoly_scheme.pdb_strand_id 
_pdbx_nonpoly_scheme.pdb_ins_code 
B 2 SO4 1   211 210 SO4 SO4 A . 
C 3 HOH 1   212 211 HOH WAT A . 
C 3 HOH 2   213 212 HOH WAT A . 
C 3 HOH 3   214 213 HOH WAT A . 
C 3 HOH 4   215 214 HOH WAT A . 
C 3 HOH 5   216 215 HOH WAT A . 
C 3 HOH 6   217 216 HOH WAT A . 
C 3 HOH 7   218 217 HOH WAT A . 
C 3 HOH 8   219 218 HOH WAT A . 
C 3 HOH 9   220 219 HOH WAT A . 
C 3 HOH 10  221 220 HOH WAT A . 
C 3 HOH 11  222 221 HOH WAT A . 
C 3 HOH 12  223 222 HOH WAT A . 
C 3 HOH 13  224 223 HOH WAT A . 
C 3 HOH 14  225 224 HOH WAT A . 
C 3 HOH 15  226 225 HOH WAT A . 
C 3 HOH 16  227 226 HOH WAT A . 
C 3 HOH 17  228 227 HOH WAT A . 
C 3 HOH 18  229 228 HOH WAT A . 
C 3 HOH 19  230 229 HOH WAT A . 
C 3 HOH 20  231 230 HOH WAT A . 
C 3 HOH 21  232 231 HOH WAT A . 
C 3 HOH 22  233 232 HOH WAT A . 
C 3 HOH 23  234 233 HOH WAT A . 
C 3 HOH 24  235 234 HOH WAT A . 
C 3 HOH 25  236 235 HOH WAT A . 
C 3 HOH 26  237 236 HOH WAT A . 
C 3 HOH 27  238 237 HOH WAT A . 
C 3 HOH 28  239 238 HOH WAT A . 
C 3 HOH 29  240 239 HOH WAT A . 
C 3 HOH 30  241 240 HOH WAT A . 
C 3 HOH 31  242 241 HOH WAT A . 
C 3 HOH 32  243 242 HOH WAT A . 
C 3 HOH 33  244 243 HOH WAT A . 
C 3 HOH 34  245 244 HOH WAT A . 
C 3 HOH 35  246 245 HOH WAT A . 
C 3 HOH 36  247 246 HOH WAT A . 
C 3 HOH 37  248 247 HOH WAT A . 
C 3 HOH 38  249 248 HOH WAT A . 
C 3 HOH 39  250 249 HOH WAT A . 
C 3 HOH 40  251 250 HOH WAT A . 
C 3 HOH 41  252 251 HOH WAT A . 
C 3 HOH 42  253 252 HOH WAT A . 
C 3 HOH 43  254 253 HOH WAT A . 
C 3 HOH 44  255 254 HOH WAT A . 
C 3 HOH 45  256 255 HOH WAT A . 
C 3 HOH 46  257 256 HOH WAT A . 
C 3 HOH 47  258 257 HOH WAT A . 
C 3 HOH 48  259 258 HOH WAT A . 
C 3 HOH 49  260 259 HOH WAT A . 
C 3 HOH 50  261 260 HOH WAT A . 
C 3 HOH 51  262 261 HOH WAT A . 
C 3 HOH 52  263 262 HOH WAT A . 
C 3 HOH 53  264 263 HOH WAT A . 
C 3 HOH 54  265 264 HOH WAT A . 
C 3 HOH 55  266 265 HOH WAT A . 
C 3 HOH 56  267 266 HOH WAT A . 
C 3 HOH 57  268 267 HOH WAT A . 
C 3 HOH 58  269 268 HOH WAT A . 
C 3 HOH 59  270 269 HOH WAT A . 
C 3 HOH 60  271 270 HOH WAT A . 
C 3 HOH 61  272 271 HOH WAT A . 
C 3 HOH 62  273 272 HOH WAT A . 
C 3 HOH 63  274 273 HOH WAT A . 
C 3 HOH 64  275 274 HOH WAT A . 
C 3 HOH 65  276 275 HOH WAT A . 
C 3 HOH 66  277 276 HOH WAT A . 
C 3 HOH 67  278 277 HOH WAT A . 
C 3 HOH 68  279 278 HOH WAT A . 
C 3 HOH 69  280 279 HOH WAT A . 
C 3 HOH 70  281 280 HOH WAT A . 
C 3 HOH 71  282 281 HOH WAT A . 
C 3 HOH 72  283 282 HOH WAT A . 
C 3 HOH 73  284 283 HOH WAT A . 
C 3 HOH 74  285 284 HOH WAT A . 
C 3 HOH 75  286 285 HOH WAT A . 
C 3 HOH 76  287 286 HOH WAT A . 
C 3 HOH 77  288 287 HOH WAT A . 
C 3 HOH 78  289 288 HOH WAT A . 
C 3 HOH 79  290 289 HOH WAT A . 
C 3 HOH 80  291 290 HOH WAT A . 
C 3 HOH 81  292 291 HOH WAT A . 
C 3 HOH 82  293 292 HOH WAT A . 
C 3 HOH 83  294 293 HOH WAT A . 
C 3 HOH 84  295 294 HOH WAT A . 
C 3 HOH 85  296 295 HOH WAT A . 
C 3 HOH 86  297 296 HOH WAT A . 
C 3 HOH 87  298 297 HOH WAT A . 
C 3 HOH 88  299 298 HOH WAT A . 
C 3 HOH 89  300 299 HOH WAT A . 
C 3 HOH 90  301 300 HOH WAT A . 
C 3 HOH 91  302 301 HOH WAT A . 
C 3 HOH 92  303 302 HOH WAT A . 
C 3 HOH 93  304 303 HOH WAT A . 
C 3 HOH 94  305 304 HOH WAT A . 
C 3 HOH 95  306 305 HOH WAT A . 
C 3 HOH 96  307 306 HOH WAT A . 
C 3 HOH 97  308 307 HOH WAT A . 
C 3 HOH 98  309 308 HOH WAT A . 
C 3 HOH 99  310 309 HOH WAT A . 
C 3 HOH 100 311 310 HOH WAT A . 
C 3 HOH 101 312 311 HOH WAT A . 
C 3 HOH 102 313 312 HOH WAT A . 
C 3 HOH 103 314 313 HOH WAT A . 
C 3 HOH 104 315 314 HOH WAT A . 
C 3 HOH 105 316 315 HOH WAT A . 
C 3 HOH 106 317 316 HOH WAT A . 
C 3 HOH 107 318 317 HOH WAT A . 
C 3 HOH 108 319 318 HOH WAT A . 
C 3 HOH 109 320 319 HOH WAT A . 
C 3 HOH 110 321 320 HOH WAT A . 
C 3 HOH 111 322 321 HOH WAT A . 
C 3 HOH 112 323 322 HOH WAT A . 
C 3 HOH 113 324 323 HOH WAT A . 
C 3 HOH 114 325 324 HOH WAT A . 
C 3 HOH 115 326 325 HOH WAT A . 
C 3 HOH 116 327 326 HOH WAT A . 
C 3 HOH 117 328 327 HOH WAT A . 
C 3 HOH 118 329 328 HOH WAT A . 
C 3 HOH 119 330 329 HOH WAT A . 
C 3 HOH 120 331 330 HOH WAT A . 
C 3 HOH 121 332 331 HOH WAT A . 
C 3 HOH 122 333 332 HOH WAT A . 
C 3 HOH 123 334 333 HOH WAT A . 
C 3 HOH 124 335 334 HOH WAT A . 
C 3 HOH 125 336 335 HOH WAT A . 
C 3 HOH 126 337 336 HOH WAT A . 
C 3 HOH 127 338 337 HOH WAT A . 
C 3 HOH 128 339 338 HOH WAT A . 
C 3 HOH 129 340 339 HOH WAT A . 
C 3 HOH 130 341 340 HOH WAT A . 
C 3 HOH 131 342 341 HOH WAT A . 
C 3 HOH 132 343 342 HOH WAT A . 
C 3 HOH 133 344 343 HOH WAT A . 
C 3 HOH 134 345 344 HOH WAT A . 
C 3 HOH 135 346 345 HOH WAT A . 
C 3 HOH 136 347 346 HOH WAT A . 
C 3 HOH 137 348 347 HOH WAT A . 
C 3 HOH 138 349 348 HOH WAT A . 
C 3 HOH 139 350 349 HOH WAT A . 
C 3 HOH 140 351 350 HOH WAT A . 
C 3 HOH 141 352 351 HOH WAT A . 
C 3 HOH 142 353 352 HOH WAT A . 
C 3 HOH 143 354 353 HOH WAT A . 
C 3 HOH 144 355 354 HOH WAT A . 
C 3 HOH 145 356 355 HOH WAT A . 
C 3 HOH 146 357 356 HOH WAT A . 
C 3 HOH 147 358 357 HOH WAT A . 
C 3 HOH 148 359 358 HOH WAT A . 
C 3 HOH 149 360 359 HOH WAT A . 
C 3 HOH 150 361 360 HOH WAT A . 
C 3 HOH 151 362 361 HOH WAT A . 
C 3 HOH 152 363 362 HOH WAT A . 
C 3 HOH 153 364 363 HOH WAT A . 
C 3 HOH 154 365 364 HOH WAT A . 
C 3 HOH 155 366 365 HOH WAT A . 
C 3 HOH 156 367 366 HOH WAT A . 
C 3 HOH 157 368 367 HOH WAT A . 
C 3 HOH 158 369 368 HOH WAT A . 
C 3 HOH 159 370 369 HOH WAT A . 
C 3 HOH 160 371 370 HOH WAT A . 
C 3 HOH 161 372 371 HOH WAT A . 
C 3 HOH 162 373 372 HOH WAT A . 
C 3 HOH 163 374 373 HOH WAT A . 
C 3 HOH 164 375 374 HOH WAT A . 
C 3 HOH 165 376 375 HOH WAT A . 
C 3 HOH 166 377 376 HOH WAT A . 
C 3 HOH 167 378 377 HOH WAT A . 
C 3 HOH 168 379 378 HOH WAT A . 
C 3 HOH 169 380 379 HOH WAT A . 
C 3 HOH 170 381 380 HOH WAT A . 
C 3 HOH 171 382 381 HOH WAT A . 
C 3 HOH 172 383 382 HOH WAT A . 
C 3 HOH 173 384 383 HOH WAT A . 
C 3 HOH 174 385 384 HOH WAT A . 
C 3 HOH 175 386 385 HOH WAT A . 
C 3 HOH 176 387 386 HOH WAT A . 
C 3 HOH 177 388 387 HOH WAT A . 
C 3 HOH 178 389 388 HOH WAT A . 
C 3 HOH 179 390 389 HOH WAT A . 
C 3 HOH 180 391 390 HOH WAT A . 
C 3 HOH 181 392 391 HOH WAT A . 
C 3 HOH 182 393 392 HOH WAT A . 
C 3 HOH 183 394 393 HOH WAT A . 
C 3 HOH 184 395 394 HOH WAT A . 
C 3 HOH 185 396 395 HOH WAT A . 
C 3 HOH 186 397 396 HOH WAT A . 
C 3 HOH 187 398 397 HOH WAT A . 
C 3 HOH 188 399 398 HOH WAT A . 
C 3 HOH 189 400 399 HOH WAT A . 
C 3 HOH 190 401 400 HOH WAT A . 
C 3 HOH 191 402 401 HOH WAT A . 
C 3 HOH 192 403 402 HOH WAT A . 
# 
loop_
_software.name 
_software.classification 
_software.version 
_software.citation_id 
_software.pdbx_ordinal 
SCALEPACK 'data scaling' .   ? 1 
SOLVE     phasing        .   ? 2 
CNS       refinement     1.0 ? 3 
# 
_cell.entry_id           1IMJ 
_cell.length_a           110.704 
_cell.length_b           44.445 
_cell.length_c           43.601 
_cell.angle_alpha        90.00 
_cell.angle_beta         90.00 
_cell.angle_gamma        90.00 
_cell.Z_PDB              4 
_cell.pdbx_unique_axis   ? 
# 
_symmetry.entry_id                         1IMJ 
_symmetry.space_group_name_H-M             'P 21 21 2' 
_symmetry.pdbx_full_space_group_name_H-M   ? 
_symmetry.cell_setting                     ? 
_symmetry.Int_Tables_number                18 
# 
_exptl.entry_id          1IMJ 
_exptl.method            'X-RAY DIFFRACTION' 
_exptl.crystals_number   1 
# 
_exptl_crystal.id                    1 
_exptl_crystal.density_meas          ? 
_exptl_crystal.density_Matthews      2.40 
_exptl_crystal.density_percent_sol   48.66 
_exptl_crystal.description           ? 
# 
_exptl_crystal_grow.crystal_id      1 
_exptl_crystal_grow.method          'VAPOR DIFFUSION, HANGING DROP' 
_exptl_crystal_grow.temp            298 
_exptl_crystal_grow.temp_details    ? 
_exptl_crystal_grow.pH              7.50 
_exptl_crystal_grow.pdbx_details    
'1.45-1.55M AMMONIUM SULFATE, 12MM UREA, 70MM TRIS-HCL, pH 7.50, VAPOR DIFFUSION, HANGING DROP, temperature 298K' 
_exptl_crystal_grow.pdbx_pH_range   . 
# 
loop_
_diffrn.id 
_diffrn.ambient_temp 
_diffrn.ambient_temp_details 
_diffrn.crystal_id 
1 293.0 ? 1 
2 ?     ? 1 
# 
loop_
_diffrn_detector.diffrn_id 
_diffrn_detector.detector 
_diffrn_detector.type 
_diffrn_detector.pdbx_collection_date 
_diffrn_detector.details 
1 CCD           'ADSC QUANTUM 4' ? ? 
2 'IMAGE PLATE' FUJI             ? ? 
# 
loop_
_diffrn_radiation.diffrn_id 
_diffrn_radiation.wavelength_id 
_diffrn_radiation.pdbx_monochromatic_or_laue_m_l 
_diffrn_radiation.monochromator 
_diffrn_radiation.pdbx_diffrn_protocol 
_diffrn_radiation.pdbx_scattering_type 
1 1 M ? 'SINGLE WAVELENGTH' x-ray 
2 1 M ? 'SINGLE WAVELENGTH' x-ray 
# 
_diffrn_radiation_wavelength.id           1 
_diffrn_radiation_wavelength.wavelength   1.00 
_diffrn_radiation_wavelength.wt           1.0 
# 
loop_
_diffrn_source.diffrn_id 
_diffrn_source.source 
_diffrn_source.type 
_diffrn_source.pdbx_synchrotron_site 
_diffrn_source.pdbx_synchrotron_beamline 
_diffrn_source.pdbx_wavelength 
_diffrn_source.pdbx_wavelength_list 
1 SYNCHROTRON 'PHOTON FACTORY BEAMLINE BL-18B' 'Photon Factory' BL-18B ? 1.00 
2 SYNCHROTRON 'PHOTON FACTORY BEAMLINE BL-6A'  'Photon Factory' BL-6A  ? 1.00 
# 
_reflns.entry_id                     1IMJ 
_reflns.observed_criterion_sigma_I   ? 
_reflns.observed_criterion_sigma_F   ? 
_reflns.d_resolution_low             30.000 
_reflns.d_resolution_high            2.200 
_reflns.number_obs                   10809 
_reflns.number_all                   47199 
_reflns.percent_possible_obs         94.0 
_reflns.pdbx_Rmerge_I_obs            0.039 
_reflns.pdbx_Rsym_value              ? 
_reflns.pdbx_netI_over_sigmaI        ? 
_reflns.B_iso_Wilson_estimate        11.2 
_reflns.pdbx_redundancy              ? 
_reflns.R_free_details               ? 
_reflns.limit_h_max                  ? 
_reflns.limit_h_min                  ? 
_reflns.limit_k_max                  ? 
_reflns.limit_k_min                  ? 
_reflns.limit_l_max                  ? 
_reflns.limit_l_min                  ? 
_reflns.observed_criterion_F_max     ? 
_reflns.observed_criterion_F_min     ? 
_reflns.pdbx_diffrn_id               1,2 
_reflns.pdbx_ordinal                 1 
# 
_reflns_shell.d_res_high             2.20 
_reflns_shell.d_res_low              2.30 
_reflns_shell.percent_possible_all   88.6 
_reflns_shell.Rmerge_I_obs           0.105 
_reflns_shell.pdbx_Rsym_value        ? 
_reflns_shell.meanI_over_sigI_obs    ? 
_reflns_shell.pdbx_redundancy        ? 
_reflns_shell.percent_possible_obs   ? 
_reflns_shell.number_unique_all      ? 
_reflns_shell.pdbx_diffrn_id         ? 
_reflns_shell.pdbx_ordinal           1 
# 
_refine.entry_id                                 1IMJ 
_refine.ls_number_reflns_obs                     10801 
_refine.ls_number_reflns_all                     10801 
_refine.pdbx_ls_sigma_I                          ? 
_refine.pdbx_ls_sigma_F                          0.0 
_refine.pdbx_data_cutoff_high_absF               1317906.32 
_refine.pdbx_data_cutoff_low_absF                0.000000 
_refine.pdbx_data_cutoff_high_rms_absF           ? 
_refine.ls_d_res_low                             29.96 
_refine.ls_d_res_high                            2.20 
_refine.ls_percent_reflns_obs                    94.0 
_refine.ls_R_factor_obs                          0.189 
_refine.ls_R_factor_all                          ? 
_refine.ls_R_factor_R_work                       0.189 
_refine.ls_R_factor_R_free                       0.235 
_refine.ls_R_factor_R_free_error                 0.010 
_refine.ls_R_factor_R_free_error_details         ? 
_refine.ls_percent_reflns_R_free                 5.3 
_refine.ls_number_reflns_R_free                  568 
_refine.ls_number_parameters                     ? 
_refine.ls_number_restraints                     ? 
_refine.occupancy_min                            ? 
_refine.occupancy_max                            ? 
_refine.B_iso_mean                               20.9 
_refine.aniso_B[1][1]                            -0.90 
_refine.aniso_B[2][2]                            -1.63 
_refine.aniso_B[3][3]                            2.53 
_refine.aniso_B[1][2]                            0.00 
_refine.aniso_B[1][3]                            0.00 
_refine.aniso_B[2][3]                            0.00 
_refine.solvent_model_details                    'FLAT MODEL' 
_refine.solvent_model_param_ksol                 0.325494 
_refine.solvent_model_param_bsol                 31.1765 
_refine.pdbx_ls_cross_valid_method               THROUGHOUT 
_refine.details                                  ? 
_refine.pdbx_starting_model                      ? 
_refine.pdbx_method_to_determine_struct          MIR 
_refine.pdbx_isotropic_thermal_model             RESTRAINED 
_refine.pdbx_stereochemistry_target_values       ? 
_refine.pdbx_stereochem_target_val_spec_case     ? 
_refine.pdbx_R_Free_selection_details            RANDOM 
_refine.pdbx_overall_ESU_R                       ? 
_refine.pdbx_overall_ESU_R_Free                  ? 
_refine.overall_SU_ML                            ? 
_refine.overall_SU_B                             ? 
_refine.ls_redundancy_reflns_obs                 ? 
_refine.B_iso_min                                ? 
_refine.B_iso_max                                ? 
_refine.correlation_coeff_Fo_to_Fc               ? 
_refine.overall_SU_R_Cruickshank_DPI             ? 
_refine.overall_SU_R_free                        ? 
_refine.correlation_coeff_Fo_to_Fc_free          ? 
_refine.pdbx_solvent_vdw_probe_radii             ? 
_refine.pdbx_solvent_ion_probe_radii             ? 
_refine.pdbx_solvent_shrinkage_radii             ? 
_refine.pdbx_refine_id                           'X-RAY DIFFRACTION' 
_refine.pdbx_diffrn_id                           1 
_refine.pdbx_TLS_residual_ADP_flag               ? 
_refine.pdbx_overall_phase_error                 ? 
_refine.pdbx_overall_SU_R_free_Cruickshank_DPI   ? 
_refine.pdbx_overall_SU_R_Blow_DPI               ? 
_refine.pdbx_overall_SU_R_free_Blow_DPI          ? 
# 
_refine_analyze.entry_id                        1IMJ 
_refine_analyze.Luzzati_coordinate_error_obs    0.24 
_refine_analyze.Luzzati_sigma_a_obs             0.17 
_refine_analyze.Luzzati_d_res_low_obs           5.00 
_refine_analyze.Luzzati_coordinate_error_free   0.31 
_refine_analyze.Luzzati_sigma_a_free            0.26 
_refine_analyze.Luzzati_d_res_low_free          ? 
_refine_analyze.number_disordered_residues      ? 
_refine_analyze.occupancy_sum_hydrogen          ? 
_refine_analyze.occupancy_sum_non_hydrogen      ? 
_refine_analyze.pdbx_Luzzati_d_res_high_obs     ? 
_refine_analyze.pdbx_refine_id                  'X-RAY DIFFRACTION' 
# 
_refine_hist.pdbx_refine_id                   'X-RAY DIFFRACTION' 
_refine_hist.cycle_id                         LAST 
_refine_hist.pdbx_number_atoms_protein        1559 
_refine_hist.pdbx_number_atoms_nucleic_acid   0 
_refine_hist.pdbx_number_atoms_ligand         5 
_refine_hist.number_atoms_solvent             192 
_refine_hist.number_atoms_total               1756 
_refine_hist.d_res_high                       2.20 
_refine_hist.d_res_low                        29.96 
# 
loop_
_refine_ls_restr.type 
_refine_ls_restr.dev_ideal 
_refine_ls_restr.dev_ideal_target 
_refine_ls_restr.weight 
_refine_ls_restr.number 
_refine_ls_restr.pdbx_refine_id 
_refine_ls_restr.pdbx_restraint_function 
c_bond_d                0.006 ?    ? ? 'X-RAY DIFFRACTION' ? 
c_bond_d_na             ?     ?    ? ? 'X-RAY DIFFRACTION' ? 
c_bond_d_prot           ?     ?    ? ? 'X-RAY DIFFRACTION' ? 
c_angle_d               1.5   ?    ? ? 'X-RAY DIFFRACTION' ? 
c_angle_d_na            ?     ?    ? ? 'X-RAY DIFFRACTION' ? 
c_angle_d_prot          ?     ?    ? ? 'X-RAY DIFFRACTION' ? 
c_angle_deg             1.3   ?    ? ? 'X-RAY DIFFRACTION' ? 
c_angle_deg_na          ?     ?    ? ? 'X-RAY DIFFRACTION' ? 
c_angle_deg_prot        ?     ?    ? ? 'X-RAY DIFFRACTION' ? 
c_dihedral_angle_d      24.0  ?    ? ? 'X-RAY DIFFRACTION' ? 
c_dihedral_angle_d_na   ?     ?    ? ? 'X-RAY DIFFRACTION' ? 
c_dihedral_angle_d_prot ?     ?    ? ? 'X-RAY DIFFRACTION' ? 
c_improper_angle_d      1.06  ?    ? ? 'X-RAY DIFFRACTION' ? 
c_improper_angle_d_na   ?     ?    ? ? 'X-RAY DIFFRACTION' ? 
c_improper_angle_d_prot ?     ?    ? ? 'X-RAY DIFFRACTION' ? 
c_mcbond_it             1.22  1.50 ? ? 'X-RAY DIFFRACTION' ? 
c_mcangle_it            1.85  2.00 ? ? 'X-RAY DIFFRACTION' ? 
c_scbond_it             2.01  2.00 ? ? 'X-RAY DIFFRACTION' ? 
c_scangle_it            3.03  2.50 ? ? 'X-RAY DIFFRACTION' ? 
# 
_refine_ls_shell.pdbx_total_number_of_bins_used   6 
_refine_ls_shell.d_res_high                       2.20 
_refine_ls_shell.d_res_low                        2.34 
_refine_ls_shell.number_reflns_R_work             1592 
_refine_ls_shell.R_factor_R_work                  0.193 
_refine_ls_shell.percent_reflns_obs               89.4 
_refine_ls_shell.R_factor_R_free                  0.264 
_refine_ls_shell.R_factor_R_free_error            0.031 
_refine_ls_shell.percent_reflns_R_free            4.3 
_refine_ls_shell.number_reflns_R_free             72 
_refine_ls_shell.redundancy_reflns_obs            ? 
_refine_ls_shell.number_reflns_all                ? 
_refine_ls_shell.number_reflns_obs                ? 
_refine_ls_shell.pdbx_refine_id                   'X-RAY DIFFRACTION' 
_refine_ls_shell.R_factor_all                     ? 
# 
loop_
_pdbx_xplor_file.serial_no 
_pdbx_xplor_file.param_file 
_pdbx_xplor_file.topol_file 
_pdbx_xplor_file.pdbx_refine_id 
1 PROTEIN_REP.PARAM PROTEIN.TOP 'X-RAY DIFFRACTION' 
2 WATER_REP.PARAM   ?           'X-RAY DIFFRACTION' 
3 ION.PARAM         ?           'X-RAY DIFFRACTION' 
# 
_struct.entry_id                  1IMJ 
_struct.title                     'CRYSTAL STRUCTURE OF THE HUMAN CCG1/TAFII250-INTERACTING FACTOR B (CIB)' 
_struct.pdbx_model_details        ? 
_struct.pdbx_CASP_flag            ? 
_struct.pdbx_model_type_details   ? 
# 
_struct_keywords.entry_id        1IMJ 
_struct_keywords.pdbx_keywords   HYDROLASE 
_struct_keywords.text            'alpha/beta Hydrolase, CCG1 interactor, HYDROLASE' 
# 
loop_
_struct_asym.id 
_struct_asym.pdbx_blank_PDB_chainid_flag 
_struct_asym.pdbx_modified 
_struct_asym.entity_id 
_struct_asym.details 
A N N 1 ? 
B N N 2 ? 
C N N 3 ? 
# 
_struct_ref.id                         1 
_struct_ref.db_name                    UNP 
_struct_ref.db_code                    C1IB_HUMAN 
_struct_ref.entity_id                  1 
_struct_ref.pdbx_seq_one_letter_code   
;MAASVEQREGTIQVQGQALFFREALPGSGQARFSVLLLHGIRFSSETWQNLGTLHRLAQAGYRAVAIDLPGLGHSKEAAA
PAPIGELAPGSFLAAVVDALELGPPVVISPSLSGMYSLPFLTAPGSQLPGFVPVAPICTDKINAANYASVKTPALIVYGD
QDPMGQTSFEHLKQLPNHRVLIMKGAGHPCYLDKPEEWHTGLLDFLQGLQ
;
_struct_ref.pdbx_align_begin           1 
_struct_ref.pdbx_db_accession          Q96IU4 
_struct_ref.pdbx_db_isoform            ? 
# 
_struct_ref_seq.align_id                      1 
_struct_ref_seq.ref_id                        1 
_struct_ref_seq.pdbx_PDB_id_code              1IMJ 
_struct_ref_seq.pdbx_strand_id                A 
_struct_ref_seq.seq_align_beg                 1 
_struct_ref_seq.pdbx_seq_align_beg_ins_code   ? 
_struct_ref_seq.seq_align_end                 210 
_struct_ref_seq.pdbx_seq_align_end_ins_code   ? 
_struct_ref_seq.pdbx_db_accession             Q96IU4 
_struct_ref_seq.db_align_beg                  1 
_struct_ref_seq.pdbx_db_align_beg_ins_code    ? 
_struct_ref_seq.db_align_end                  210 
_struct_ref_seq.pdbx_db_align_end_ins_code    ? 
_struct_ref_seq.pdbx_auth_seq_align_beg       1 
_struct_ref_seq.pdbx_auth_seq_align_end       210 
# 
_pdbx_struct_assembly.id                   1 
_pdbx_struct_assembly.details              author_defined_assembly 
_pdbx_struct_assembly.method_details       ? 
_pdbx_struct_assembly.oligomeric_details   monomeric 
_pdbx_struct_assembly.oligomeric_count     1 
# 
_pdbx_struct_assembly_gen.assembly_id       1 
_pdbx_struct_assembly_gen.oper_expression   1 
_pdbx_struct_assembly_gen.asym_id_list      A,B,C 
# 
_pdbx_struct_oper_list.id                   1 
_pdbx_struct_oper_list.type                 'identity operation' 
_pdbx_struct_oper_list.name                 1_555 
_pdbx_struct_oper_list.symmetry_operation   x,y,z 
_pdbx_struct_oper_list.matrix[1][1]         1.0000000000 
_pdbx_struct_oper_list.matrix[1][2]         0.0000000000 
_pdbx_struct_oper_list.matrix[1][3]         0.0000000000 
_pdbx_struct_oper_list.vector[1]            0.0000000000 
_pdbx_struct_oper_list.matrix[2][1]         0.0000000000 
_pdbx_struct_oper_list.matrix[2][2]         1.0000000000 
_pdbx_struct_oper_list.matrix[2][3]         0.0000000000 
_pdbx_struct_oper_list.vector[2]            0.0000000000 
_pdbx_struct_oper_list.matrix[3][1]         0.0000000000 
_pdbx_struct_oper_list.matrix[3][2]         0.0000000000 
_pdbx_struct_oper_list.matrix[3][3]         1.0000000000 
_pdbx_struct_oper_list.vector[3]            0.0000000000 
# 
_struct_biol.id                    1 
_struct_biol.pdbx_parent_biol_id   ? 
_struct_biol.details               ? 
# 
loop_
_struct_conf.conf_type_id 
_struct_conf.id 
_struct_conf.pdbx_PDB_helix_id 
_struct_conf.beg_label_comp_id 
_struct_conf.beg_label_asym_id 
_struct_conf.beg_label_seq_id 
_struct_conf.pdbx_beg_PDB_ins_code 
_struct_conf.end_label_comp_id 
_struct_conf.end_label_asym_id 
_struct_conf.end_label_seq_id 
_struct_conf.pdbx_end_PDB_ins_code 
_struct_conf.beg_auth_comp_id 
_struct_conf.beg_auth_asym_id 
_struct_conf.beg_auth_seq_id 
_struct_conf.end_auth_comp_id 
_struct_conf.end_auth_asym_id 
_struct_conf.end_auth_seq_id 
_struct_conf.pdbx_PDB_helix_class 
_struct_conf.details 
_struct_conf.pdbx_PDB_helix_length 
HELX_P HELX_P1 1 SER A 44  ? GLY A 52  ? SER A 44  GLY A 52  1 ? 9  
HELX_P HELX_P2 2 GLY A 52  ? ALA A 60  ? GLY A 52  ALA A 60  1 ? 9  
HELX_P HELX_P3 3 LEU A 72  ? LYS A 76  ? LEU A 72  LYS A 76  5 ? 5  
HELX_P HELX_P4 4 GLY A 90  ? GLU A 101 ? GLY A 90  GLU A 101 1 ? 12 
HELX_P HELX_P5 5 SER A 113 ? THR A 122 ? SER A 113 THR A 122 1 ? 10 
# 
_struct_conf_type.id          HELX_P 
_struct_conf_type.criteria    ? 
_struct_conf_type.reference   ? 
# 
loop_
_struct_sheet.id 
_struct_sheet.type 
_struct_sheet.number_strands 
_struct_sheet.details 
A ? 5 ? 
B ? 2 ? 
# 
loop_
_struct_sheet_order.sheet_id 
_struct_sheet_order.range_id_1 
_struct_sheet_order.range_id_2 
_struct_sheet_order.offset 
_struct_sheet_order.sense 
A 1 2 ? anti-parallel 
A 2 3 ? anti-parallel 
A 3 4 ? parallel      
A 4 5 ? parallel      
B 1 2 ? anti-parallel 
# 
loop_
_struct_sheet_range.sheet_id 
_struct_sheet_range.id 
_struct_sheet_range.beg_label_comp_id 
_struct_sheet_range.beg_label_asym_id 
_struct_sheet_range.beg_label_seq_id 
_struct_sheet_range.pdbx_beg_PDB_ins_code 
_struct_sheet_range.end_label_comp_id 
_struct_sheet_range.end_label_asym_id 
_struct_sheet_range.end_label_seq_id 
_struct_sheet_range.pdbx_end_PDB_ins_code 
_struct_sheet_range.beg_auth_comp_id 
_struct_sheet_range.beg_auth_asym_id 
_struct_sheet_range.beg_auth_seq_id 
_struct_sheet_range.end_auth_comp_id 
_struct_sheet_range.end_auth_asym_id 
_struct_sheet_range.end_auth_seq_id 
A 1 VAL A 5   ? GLN A 7   ? VAL A 5   GLN A 7   
A 2 PHE A 21  ? LEU A 25  ? PHE A 21  LEU A 25  
A 3 ARG A 63  ? ILE A 67  ? ARG A 63  ILE A 67  
A 4 SER A 34  ? LEU A 37  ? SER A 34  LEU A 37  
A 5 VAL A 106 ? PRO A 110 ? VAL A 106 PRO A 110 
B 1 ILE A 12  ? VAL A 14  ? ILE A 12  VAL A 14  
B 2 GLN A 17  ? LEU A 19  ? GLN A 17  LEU A 19  
# 
loop_
_pdbx_struct_sheet_hbond.sheet_id 
_pdbx_struct_sheet_hbond.range_id_1 
_pdbx_struct_sheet_hbond.range_id_2 
_pdbx_struct_sheet_hbond.range_1_label_atom_id 
_pdbx_struct_sheet_hbond.range_1_label_comp_id 
_pdbx_struct_sheet_hbond.range_1_label_asym_id 
_pdbx_struct_sheet_hbond.range_1_label_seq_id 
_pdbx_struct_sheet_hbond.range_1_PDB_ins_code 
_pdbx_struct_sheet_hbond.range_1_auth_atom_id 
_pdbx_struct_sheet_hbond.range_1_auth_comp_id 
_pdbx_struct_sheet_hbond.range_1_auth_asym_id 
_pdbx_struct_sheet_hbond.range_1_auth_seq_id 
_pdbx_struct_sheet_hbond.range_2_label_atom_id 
_pdbx_struct_sheet_hbond.range_2_label_comp_id 
_pdbx_struct_sheet_hbond.range_2_label_asym_id 
_pdbx_struct_sheet_hbond.range_2_label_seq_id 
_pdbx_struct_sheet_hbond.range_2_PDB_ins_code 
_pdbx_struct_sheet_hbond.range_2_auth_atom_id 
_pdbx_struct_sheet_hbond.range_2_auth_comp_id 
_pdbx_struct_sheet_hbond.range_2_auth_asym_id 
_pdbx_struct_sheet_hbond.range_2_auth_seq_id 
A 1 2 O GLN A 7  ? O GLN A 7  N GLU A 23  ? N GLU A 23  
A 2 3 O ALA A 24 ? O ALA A 24 N ALA A 64  ? N ALA A 64  
A 3 4 N VAL A 65 ? N VAL A 65 O VAL A 35  ? O VAL A 35  
A 4 5 N LEU A 36 ? N LEU A 36 O VAL A 106 ? O VAL A 106 
B 1 2 N VAL A 14 ? N VAL A 14 O GLN A 17  ? O GLN A 17  
# 
_struct_site.id                   AC1 
_struct_site.pdbx_evidence_code   Software 
_struct_site.pdbx_auth_asym_id    A 
_struct_site.pdbx_auth_comp_id    SO4 
_struct_site.pdbx_auth_seq_id     211 
_struct_site.pdbx_auth_ins_code   ? 
_struct_site.pdbx_num_residues    9 
_struct_site.details              'BINDING SITE FOR RESIDUE SO4 A 211' 
# 
loop_
_struct_site_gen.id 
_struct_site_gen.site_id 
_struct_site_gen.pdbx_num_res 
_struct_site_gen.label_comp_id 
_struct_site_gen.label_asym_id 
_struct_site_gen.label_seq_id 
_struct_site_gen.pdbx_auth_ins_code 
_struct_site_gen.auth_comp_id 
_struct_site_gen.auth_asym_id 
_struct_site_gen.auth_seq_id 
_struct_site_gen.label_atom_id 
_struct_site_gen.label_alt_id 
_struct_site_gen.symmetry 
_struct_site_gen.details 
1 AC1 9 GLY A 40  ? GLY A 40  . ? 1_555 ? 
2 AC1 9 ILE A 41  ? ILE A 41  . ? 1_555 ? 
3 AC1 9 ARG A 42  ? ARG A 42  . ? 1_555 ? 
4 AC1 9 PHE A 43  ? PHE A 43  . ? 1_555 ? 
5 AC1 9 PRO A 89  ? PRO A 89  . ? 3_555 ? 
6 AC1 9 SER A 111 ? SER A 111 . ? 1_555 ? 
7 AC1 9 HIS A 188 ? HIS A 188 . ? 1_555 ? 
8 AC1 9 HOH C .   ? HOH A 222 . ? 1_555 ? 
9 AC1 9 HOH C .   ? HOH A 252 . ? 1_555 ? 
# 
_pdbx_validate_symm_contact.id                1 
_pdbx_validate_symm_contact.PDB_model_num     1 
_pdbx_validate_symm_contact.auth_atom_id_1    NE2 
_pdbx_validate_symm_contact.auth_asym_id_1    A 
_pdbx_validate_symm_contact.auth_comp_id_1    GLN 
_pdbx_validate_symm_contact.auth_seq_id_1     30 
_pdbx_validate_symm_contact.PDB_ins_code_1    ? 
_pdbx_validate_symm_contact.label_alt_id_1    ? 
_pdbx_validate_symm_contact.site_symmetry_1   1_555 
_pdbx_validate_symm_contact.auth_atom_id_2    NE2 
_pdbx_validate_symm_contact.auth_asym_id_2    A 
_pdbx_validate_symm_contact.auth_comp_id_2    GLN 
_pdbx_validate_symm_contact.auth_seq_id_2     30 
_pdbx_validate_symm_contact.PDB_ins_code_2    ? 
_pdbx_validate_symm_contact.label_alt_id_2    ? 
_pdbx_validate_symm_contact.site_symmetry_2   2_645 
_pdbx_validate_symm_contact.dist              2.18 
# 
loop_
_pdbx_validate_torsion.id 
_pdbx_validate_torsion.PDB_model_num 
_pdbx_validate_torsion.auth_comp_id 
_pdbx_validate_torsion.auth_asym_id 
_pdbx_validate_torsion.auth_seq_id 
_pdbx_validate_torsion.PDB_ins_code 
_pdbx_validate_torsion.label_alt_id 
_pdbx_validate_torsion.phi 
_pdbx_validate_torsion.psi 
1 1 GLU A 9   ? ? -57.90  4.83    
2 1 THR A 11  ? ? -160.50 114.05  
3 1 PHE A 43  ? ? -128.61 -164.32 
4 1 SER A 111 ? ? 40.36   -118.20 
# 
loop_
_pdbx_unobs_or_zero_occ_residues.id 
_pdbx_unobs_or_zero_occ_residues.PDB_model_num 
_pdbx_unobs_or_zero_occ_residues.polymer_flag 
_pdbx_unobs_or_zero_occ_residues.occupancy_flag 
_pdbx_unobs_or_zero_occ_residues.auth_asym_id 
_pdbx_unobs_or_zero_occ_residues.auth_comp_id 
_pdbx_unobs_or_zero_occ_residues.auth_seq_id 
_pdbx_unobs_or_zero_occ_residues.PDB_ins_code 
_pdbx_unobs_or_zero_occ_residues.label_asym_id 
_pdbx_unobs_or_zero_occ_residues.label_comp_id 
_pdbx_unobs_or_zero_occ_residues.label_seq_id 
1 1 Y 1 A MET 1   ? A MET 1   
2 1 Y 1 A GLN 210 ? A GLN 210 
# 
loop_
_chem_comp_atom.comp_id 
_chem_comp_atom.atom_id 
_chem_comp_atom.type_symbol 
_chem_comp_atom.pdbx_aromatic_flag 
_chem_comp_atom.pdbx_stereo_config 
_chem_comp_atom.pdbx_ordinal 
ALA N    N N N 1   
ALA CA   C N S 2   
ALA C    C N N 3   
ALA O    O N N 4   
ALA CB   C N N 5   
ALA OXT  O N N 6   
ALA H    H N N 7   
ALA H2   H N N 8   
ALA HA   H N N 9   
ALA HB1  H N N 10  
ALA HB2  H N N 11  
ALA HB3  H N N 12  
ALA HXT  H N N 13  
ARG N    N N N 14  
ARG CA   C N S 15  
ARG C    C N N 16  
ARG O    O N N 17  
ARG CB   C N N 18  
ARG CG   C N N 19  
ARG CD   C N N 20  
ARG NE   N N N 21  
ARG CZ   C N N 22  
ARG NH1  N N N 23  
ARG NH2  N N N 24  
ARG OXT  O N N 25  
ARG H    H N N 26  
ARG H2   H N N 27  
ARG HA   H N N 28  
ARG HB2  H N N 29  
ARG HB3  H N N 30  
ARG HG2  H N N 31  
ARG HG3  H N N 32  
ARG HD2  H N N 33  
ARG HD3  H N N 34  
ARG HE   H N N 35  
ARG HH11 H N N 36  
ARG HH12 H N N 37  
ARG HH21 H N N 38  
ARG HH22 H N N 39  
ARG HXT  H N N 40  
ASN N    N N N 41  
ASN CA   C N S 42  
ASN C    C N N 43  
ASN O    O N N 44  
ASN CB   C N N 45  
ASN CG   C N N 46  
ASN OD1  O N N 47  
ASN ND2  N N N 48  
ASN OXT  O N N 49  
ASN H    H N N 50  
ASN H2   H N N 51  
ASN HA   H N N 52  
ASN HB2  H N N 53  
ASN HB3  H N N 54  
ASN HD21 H N N 55  
ASN HD22 H N N 56  
ASN HXT  H N N 57  
ASP N    N N N 58  
ASP CA   C N S 59  
ASP C    C N N 60  
ASP O    O N N 61  
ASP CB   C N N 62  
ASP CG   C N N 63  
ASP OD1  O N N 64  
ASP OD2  O N N 65  
ASP OXT  O N N 66  
ASP H    H N N 67  
ASP H2   H N N 68  
ASP HA   H N N 69  
ASP HB2  H N N 70  
ASP HB3  H N N 71  
ASP HD2  H N N 72  
ASP HXT  H N N 73  
CYS N    N N N 74  
CYS CA   C N R 75  
CYS C    C N N 76  
CYS O    O N N 77  
CYS CB   C N N 78  
CYS SG   S N N 79  
CYS OXT  O N N 80  
CYS H    H N N 81  
CYS H2   H N N 82  
CYS HA   H N N 83  
CYS HB2  H N N 84  
CYS HB3  H N N 85  
CYS HG   H N N 86  
CYS HXT  H N N 87  
GLN N    N N N 88  
GLN CA   C N S 89  
GLN C    C N N 90  
GLN O    O N N 91  
GLN CB   C N N 92  
GLN CG   C N N 93  
GLN CD   C N N 94  
GLN OE1  O N N 95  
GLN NE2  N N N 96  
GLN OXT  O N N 97  
GLN H    H N N 98  
GLN H2   H N N 99  
GLN HA   H N N 100 
GLN HB2  H N N 101 
GLN HB3  H N N 102 
GLN HG2  H N N 103 
GLN HG3  H N N 104 
GLN HE21 H N N 105 
GLN HE22 H N N 106 
GLN HXT  H N N 107 
GLU N    N N N 108 
GLU CA   C N S 109 
GLU C    C N N 110 
GLU O    O N N 111 
GLU CB   C N N 112 
GLU CG   C N N 113 
GLU CD   C N N 114 
GLU OE1  O N N 115 
GLU OE2  O N N 116 
GLU OXT  O N N 117 
GLU H    H N N 118 
GLU H2   H N N 119 
GLU HA   H N N 120 
GLU HB2  H N N 121 
GLU HB3  H N N 122 
GLU HG2  H N N 123 
GLU HG3  H N N 124 
GLU HE2  H N N 125 
GLU HXT  H N N 126 
GLY N    N N N 127 
GLY CA   C N N 128 
GLY C    C N N 129 
GLY O    O N N 130 
GLY OXT  O N N 131 
GLY H    H N N 132 
GLY H2   H N N 133 
GLY HA2  H N N 134 
GLY HA3  H N N 135 
GLY HXT  H N N 136 
HIS N    N N N 137 
HIS CA   C N S 138 
HIS C    C N N 139 
HIS O    O N N 140 
HIS CB   C N N 141 
HIS CG   C Y N 142 
HIS ND1  N Y N 143 
HIS CD2  C Y N 144 
HIS CE1  C Y N 145 
HIS NE2  N Y N 146 
HIS OXT  O N N 147 
HIS H    H N N 148 
HIS H2   H N N 149 
HIS HA   H N N 150 
HIS HB2  H N N 151 
HIS HB3  H N N 152 
HIS HD1  H N N 153 
HIS HD2  H N N 154 
HIS HE1  H N N 155 
HIS HE2  H N N 156 
HIS HXT  H N N 157 
HOH O    O N N 158 
HOH H1   H N N 159 
HOH H2   H N N 160 
ILE N    N N N 161 
ILE CA   C N S 162 
ILE C    C N N 163 
ILE O    O N N 164 
ILE CB   C N S 165 
ILE CG1  C N N 166 
ILE CG2  C N N 167 
ILE CD1  C N N 168 
ILE OXT  O N N 169 
ILE H    H N N 170 
ILE H2   H N N 171 
ILE HA   H N N 172 
ILE HB   H N N 173 
ILE HG12 H N N 174 
ILE HG13 H N N 175 
ILE HG21 H N N 176 
ILE HG22 H N N 177 
ILE HG23 H N N 178 
ILE HD11 H N N 179 
ILE HD12 H N N 180 
ILE HD13 H N N 181 
ILE HXT  H N N 182 
LEU N    N N N 183 
LEU CA   C N S 184 
LEU C    C N N 185 
LEU O    O N N 186 
LEU CB   C N N 187 
LEU CG   C N N 188 
LEU CD1  C N N 189 
LEU CD2  C N N 190 
LEU OXT  O N N 191 
LEU H    H N N 192 
LEU H2   H N N 193 
LEU HA   H N N 194 
LEU HB2  H N N 195 
LEU HB3  H N N 196 
LEU HG   H N N 197 
LEU HD11 H N N 198 
LEU HD12 H N N 199 
LEU HD13 H N N 200 
LEU HD21 H N N 201 
LEU HD22 H N N 202 
LEU HD23 H N N 203 
LEU HXT  H N N 204 
LYS N    N N N 205 
LYS CA   C N S 206 
LYS C    C N N 207 
LYS O    O N N 208 
LYS CB   C N N 209 
LYS CG   C N N 210 
LYS CD   C N N 211 
LYS CE   C N N 212 
LYS NZ   N N N 213 
LYS OXT  O N N 214 
LYS H    H N N 215 
LYS H2   H N N 216 
LYS HA   H N N 217 
LYS HB2  H N N 218 
LYS HB3  H N N 219 
LYS HG2  H N N 220 
LYS HG3  H N N 221 
LYS HD2  H N N 222 
LYS HD3  H N N 223 
LYS HE2  H N N 224 
LYS HE3  H N N 225 
LYS HZ1  H N N 226 
LYS HZ2  H N N 227 
LYS HZ3  H N N 228 
LYS HXT  H N N 229 
MET N    N N N 230 
MET CA   C N S 231 
MET C    C N N 232 
MET O    O N N 233 
MET CB   C N N 234 
MET CG   C N N 235 
MET SD   S N N 236 
MET CE   C N N 237 
MET OXT  O N N 238 
MET H    H N N 239 
MET H2   H N N 240 
MET HA   H N N 241 
MET HB2  H N N 242 
MET HB3  H N N 243 
MET HG2  H N N 244 
MET HG3  H N N 245 
MET HE1  H N N 246 
MET HE2  H N N 247 
MET HE3  H N N 248 
MET HXT  H N N 249 
PHE N    N N N 250 
PHE CA   C N S 251 
PHE C    C N N 252 
PHE O    O N N 253 
PHE CB   C N N 254 
PHE CG   C Y N 255 
PHE CD1  C Y N 256 
PHE CD2  C Y N 257 
PHE CE1  C Y N 258 
PHE CE2  C Y N 259 
PHE CZ   C Y N 260 
PHE OXT  O N N 261 
PHE H    H N N 262 
PHE H2   H N N 263 
PHE HA   H N N 264 
PHE HB2  H N N 265 
PHE HB3  H N N 266 
PHE HD1  H N N 267 
PHE HD2  H N N 268 
PHE HE1  H N N 269 
PHE HE2  H N N 270 
PHE HZ   H N N 271 
PHE HXT  H N N 272 
PRO N    N N N 273 
PRO CA   C N S 274 
PRO C    C N N 275 
PRO O    O N N 276 
PRO CB   C N N 277 
PRO CG   C N N 278 
PRO CD   C N N 279 
PRO OXT  O N N 280 
PRO H    H N N 281 
PRO HA   H N N 282 
PRO HB2  H N N 283 
PRO HB3  H N N 284 
PRO HG2  H N N 285 
PRO HG3  H N N 286 
PRO HD2  H N N 287 
PRO HD3  H N N 288 
PRO HXT  H N N 289 
SER N    N N N 290 
SER CA   C N S 291 
SER C    C N N 292 
SER O    O N N 293 
SER CB   C N N 294 
SER OG   O N N 295 
SER OXT  O N N 296 
SER H    H N N 297 
SER H2   H N N 298 
SER HA   H N N 299 
SER HB2  H N N 300 
SER HB3  H N N 301 
SER HG   H N N 302 
SER HXT  H N N 303 
SO4 S    S N N 304 
SO4 O1   O N N 305 
SO4 O2   O N N 306 
SO4 O3   O N N 307 
SO4 O4   O N N 308 
THR N    N N N 309 
THR CA   C N S 310 
THR C    C N N 311 
THR O    O N N 312 
THR CB   C N R 313 
THR OG1  O N N 314 
THR CG2  C N N 315 
THR OXT  O N N 316 
THR H    H N N 317 
THR H2   H N N 318 
THR HA   H N N 319 
THR HB   H N N 320 
THR HG1  H N N 321 
THR HG21 H N N 322 
THR HG22 H N N 323 
THR HG23 H N N 324 
THR HXT  H N N 325 
TRP N    N N N 326 
TRP CA   C N S 327 
TRP C    C N N 328 
TRP O    O N N 329 
TRP CB   C N N 330 
TRP CG   C Y N 331 
TRP CD1  C Y N 332 
TRP CD2  C Y N 333 
TRP NE1  N Y N 334 
TRP CE2  C Y N 335 
TRP CE3  C Y N 336 
TRP CZ2  C Y N 337 
TRP CZ3  C Y N 338 
TRP CH2  C Y N 339 
TRP OXT  O N N 340 
TRP H    H N N 341 
TRP H2   H N N 342 
TRP HA   H N N 343 
TRP HB2  H N N 344 
TRP HB3  H N N 345 
TRP HD1  H N N 346 
TRP HE1  H N N 347 
TRP HE3  H N N 348 
TRP HZ2  H N N 349 
TRP HZ3  H N N 350 
TRP HH2  H N N 351 
TRP HXT  H N N 352 
TYR N    N N N 353 
TYR CA   C N S 354 
TYR C    C N N 355 
TYR O    O N N 356 
TYR CB   C N N 357 
TYR CG   C Y N 358 
TYR CD1  C Y N 359 
TYR CD2  C Y N 360 
TYR CE1  C Y N 361 
TYR CE2  C Y N 362 
TYR CZ   C Y N 363 
TYR OH   O N N 364 
TYR OXT  O N N 365 
TYR H    H N N 366 
TYR H2   H N N 367 
TYR HA   H N N 368 
TYR HB2  H N N 369 
TYR HB3  H N N 370 
TYR HD1  H N N 371 
TYR HD2  H N N 372 
TYR HE1  H N N 373 
TYR HE2  H N N 374 
TYR HH   H N N 375 
TYR HXT  H N N 376 
VAL N    N N N 377 
VAL CA   C N S 378 
VAL C    C N N 379 
VAL O    O N N 380 
VAL CB   C N N 381 
VAL CG1  C N N 382 
VAL CG2  C N N 383 
VAL OXT  O N N 384 
VAL H    H N N 385 
VAL H2   H N N 386 
VAL HA   H N N 387 
VAL HB   H N N 388 
VAL HG11 H N N 389 
VAL HG12 H N N 390 
VAL HG13 H N N 391 
VAL HG21 H N N 392 
VAL HG22 H N N 393 
VAL HG23 H N N 394 
VAL HXT  H N N 395 
# 
loop_
_chem_comp_bond.comp_id 
_chem_comp_bond.atom_id_1 
_chem_comp_bond.atom_id_2 
_chem_comp_bond.value_order 
_chem_comp_bond.pdbx_aromatic_flag 
_chem_comp_bond.pdbx_stereo_config 
_chem_comp_bond.pdbx_ordinal 
ALA N   CA   sing N N 1   
ALA N   H    sing N N 2   
ALA N   H2   sing N N 3   
ALA CA  C    sing N N 4   
ALA CA  CB   sing N N 5   
ALA CA  HA   sing N N 6   
ALA C   O    doub N N 7   
ALA C   OXT  sing N N 8   
ALA CB  HB1  sing N N 9   
ALA CB  HB2  sing N N 10  
ALA CB  HB3  sing N N 11  
ALA OXT HXT  sing N N 12  
ARG N   CA   sing N N 13  
ARG N   H    sing N N 14  
ARG N   H2   sing N N 15  
ARG CA  C    sing N N 16  
ARG CA  CB   sing N N 17  
ARG CA  HA   sing N N 18  
ARG C   O    doub N N 19  
ARG C   OXT  sing N N 20  
ARG CB  CG   sing N N 21  
ARG CB  HB2  sing N N 22  
ARG CB  HB3  sing N N 23  
ARG CG  CD   sing N N 24  
ARG CG  HG2  sing N N 25  
ARG CG  HG3  sing N N 26  
ARG CD  NE   sing N N 27  
ARG CD  HD2  sing N N 28  
ARG CD  HD3  sing N N 29  
ARG NE  CZ   sing N N 30  
ARG NE  HE   sing N N 31  
ARG CZ  NH1  sing N N 32  
ARG CZ  NH2  doub N N 33  
ARG NH1 HH11 sing N N 34  
ARG NH1 HH12 sing N N 35  
ARG NH2 HH21 sing N N 36  
ARG NH2 HH22 sing N N 37  
ARG OXT HXT  sing N N 38  
ASN N   CA   sing N N 39  
ASN N   H    sing N N 40  
ASN N   H2   sing N N 41  
ASN CA  C    sing N N 42  
ASN CA  CB   sing N N 43  
ASN CA  HA   sing N N 44  
ASN C   O    doub N N 45  
ASN C   OXT  sing N N 46  
ASN CB  CG   sing N N 47  
ASN CB  HB2  sing N N 48  
ASN CB  HB3  sing N N 49  
ASN CG  OD1  doub N N 50  
ASN CG  ND2  sing N N 51  
ASN ND2 HD21 sing N N 52  
ASN ND2 HD22 sing N N 53  
ASN OXT HXT  sing N N 54  
ASP N   CA   sing N N 55  
ASP N   H    sing N N 56  
ASP N   H2   sing N N 57  
ASP CA  C    sing N N 58  
ASP CA  CB   sing N N 59  
ASP CA  HA   sing N N 60  
ASP C   O    doub N N 61  
ASP C   OXT  sing N N 62  
ASP CB  CG   sing N N 63  
ASP CB  HB2  sing N N 64  
ASP CB  HB3  sing N N 65  
ASP CG  OD1  doub N N 66  
ASP CG  OD2  sing N N 67  
ASP OD2 HD2  sing N N 68  
ASP OXT HXT  sing N N 69  
CYS N   CA   sing N N 70  
CYS N   H    sing N N 71  
CYS N   H2   sing N N 72  
CYS CA  C    sing N N 73  
CYS CA  CB   sing N N 74  
CYS CA  HA   sing N N 75  
CYS C   O    doub N N 76  
CYS C   OXT  sing N N 77  
CYS CB  SG   sing N N 78  
CYS CB  HB2  sing N N 79  
CYS CB  HB3  sing N N 80  
CYS SG  HG   sing N N 81  
CYS OXT HXT  sing N N 82  
GLN N   CA   sing N N 83  
GLN N   H    sing N N 84  
GLN N   H2   sing N N 85  
GLN CA  C    sing N N 86  
GLN CA  CB   sing N N 87  
GLN CA  HA   sing N N 88  
GLN C   O    doub N N 89  
GLN C   OXT  sing N N 90  
GLN CB  CG   sing N N 91  
GLN CB  HB2  sing N N 92  
GLN CB  HB3  sing N N 93  
GLN CG  CD   sing N N 94  
GLN CG  HG2  sing N N 95  
GLN CG  HG3  sing N N 96  
GLN CD  OE1  doub N N 97  
GLN CD  NE2  sing N N 98  
GLN NE2 HE21 sing N N 99  
GLN NE2 HE22 sing N N 100 
GLN OXT HXT  sing N N 101 
GLU N   CA   sing N N 102 
GLU N   H    sing N N 103 
GLU N   H2   sing N N 104 
GLU CA  C    sing N N 105 
GLU CA  CB   sing N N 106 
GLU CA  HA   sing N N 107 
GLU C   O    doub N N 108 
GLU C   OXT  sing N N 109 
GLU CB  CG   sing N N 110 
GLU CB  HB2  sing N N 111 
GLU CB  HB3  sing N N 112 
GLU CG  CD   sing N N 113 
GLU CG  HG2  sing N N 114 
GLU CG  HG3  sing N N 115 
GLU CD  OE1  doub N N 116 
GLU CD  OE2  sing N N 117 
GLU OE2 HE2  sing N N 118 
GLU OXT HXT  sing N N 119 
GLY N   CA   sing N N 120 
GLY N   H    sing N N 121 
GLY N   H2   sing N N 122 
GLY CA  C    sing N N 123 
GLY CA  HA2  sing N N 124 
GLY CA  HA3  sing N N 125 
GLY C   O    doub N N 126 
GLY C   OXT  sing N N 127 
GLY OXT HXT  sing N N 128 
HIS N   CA   sing N N 129 
HIS N   H    sing N N 130 
HIS N   H2   sing N N 131 
HIS CA  C    sing N N 132 
HIS CA  CB   sing N N 133 
HIS CA  HA   sing N N 134 
HIS C   O    doub N N 135 
HIS C   OXT  sing N N 136 
HIS CB  CG   sing N N 137 
HIS CB  HB2  sing N N 138 
HIS CB  HB3  sing N N 139 
HIS CG  ND1  sing Y N 140 
HIS CG  CD2  doub Y N 141 
HIS ND1 CE1  doub Y N 142 
HIS ND1 HD1  sing N N 143 
HIS CD2 NE2  sing Y N 144 
HIS CD2 HD2  sing N N 145 
HIS CE1 NE2  sing Y N 146 
HIS CE1 HE1  sing N N 147 
HIS NE2 HE2  sing N N 148 
HIS OXT HXT  sing N N 149 
HOH O   H1   sing N N 150 
HOH O   H2   sing N N 151 
ILE N   CA   sing N N 152 
ILE N   H    sing N N 153 
ILE N   H2   sing N N 154 
ILE CA  C    sing N N 155 
ILE CA  CB   sing N N 156 
ILE CA  HA   sing N N 157 
ILE C   O    doub N N 158 
ILE C   OXT  sing N N 159 
ILE CB  CG1  sing N N 160 
ILE CB  CG2  sing N N 161 
ILE CB  HB   sing N N 162 
ILE CG1 CD1  sing N N 163 
ILE CG1 HG12 sing N N 164 
ILE CG1 HG13 sing N N 165 
ILE CG2 HG21 sing N N 166 
ILE CG2 HG22 sing N N 167 
ILE CG2 HG23 sing N N 168 
ILE CD1 HD11 sing N N 169 
ILE CD1 HD12 sing N N 170 
ILE CD1 HD13 sing N N 171 
ILE OXT HXT  sing N N 172 
LEU N   CA   sing N N 173 
LEU N   H    sing N N 174 
LEU N   H2   sing N N 175 
LEU CA  C    sing N N 176 
LEU CA  CB   sing N N 177 
LEU CA  HA   sing N N 178 
LEU C   O    doub N N 179 
LEU C   OXT  sing N N 180 
LEU CB  CG   sing N N 181 
LEU CB  HB2  sing N N 182 
LEU CB  HB3  sing N N 183 
LEU CG  CD1  sing N N 184 
LEU CG  CD2  sing N N 185 
LEU CG  HG   sing N N 186 
LEU CD1 HD11 sing N N 187 
LEU CD1 HD12 sing N N 188 
LEU CD1 HD13 sing N N 189 
LEU CD2 HD21 sing N N 190 
LEU CD2 HD22 sing N N 191 
LEU CD2 HD23 sing N N 192 
LEU OXT HXT  sing N N 193 
LYS N   CA   sing N N 194 
LYS N   H    sing N N 195 
LYS N   H2   sing N N 196 
LYS CA  C    sing N N 197 
LYS CA  CB   sing N N 198 
LYS CA  HA   sing N N 199 
LYS C   O    doub N N 200 
LYS C   OXT  sing N N 201 
LYS CB  CG   sing N N 202 
LYS CB  HB2  sing N N 203 
LYS CB  HB3  sing N N 204 
LYS CG  CD   sing N N 205 
LYS CG  HG2  sing N N 206 
LYS CG  HG3  sing N N 207 
LYS CD  CE   sing N N 208 
LYS CD  HD2  sing N N 209 
LYS CD  HD3  sing N N 210 
LYS CE  NZ   sing N N 211 
LYS CE  HE2  sing N N 212 
LYS CE  HE3  sing N N 213 
LYS NZ  HZ1  sing N N 214 
LYS NZ  HZ2  sing N N 215 
LYS NZ  HZ3  sing N N 216 
LYS OXT HXT  sing N N 217 
MET N   CA   sing N N 218 
MET N   H    sing N N 219 
MET N   H2   sing N N 220 
MET CA  C    sing N N 221 
MET CA  CB   sing N N 222 
MET CA  HA   sing N N 223 
MET C   O    doub N N 224 
MET C   OXT  sing N N 225 
MET CB  CG   sing N N 226 
MET CB  HB2  sing N N 227 
MET CB  HB3  sing N N 228 
MET CG  SD   sing N N 229 
MET CG  HG2  sing N N 230 
MET CG  HG3  sing N N 231 
MET SD  CE   sing N N 232 
MET CE  HE1  sing N N 233 
MET CE  HE2  sing N N 234 
MET CE  HE3  sing N N 235 
MET OXT HXT  sing N N 236 
PHE N   CA   sing N N 237 
PHE N   H    sing N N 238 
PHE N   H2   sing N N 239 
PHE CA  C    sing N N 240 
PHE CA  CB   sing N N 241 
PHE CA  HA   sing N N 242 
PHE C   O    doub N N 243 
PHE C   OXT  sing N N 244 
PHE CB  CG   sing N N 245 
PHE CB  HB2  sing N N 246 
PHE CB  HB3  sing N N 247 
PHE CG  CD1  doub Y N 248 
PHE CG  CD2  sing Y N 249 
PHE CD1 CE1  sing Y N 250 
PHE CD1 HD1  sing N N 251 
PHE CD2 CE2  doub Y N 252 
PHE CD2 HD2  sing N N 253 
PHE CE1 CZ   doub Y N 254 
PHE CE1 HE1  sing N N 255 
PHE CE2 CZ   sing Y N 256 
PHE CE2 HE2  sing N N 257 
PHE CZ  HZ   sing N N 258 
PHE OXT HXT  sing N N 259 
PRO N   CA   sing N N 260 
PRO N   CD   sing N N 261 
PRO N   H    sing N N 262 
PRO CA  C    sing N N 263 
PRO CA  CB   sing N N 264 
PRO CA  HA   sing N N 265 
PRO C   O    doub N N 266 
PRO C   OXT  sing N N 267 
PRO CB  CG   sing N N 268 
PRO CB  HB2  sing N N 269 
PRO CB  HB3  sing N N 270 
PRO CG  CD   sing N N 271 
PRO CG  HG2  sing N N 272 
PRO CG  HG3  sing N N 273 
PRO CD  HD2  sing N N 274 
PRO CD  HD3  sing N N 275 
PRO OXT HXT  sing N N 276 
SER N   CA   sing N N 277 
SER N   H    sing N N 278 
SER N   H2   sing N N 279 
SER CA  C    sing N N 280 
SER CA  CB   sing N N 281 
SER CA  HA   sing N N 282 
SER C   O    doub N N 283 
SER C   OXT  sing N N 284 
SER CB  OG   sing N N 285 
SER CB  HB2  sing N N 286 
SER CB  HB3  sing N N 287 
SER OG  HG   sing N N 288 
SER OXT HXT  sing N N 289 
SO4 S   O1   doub N N 290 
SO4 S   O2   doub N N 291 
SO4 S   O3   sing N N 292 
SO4 S   O4   sing N N 293 
THR N   CA   sing N N 294 
THR N   H    sing N N 295 
THR N   H2   sing N N 296 
THR CA  C    sing N N 297 
THR CA  CB   sing N N 298 
THR CA  HA   sing N N 299 
THR C   O    doub N N 300 
THR C   OXT  sing N N 301 
THR CB  OG1  sing N N 302 
THR CB  CG2  sing N N 303 
THR CB  HB   sing N N 304 
THR OG1 HG1  sing N N 305 
THR CG2 HG21 sing N N 306 
THR CG2 HG22 sing N N 307 
THR CG2 HG23 sing N N 308 
THR OXT HXT  sing N N 309 
TRP N   CA   sing N N 310 
TRP N   H    sing N N 311 
TRP N   H2   sing N N 312 
TRP CA  C    sing N N 313 
TRP CA  CB   sing N N 314 
TRP CA  HA   sing N N 315 
TRP C   O    doub N N 316 
TRP C   OXT  sing N N 317 
TRP CB  CG   sing N N 318 
TRP CB  HB2  sing N N 319 
TRP CB  HB3  sing N N 320 
TRP CG  CD1  doub Y N 321 
TRP CG  CD2  sing Y N 322 
TRP CD1 NE1  sing Y N 323 
TRP CD1 HD1  sing N N 324 
TRP CD2 CE2  doub Y N 325 
TRP CD2 CE3  sing Y N 326 
TRP NE1 CE2  sing Y N 327 
TRP NE1 HE1  sing N N 328 
TRP CE2 CZ2  sing Y N 329 
TRP CE3 CZ3  doub Y N 330 
TRP CE3 HE3  sing N N 331 
TRP CZ2 CH2  doub Y N 332 
TRP CZ2 HZ2  sing N N 333 
TRP CZ3 CH2  sing Y N 334 
TRP CZ3 HZ3  sing N N 335 
TRP CH2 HH2  sing N N 336 
TRP OXT HXT  sing N N 337 
TYR N   CA   sing N N 338 
TYR N   H    sing N N 339 
TYR N   H2   sing N N 340 
TYR CA  C    sing N N 341 
TYR CA  CB   sing N N 342 
TYR CA  HA   sing N N 343 
TYR C   O    doub N N 344 
TYR C   OXT  sing N N 345 
TYR CB  CG   sing N N 346 
TYR CB  HB2  sing N N 347 
TYR CB  HB3  sing N N 348 
TYR CG  CD1  doub Y N 349 
TYR CG  CD2  sing Y N 350 
TYR CD1 CE1  sing Y N 351 
TYR CD1 HD1  sing N N 352 
TYR CD2 CE2  doub Y N 353 
TYR CD2 HD2  sing N N 354 
TYR CE1 CZ   doub Y N 355 
TYR CE1 HE1  sing N N 356 
TYR CE2 CZ   sing Y N 357 
TYR CE2 HE2  sing N N 358 
TYR CZ  OH   sing N N 359 
TYR OH  HH   sing N N 360 
TYR OXT HXT  sing N N 361 
VAL N   CA   sing N N 362 
VAL N   H    sing N N 363 
VAL N   H2   sing N N 364 
VAL CA  C    sing N N 365 
VAL CA  CB   sing N N 366 
VAL CA  HA   sing N N 367 
VAL C   O    doub N N 368 
VAL C   OXT  sing N N 369 
VAL CB  CG1  sing N N 370 
VAL CB  CG2  sing N N 371 
VAL CB  HB   sing N N 372 
VAL CG1 HG11 sing N N 373 
VAL CG1 HG12 sing N N 374 
VAL CG1 HG13 sing N N 375 
VAL CG2 HG21 sing N N 376 
VAL CG2 HG22 sing N N 377 
VAL CG2 HG23 sing N N 378 
VAL OXT HXT  sing N N 379 
# 
_atom_sites.entry_id                    1IMJ 
_atom_sites.fract_transf_matrix[1][1]   0.00575809 
_atom_sites.fract_transf_matrix[1][2]   0.00616303 
_atom_sites.fract_transf_matrix[1][3]   -0.00322528 
_atom_sites.fract_transf_matrix[2][1]   0.00643027 
_atom_sites.fract_transf_matrix[2][2]   0.00497190 
_atom_sites.fract_transf_matrix[2][3]   0.02098051 
_atom_sites.fract_transf_matrix[3][1]   0.01640990 
_atom_sites.fract_transf_matrix[3][2]   -0.01598173 
_atom_sites.fract_transf_matrix[3][3]   -0.00124213 
_atom_sites.fract_transf_vector[1]      0.351613 
_atom_sites.fract_transf_vector[2]      -0.194865 
_atom_sites.fract_transf_vector[3]      0.113487 
# 
loop_
_atom_type.symbol 
C 
N 
O 
S 
# 
loop_
_atom_site.group_PDB 
_atom_site.id 
_atom_site.type_symbol 
_atom_site.label_atom_id 
_atom_site.label_alt_id 
_atom_site.label_comp_id 
_atom_site.label_asym_id 
_atom_site.label_entity_id 
_atom_site.label_seq_id 
_atom_site.pdbx_PDB_ins_code 
_atom_site.Cartn_x 
_atom_site.Cartn_y 
_atom_site.Cartn_z 
_atom_site.occupancy 
_atom_site.B_iso_or_equiv 
_atom_site.pdbx_formal_charge 
_atom_site.auth_seq_id 
_atom_site.auth_comp_id 
_atom_site.auth_asym_id 
_atom_site.auth_atom_id 
_atom_site.pdbx_PDB_model_num 
ATOM   1    N N   . ALA A 1 2   ? 13.531  20.785  -5.613  1.00 37.83 ? 2   ALA A N   1 
ATOM   2    C CA  . ALA A 1 2   ? 13.099  20.113  -6.873  1.00 37.59 ? 2   ALA A CA  1 
ATOM   3    C C   . ALA A 1 2   ? 11.790  20.729  -7.369  1.00 38.44 ? 2   ALA A C   1 
ATOM   4    O O   . ALA A 1 2   ? 11.343  21.765  -6.854  1.00 37.42 ? 2   ALA A O   1 
ATOM   5    C CB  . ALA A 1 2   ? 12.929  18.605  -6.639  1.00 36.81 ? 2   ALA A CB  1 
ATOM   6    N N   . ALA A 1 3   ? 11.184  20.096  -8.373  1.00 38.25 ? 3   ALA A N   1 
ATOM   7    C CA  . ALA A 1 3   ? 9.936   20.587  -8.949  1.00 36.91 ? 3   ALA A CA  1 
ATOM   8    C C   . ALA A 1 3   ? 8.804   19.576  -8.772  1.00 35.99 ? 3   ALA A C   1 
ATOM   9    O O   . ALA A 1 3   ? 8.057   19.285  -9.708  1.00 36.19 ? 3   ALA A O   1 
ATOM   10   C CB  . ALA A 1 3   ? 10.139  20.897  -10.432 1.00 36.43 ? 3   ALA A CB  1 
ATOM   11   N N   . SER A 1 4   ? 8.683   19.042  -7.564  1.00 34.32 ? 4   SER A N   1 
ATOM   12   C CA  . SER A 1 4   ? 7.645   18.068  -7.257  1.00 31.75 ? 4   SER A CA  1 
ATOM   13   C C   . SER A 1 4   ? 6.297   18.737  -6.975  1.00 31.26 ? 4   SER A C   1 
ATOM   14   O O   . SER A 1 4   ? 6.187   19.595  -6.097  1.00 30.71 ? 4   SER A O   1 
ATOM   15   C CB  . SER A 1 4   ? 8.072   17.228  -6.053  1.00 30.99 ? 4   SER A CB  1 
ATOM   16   O OG  . SER A 1 4   ? 6.961   16.563  -5.486  1.00 31.82 ? 4   SER A OG  1 
ATOM   17   N N   . VAL A 1 5   ? 5.275   18.343  -7.729  1.00 30.87 ? 5   VAL A N   1 
ATOM   18   C CA  . VAL A 1 5   ? 3.933   18.894  -7.552  1.00 31.83 ? 5   VAL A CA  1 
ATOM   19   C C   . VAL A 1 5   ? 3.121   17.967  -6.659  1.00 32.12 ? 5   VAL A C   1 
ATOM   20   O O   . VAL A 1 5   ? 3.140   16.750  -6.835  1.00 31.18 ? 5   VAL A O   1 
ATOM   21   C CB  . VAL A 1 5   ? 3.185   19.045  -8.913  1.00 32.71 ? 5   VAL A CB  1 
ATOM   22   C CG1 . VAL A 1 5   ? 1.722   19.410  -8.670  1.00 33.71 ? 5   VAL A CG1 1 
ATOM   23   C CG2 . VAL A 1 5   ? 3.845   20.132  -9.764  1.00 34.29 ? 5   VAL A CG2 1 
ATOM   24   N N   . GLU A 1 6   ? 2.416   18.539  -5.692  1.00 33.47 ? 6   GLU A N   1 
ATOM   25   C CA  . GLU A 1 6   ? 1.592   17.740  -4.803  1.00 34.99 ? 6   GLU A CA  1 
ATOM   26   C C   . GLU A 1 6   ? 0.229   18.360  -4.624  1.00 35.11 ? 6   GLU A C   1 
ATOM   27   O O   . GLU A 1 6   ? 0.101   19.552  -4.357  1.00 35.82 ? 6   GLU A O   1 
ATOM   28   C CB  . GLU A 1 6   ? 2.265   17.557  -3.446  1.00 37.20 ? 6   GLU A CB  1 
ATOM   29   C CG  . GLU A 1 6   ? 2.686   18.830  -2.772  1.00 41.07 ? 6   GLU A CG  1 
ATOM   30   C CD  . GLU A 1 6   ? 3.365   18.557  -1.449  1.00 43.88 ? 6   GLU A CD  1 
ATOM   31   O OE1 . GLU A 1 6   ? 4.368   17.804  -1.436  1.00 44.68 ? 6   GLU A OE1 1 
ATOM   32   O OE2 . GLU A 1 6   ? 2.892   19.094  -0.423  1.00 46.41 ? 6   GLU A OE2 1 
ATOM   33   N N   . GLN A 1 7   ? -0.793  17.531  -4.778  1.00 35.99 ? 7   GLN A N   1 
ATOM   34   C CA  . GLN A 1 7   ? -2.167  17.972  -4.657  1.00 36.70 ? 7   GLN A CA  1 
ATOM   35   C C   . GLN A 1 7   ? -2.946  17.035  -3.756  1.00 37.32 ? 7   GLN A C   1 
ATOM   36   O O   . GLN A 1 7   ? -2.643  15.847  -3.657  1.00 36.19 ? 7   GLN A O   1 
ATOM   37   C CB  . GLN A 1 7   ? -2.812  17.998  -6.039  1.00 38.45 ? 7   GLN A CB  1 
ATOM   38   C CG  . GLN A 1 7   ? -2.634  16.689  -6.787  1.00 41.60 ? 7   GLN A CG  1 
ATOM   39   C CD  . GLN A 1 7   ? -3.264  16.704  -8.165  1.00 44.49 ? 7   GLN A CD  1 
ATOM   40   O OE1 . GLN A 1 7   ? -2.849  17.465  -9.044  1.00 45.70 ? 7   GLN A OE1 1 
ATOM   41   N NE2 . GLN A 1 7   ? -4.276  15.858  -8.363  1.00 45.38 ? 7   GLN A NE2 1 
ATOM   42   N N   . ARG A 1 8   ? -3.950  17.577  -3.087  1.00 38.49 ? 8   ARG A N   1 
ATOM   43   C CA  . ARG A 1 8   ? -4.775  16.763  -2.225  1.00 40.58 ? 8   ARG A CA  1 
ATOM   44   C C   . ARG A 1 8   ? -6.212  17.054  -2.578  1.00 42.25 ? 8   ARG A C   1 
ATOM   45   O O   . ARG A 1 8   ? -7.026  17.366  -1.712  1.00 43.80 ? 8   ARG A O   1 
ATOM   46   C CB  . ARG A 1 8   ? -4.506  17.055  -0.741  1.00 40.11 ? 8   ARG A CB  1 
ATOM   47   C CG  . ARG A 1 8   ? -5.007  18.385  -0.222  1.00 41.92 ? 8   ARG A CG  1 
ATOM   48   C CD  . ARG A 1 8   ? -4.266  18.747  1.044   1.00 44.10 ? 8   ARG A CD  1 
ATOM   49   N NE  . ARG A 1 8   ? -2.840  18.916  0.767   1.00 48.99 ? 8   ARG A NE  1 
ATOM   50   C CZ  . ARG A 1 8   ? -1.912  19.192  1.685   1.00 51.11 ? 8   ARG A CZ  1 
ATOM   51   N NH1 . ARG A 1 8   ? -2.248  19.330  2.965   1.00 51.51 ? 8   ARG A NH1 1 
ATOM   52   N NH2 . ARG A 1 8   ? -0.641  19.340  1.323   1.00 51.76 ? 8   ARG A NH2 1 
ATOM   53   N N   . GLU A 1 9   ? -6.515  16.971  -3.872  1.00 43.52 ? 9   GLU A N   1 
ATOM   54   C CA  . GLU A 1 9   ? -7.881  17.172  -4.345  1.00 45.67 ? 9   GLU A CA  1 
ATOM   55   C C   . GLU A 1 9   ? -8.677  16.106  -3.579  1.00 44.52 ? 9   GLU A C   1 
ATOM   56   O O   . GLU A 1 9   ? -9.877  15.912  -3.793  1.00 45.52 ? 9   GLU A O   1 
ATOM   57   C CB  . GLU A 1 9   ? -7.971  16.935  -5.871  1.00 48.59 ? 9   GLU A CB  1 
ATOM   58   C CG  . GLU A 1 9   ? -7.430  18.092  -6.746  1.00 51.85 ? 9   GLU A CG  1 
ATOM   59   C CD  . GLU A 1 9   ? -7.079  17.676  -8.188  1.00 53.98 ? 9   GLU A CD  1 
ATOM   60   O OE1 . GLU A 1 9   ? -6.996  18.571  -9.068  1.00 54.75 ? 9   GLU A OE1 1 
ATOM   61   O OE2 . GLU A 1 9   ? -6.865  16.464  -8.443  1.00 53.76 ? 9   GLU A OE2 1 
ATOM   62   N N   . GLY A 1 10  ? -7.957  15.427  -2.688  1.00 42.45 ? 10  GLY A N   1 
ATOM   63   C CA  . GLY A 1 10  ? -8.490  14.383  -1.835  1.00 40.64 ? 10  GLY A CA  1 
ATOM   64   C C   . GLY A 1 10  ? -9.946  14.027  -1.966  1.00 39.71 ? 10  GLY A C   1 
ATOM   65   O O   . GLY A 1 10  ? -10.654 13.917  -0.965  1.00 42.43 ? 10  GLY A O   1 
ATOM   66   N N   . THR A 1 11  ? -10.405 13.828  -3.193  1.00 37.76 ? 11  THR A N   1 
ATOM   67   C CA  . THR A 1 11  ? -11.791 13.469  -3.396  1.00 35.53 ? 11  THR A CA  1 
ATOM   68   C C   . THR A 1 11  ? -12.055 12.833  -4.742  1.00 34.00 ? 11  THR A C   1 
ATOM   69   O O   . THR A 1 11  ? -11.906 13.460  -5.792  1.00 34.49 ? 11  THR A O   1 
ATOM   70   C CB  . THR A 1 11  ? -12.718 14.684  -3.204  1.00 35.66 ? 11  THR A CB  1 
ATOM   71   O OG1 . THR A 1 11  ? -12.877 14.929  -1.802  1.00 35.82 ? 11  THR A OG1 1 
ATOM   72   C CG2 . THR A 1 11  ? -14.089 14.432  -3.822  1.00 35.13 ? 11  THR A CG2 1 
ATOM   73   N N   . ILE A 1 12  ? -12.433 11.564  -4.682  1.00 31.28 ? 12  ILE A N   1 
ATOM   74   C CA  . ILE A 1 12  ? -12.776 10.784  -5.855  1.00 29.06 ? 12  ILE A CA  1 
ATOM   75   C C   . ILE A 1 12  ? -13.985 9.974   -5.427  1.00 28.39 ? 12  ILE A C   1 
ATOM   76   O O   . ILE A 1 12  ? -14.139 9.654   -4.244  1.00 26.76 ? 12  ILE A O   1 
ATOM   77   C CB  . ILE A 1 12  ? -11.649 9.816   -6.259  1.00 28.57 ? 12  ILE A CB  1 
ATOM   78   C CG1 . ILE A 1 12  ? -11.213 8.993   -5.047  1.00 27.68 ? 12  ILE A CG1 1 
ATOM   79   C CG2 . ILE A 1 12  ? -10.481 10.590  -6.832  1.00 28.51 ? 12  ILE A CG2 1 
ATOM   80   C CD1 . ILE A 1 12  ? -10.233 7.901   -5.374  1.00 27.47 ? 12  ILE A CD1 1 
ATOM   81   N N   . GLN A 1 13  ? -14.860 9.669   -6.375  1.00 27.46 ? 13  GLN A N   1 
ATOM   82   C CA  . GLN A 1 13  ? -16.035 8.877   -6.065  1.00 26.71 ? 13  GLN A CA  1 
ATOM   83   C C   . GLN A 1 13  ? -15.678 7.426   -6.294  1.00 24.55 ? 13  GLN A C   1 
ATOM   84   O O   . GLN A 1 13  ? -15.231 7.052   -7.372  1.00 25.91 ? 13  GLN A O   1 
ATOM   85   C CB  . GLN A 1 13  ? -17.211 9.267   -6.958  1.00 28.28 ? 13  GLN A CB  1 
ATOM   86   C CG  . GLN A 1 13  ? -17.899 10.550  -6.542  1.00 31.99 ? 13  GLN A CG  1 
ATOM   87   C CD  . GLN A 1 13  ? -18.649 10.410  -5.225  1.00 35.63 ? 13  GLN A CD  1 
ATOM   88   O OE1 . GLN A 1 13  ? -19.581 9.605   -5.110  1.00 38.16 ? 13  GLN A OE1 1 
ATOM   89   N NE2 . GLN A 1 13  ? -18.250 11.195  -4.227  1.00 34.01 ? 13  GLN A NE2 1 
ATOM   90   N N   . VAL A 1 14  ? -15.852 6.616   -5.261  1.00 22.46 ? 14  VAL A N   1 
ATOM   91   C CA  . VAL A 1 14  ? -15.567 5.197   -5.356  1.00 20.79 ? 14  VAL A CA  1 
ATOM   92   C C   . VAL A 1 14  ? -16.793 4.451   -4.854  1.00 20.44 ? 14  VAL A C   1 
ATOM   93   O O   . VAL A 1 14  ? -17.203 4.617   -3.703  1.00 19.16 ? 14  VAL A O   1 
ATOM   94   C CB  . VAL A 1 14  ? -14.331 4.813   -4.512  1.00 20.21 ? 14  VAL A CB  1 
ATOM   95   C CG1 . VAL A 1 14  ? -14.166 3.305   -4.488  1.00 19.91 ? 14  VAL A CG1 1 
ATOM   96   C CG2 . VAL A 1 14  ? -13.079 5.465   -5.105  1.00 21.03 ? 14  VAL A CG2 1 
ATOM   97   N N   . GLN A 1 15  ? -17.385 3.652   -5.736  1.00 20.63 ? 15  GLN A N   1 
ATOM   98   C CA  . GLN A 1 15  ? -18.572 2.878   -5.407  1.00 21.50 ? 15  GLN A CA  1 
ATOM   99   C C   . GLN A 1 15  ? -19.584 3.710   -4.612  1.00 20.03 ? 15  GLN A C   1 
ATOM   100  O O   . GLN A 1 15  ? -20.049 3.298   -3.546  1.00 19.28 ? 15  GLN A O   1 
ATOM   101  C CB  . GLN A 1 15  ? -18.175 1.617   -4.628  1.00 23.82 ? 15  GLN A CB  1 
ATOM   102  C CG  . GLN A 1 15  ? -17.365 0.611   -5.458  1.00 27.74 ? 15  GLN A CG  1 
ATOM   103  C CD  . GLN A 1 15  ? -16.915 -0.603  -4.654  1.00 30.43 ? 15  GLN A CD  1 
ATOM   104  O OE1 . GLN A 1 15  ? -16.366 -1.565  -5.207  1.00 32.56 ? 15  GLN A OE1 1 
ATOM   105  N NE2 . GLN A 1 15  ? -17.141 -0.563  -3.340  1.00 32.71 ? 15  GLN A NE2 1 
ATOM   106  N N   . GLY A 1 16  ? -19.889 4.898   -5.129  1.00 18.78 ? 16  GLY A N   1 
ATOM   107  C CA  . GLY A 1 16  ? -20.871 5.772   -4.501  1.00 17.46 ? 16  GLY A CA  1 
ATOM   108  C C   . GLY A 1 16  ? -20.483 6.566   -3.269  1.00 18.25 ? 16  GLY A C   1 
ATOM   109  O O   . GLY A 1 16  ? -21.349 7.162   -2.623  1.00 18.03 ? 16  GLY A O   1 
ATOM   110  N N   . GLN A 1 17  ? -19.197 6.596   -2.940  1.00 17.77 ? 17  GLN A N   1 
ATOM   111  C CA  . GLN A 1 17  ? -18.744 7.331   -1.769  1.00 17.23 ? 17  GLN A CA  1 
ATOM   112  C C   . GLN A 1 17  ? -17.515 8.167   -2.079  1.00 16.68 ? 17  GLN A C   1 
ATOM   113  O O   . GLN A 1 17  ? -16.741 7.849   -2.978  1.00 18.41 ? 17  GLN A O   1 
ATOM   114  C CB  . GLN A 1 17  ? -18.445 6.357   -0.626  1.00 18.53 ? 17  GLN A CB  1 
ATOM   115  C CG  . GLN A 1 17  ? -19.669 5.564   -0.189  1.00 20.17 ? 17  GLN A CG  1 
ATOM   116  C CD  . GLN A 1 17  ? -19.427 4.732   1.051   1.00 18.97 ? 17  GLN A CD  1 
ATOM   117  O OE1 . GLN A 1 17  ? -18.667 3.767   1.028   1.00 20.16 ? 17  GLN A OE1 1 
ATOM   118  N NE2 . GLN A 1 17  ? -20.072 5.108   2.144   1.00 18.60 ? 17  GLN A NE2 1 
ATOM   119  N N   . ALA A 1 18  ? -17.338 9.245   -1.331  1.00 15.61 ? 18  ALA A N   1 
ATOM   120  C CA  . ALA A 1 18  ? -16.192 10.106  -1.558  1.00 15.91 ? 18  ALA A CA  1 
ATOM   121  C C   . ALA A 1 18  ? -15.037 9.696   -0.657  1.00 14.99 ? 18  ALA A C   1 
ATOM   122  O O   . ALA A 1 18  ? -15.211 9.487   0.538   1.00 15.96 ? 18  ALA A O   1 
ATOM   123  C CB  . ALA A 1 18  ? -16.570 11.550  -1.303  1.00 15.58 ? 18  ALA A CB  1 
ATOM   124  N N   . LEU A 1 19  ? -13.858 9.561   -1.243  1.00 15.28 ? 19  LEU A N   1 
ATOM   125  C CA  . LEU A 1 19  ? -12.680 9.202   -0.473  1.00 13.88 ? 19  LEU A CA  1 
ATOM   126  C C   . LEU A 1 19  ? -11.663 10.306  -0.635  1.00 13.87 ? 19  LEU A C   1 
ATOM   127  O O   . LEU A 1 19  ? -11.554 10.903  -1.705  1.00 14.04 ? 19  LEU A O   1 
ATOM   128  C CB  . LEU A 1 19  ? -12.086 7.896   -0.978  1.00 12.80 ? 19  LEU A CB  1 
ATOM   129  C CG  . LEU A 1 19  ? -12.966 6.660   -0.846  1.00 12.39 ? 19  LEU A CG  1 
ATOM   130  C CD1 . LEU A 1 19  ? -12.221 5.461   -1.403  1.00 10.94 ? 19  LEU A CD1 1 
ATOM   131  C CD2 . LEU A 1 19  ? -13.323 6.445   0.617   1.00 13.35 ? 19  LEU A CD2 1 
ATOM   132  N N   . PHE A 1 20  ? -10.922 10.580  0.430   1.00 13.69 ? 20  PHE A N   1 
ATOM   133  C CA  . PHE A 1 20  ? -9.895  11.607  0.396   1.00 12.41 ? 20  PHE A CA  1 
ATOM   134  C C   . PHE A 1 20  ? -8.566  10.998  -0.060  1.00 14.12 ? 20  PHE A C   1 
ATOM   135  O O   . PHE A 1 20  ? -8.252  9.845   0.264   1.00 12.43 ? 20  PHE A O   1 
ATOM   136  C CB  . PHE A 1 20  ? -9.716  12.214  1.787   1.00 14.02 ? 20  PHE A CB  1 
ATOM   137  C CG  . PHE A 1 20  ? -8.715  13.333  1.831   1.00 15.28 ? 20  PHE A CG  1 
ATOM   138  C CD1 . PHE A 1 20  ? -9.088  14.630  1.484   1.00 13.86 ? 20  PHE A CD1 1 
ATOM   139  C CD2 . PHE A 1 20  ? -7.395  13.088  2.188   1.00 14.09 ? 20  PHE A CD2 1 
ATOM   140  C CE1 . PHE A 1 20  ? -8.166  15.662  1.491   1.00 14.63 ? 20  PHE A CE1 1 
ATOM   141  C CE2 . PHE A 1 20  ? -6.462  14.113  2.198   1.00 15.13 ? 20  PHE A CE2 1 
ATOM   142  C CZ  . PHE A 1 20  ? -6.847  15.406  1.849   1.00 13.85 ? 20  PHE A CZ  1 
ATOM   143  N N   . PHE A 1 21  ? -7.782  11.769  -0.804  1.00 12.86 ? 21  PHE A N   1 
ATOM   144  C CA  . PHE A 1 21  ? -6.490  11.287  -1.272  1.00 15.29 ? 21  PHE A CA  1 
ATOM   145  C C   . PHE A 1 21  ? -5.487  12.429  -1.350  1.00 15.77 ? 21  PHE A C   1 
ATOM   146  O O   . PHE A 1 21  ? -5.863  13.581  -1.569  1.00 15.06 ? 21  PHE A O   1 
ATOM   147  C CB  . PHE A 1 21  ? -6.623  10.625  -2.649  1.00 15.45 ? 21  PHE A CB  1 
ATOM   148  C CG  . PHE A 1 21  ? -6.761  11.602  -3.790  1.00 18.02 ? 21  PHE A CG  1 
ATOM   149  C CD1 . PHE A 1 21  ? -5.639  12.218  -4.339  1.00 19.34 ? 21  PHE A CD1 1 
ATOM   150  C CD2 . PHE A 1 21  ? -8.014  11.920  -4.301  1.00 18.87 ? 21  PHE A CD2 1 
ATOM   151  C CE1 . PHE A 1 21  ? -5.758  13.140  -5.380  1.00 20.07 ? 21  PHE A CE1 1 
ATOM   152  C CE2 . PHE A 1 21  ? -8.146  12.843  -5.345  1.00 20.79 ? 21  PHE A CE2 1 
ATOM   153  C CZ  . PHE A 1 21  ? -7.016  13.453  -5.884  1.00 20.26 ? 21  PHE A CZ  1 
ATOM   154  N N   . ARG A 1 22  ? -4.217  12.098  -1.143  1.00 15.30 ? 22  ARG A N   1 
ATOM   155  C CA  . ARG A 1 22  ? -3.122  13.059  -1.220  1.00 15.67 ? 22  ARG A CA  1 
ATOM   156  C C   . ARG A 1 22  ? -2.264  12.518  -2.352  1.00 17.35 ? 22  ARG A C   1 
ATOM   157  O O   . ARG A 1 22  ? -2.155  11.304  -2.525  1.00 17.91 ? 22  ARG A O   1 
ATOM   158  C CB  . ARG A 1 22  ? -2.327  13.091  0.087   1.00 14.28 ? 22  ARG A CB  1 
ATOM   159  C CG  . ARG A 1 22  ? -3.088  13.676  1.263   1.00 14.20 ? 22  ARG A CG  1 
ATOM   160  C CD  . ARG A 1 22  ? -2.291  13.578  2.543   1.00 14.67 ? 22  ARG A CD  1 
ATOM   161  N NE  . ARG A 1 22  ? -3.132  13.722  3.733   1.00 17.66 ? 22  ARG A NE  1 
ATOM   162  C CZ  . ARG A 1 22  ? -3.675  14.861  4.150   1.00 19.71 ? 22  ARG A CZ  1 
ATOM   163  N NH1 . ARG A 1 22  ? -3.472  15.988  3.481   1.00 23.56 ? 22  ARG A NH1 1 
ATOM   164  N NH2 . ARG A 1 22  ? -4.435  14.874  5.237   1.00 20.45 ? 22  ARG A NH2 1 
ATOM   165  N N   . GLU A 1 23  ? -1.660  13.404  -3.129  1.00 17.70 ? 23  GLU A N   1 
ATOM   166  C CA  . GLU A 1 23  ? -0.860  12.964  -4.263  1.00 18.68 ? 23  GLU A CA  1 
ATOM   167  C C   . GLU A 1 23  ? 0.370   13.822  -4.520  1.00 18.11 ? 23  GLU A C   1 
ATOM   168  O O   . GLU A 1 23  ? 0.347   15.042  -4.342  1.00 16.87 ? 23  GLU A O   1 
ATOM   169  C CB  . GLU A 1 23  ? -1.739  12.946  -5.519  1.00 19.34 ? 23  GLU A CB  1 
ATOM   170  C CG  . GLU A 1 23  ? -0.985  12.836  -6.833  1.00 23.41 ? 23  GLU A CG  1 
ATOM   171  C CD  . GLU A 1 23  ? -1.912  12.886  -8.041  1.00 24.82 ? 23  GLU A CD  1 
ATOM   172  O OE1 . GLU A 1 23  ? -2.605  13.904  -8.229  1.00 28.16 ? 23  GLU A OE1 1 
ATOM   173  O OE2 . GLU A 1 23  ? -1.953  11.908  -8.807  1.00 27.16 ? 23  GLU A OE2 1 
ATOM   174  N N   . ALA A 1 24  ? 1.441   13.168  -4.947  1.00 16.94 ? 24  ALA A N   1 
ATOM   175  C CA  . ALA A 1 24  ? 2.679   13.856  -5.272  1.00 17.25 ? 24  ALA A CA  1 
ATOM   176  C C   . ALA A 1 24  ? 3.215   13.214  -6.534  1.00 17.39 ? 24  ALA A C   1 
ATOM   177  O O   . ALA A 1 24  ? 3.233   11.990  -6.653  1.00 17.07 ? 24  ALA A O   1 
ATOM   178  C CB  . ALA A 1 24  ? 3.685   13.714  -4.140  1.00 17.07 ? 24  ALA A CB  1 
ATOM   179  N N   . LEU A 1 25  ? 3.627   14.040  -7.487  1.00 19.00 ? 25  LEU A N   1 
ATOM   180  C CA  . LEU A 1 25  ? 4.172   13.532  -8.739  1.00 20.96 ? 25  LEU A CA  1 
ATOM   181  C C   . LEU A 1 25  ? 5.304   14.422  -9.241  1.00 20.82 ? 25  LEU A C   1 
ATOM   182  O O   . LEU A 1 25  ? 5.375   15.604  -8.888  1.00 19.30 ? 25  LEU A O   1 
ATOM   183  C CB  . LEU A 1 25  ? 3.072   13.407  -9.801  1.00 22.50 ? 25  LEU A CB  1 
ATOM   184  C CG  . LEU A 1 25  ? 1.806   14.257  -9.698  1.00 24.73 ? 25  LEU A CG  1 
ATOM   185  C CD1 . LEU A 1 25  ? 2.157   15.714  -9.517  1.00 26.63 ? 25  LEU A CD1 1 
ATOM   186  C CD2 . LEU A 1 25  ? 0.981   14.054  -10.961 1.00 26.33 ? 25  LEU A CD2 1 
ATOM   187  N N   . PRO A 1 26  ? 6.206   13.855  -10.064 1.00 20.85 ? 26  PRO A N   1 
ATOM   188  C CA  . PRO A 1 26  ? 7.378   14.495  -10.666 1.00 24.09 ? 26  PRO A CA  1 
ATOM   189  C C   . PRO A 1 26  ? 7.324   15.985  -10.976 1.00 26.95 ? 26  PRO A C   1 
ATOM   190  O O   . PRO A 1 26  ? 8.313   16.701  -10.768 1.00 30.87 ? 26  PRO A O   1 
ATOM   191  C CB  . PRO A 1 26  ? 7.619   13.641  -11.900 1.00 22.62 ? 26  PRO A CB  1 
ATOM   192  C CG  . PRO A 1 26  ? 7.381   12.281  -11.352 1.00 19.69 ? 26  PRO A CG  1 
ATOM   193  C CD  . PRO A 1 26  ? 6.108   12.458  -10.528 1.00 20.42 ? 26  PRO A CD  1 
ATOM   194  N N   . GLY A 1 27  ? 6.196   16.472  -11.469 1.00 27.60 ? 27  GLY A N   1 
ATOM   195  C CA  . GLY A 1 27  ? 6.131   17.892  -11.766 1.00 31.41 ? 27  GLY A CA  1 
ATOM   196  C C   . GLY A 1 27  ? 6.125   18.111  -13.259 1.00 31.83 ? 27  GLY A C   1 
ATOM   197  O O   . GLY A 1 27  ? 5.385   18.955  -13.760 1.00 32.95 ? 27  GLY A O   1 
ATOM   198  N N   . SER A 1 28  ? 6.962   17.363  -13.973 1.00 32.07 ? 28  SER A N   1 
ATOM   199  C CA  . SER A 1 28  ? 6.992   17.458  -15.424 1.00 32.05 ? 28  SER A CA  1 
ATOM   200  C C   . SER A 1 28  ? 5.637   16.894  -15.843 1.00 32.33 ? 28  SER A C   1 
ATOM   201  O O   . SER A 1 28  ? 5.058   17.291  -16.857 1.00 32.68 ? 28  SER A O   1 
ATOM   202  C CB  . SER A 1 28  ? 8.116   16.593  -16.002 1.00 32.51 ? 28  SER A CB  1 
ATOM   203  O OG  . SER A 1 28  ? 7.869   15.212  -15.784 1.00 33.44 ? 28  SER A OG  1 
ATOM   204  N N   . GLY A 1 29  ? 5.131   15.974  -15.027 1.00 30.75 ? 29  GLY A N   1 
ATOM   205  C CA  . GLY A 1 29  ? 3.853   15.354  -15.303 1.00 30.71 ? 29  GLY A CA  1 
ATOM   206  C C   . GLY A 1 29  ? 4.058   13.928  -15.757 1.00 30.35 ? 29  GLY A C   1 
ATOM   207  O O   . GLY A 1 29  ? 3.101   13.203  -16.008 1.00 29.72 ? 29  GLY A O   1 
ATOM   208  N N   . GLN A 1 30  ? 5.320   13.525  -15.856 1.00 30.72 ? 30  GLN A N   1 
ATOM   209  C CA  . GLN A 1 30  ? 5.666   12.177  -16.293 1.00 31.88 ? 30  GLN A CA  1 
ATOM   210  C C   . GLN A 1 30  ? 6.245   11.359  -15.137 1.00 31.10 ? 30  GLN A C   1 
ATOM   211  O O   . GLN A 1 30  ? 7.030   11.868  -14.338 1.00 31.73 ? 30  GLN A O   1 
ATOM   212  C CB  . GLN A 1 30  ? 6.684   12.251  -17.437 1.00 33.48 ? 30  GLN A CB  1 
ATOM   213  C CG  . GLN A 1 30  ? 6.195   13.006  -18.668 1.00 35.63 ? 30  GLN A CG  1 
ATOM   214  C CD  . GLN A 1 30  ? 5.160   12.231  -19.477 1.00 37.03 ? 30  GLN A CD  1 
ATOM   215  O OE1 . GLN A 1 30  ? 4.624   12.739  -20.464 1.00 39.05 ? 30  GLN A OE1 1 
ATOM   216  N NE2 . GLN A 1 30  ? 4.882   10.999  -19.068 1.00 36.18 ? 30  GLN A NE2 1 
ATOM   217  N N   . ALA A 1 31  ? 5.855   10.090  -15.059 1.00 29.49 ? 31  ALA A N   1 
ATOM   218  C CA  . ALA A 1 31  ? 6.329   9.203   -14.003 1.00 27.53 ? 31  ALA A CA  1 
ATOM   219  C C   . ALA A 1 31  ? 6.402   7.771   -14.523 1.00 26.83 ? 31  ALA A C   1 
ATOM   220  O O   . ALA A 1 31  ? 5.547   7.359   -15.308 1.00 25.97 ? 31  ALA A O   1 
ATOM   221  C CB  . ALA A 1 31  ? 5.387   9.281   -12.807 1.00 25.75 ? 31  ALA A CB  1 
ATOM   222  N N   . ARG A 1 32  ? 7.417   7.022   -14.085 1.00 25.99 ? 32  ARG A N   1 
ATOM   223  C CA  . ARG A 1 32  ? 7.597   5.630   -14.507 1.00 26.51 ? 32  ARG A CA  1 
ATOM   224  C C   . ARG A 1 32  ? 6.305   4.837   -14.349 1.00 25.41 ? 32  ARG A C   1 
ATOM   225  O O   . ARG A 1 32  ? 5.863   4.149   -15.271 1.00 25.49 ? 32  ARG A O   1 
ATOM   226  C CB  . ARG A 1 32  ? 8.708   4.960   -13.696 1.00 28.11 ? 32  ARG A CB  1 
ATOM   227  C CG  . ARG A 1 32  ? 10.107  5.476   -13.989 1.00 32.27 ? 32  ARG A CG  1 
ATOM   228  C CD  . ARG A 1 32  ? 11.141  4.631   -13.259 1.00 35.85 ? 32  ARG A CD  1 
ATOM   229  N NE  . ARG A 1 32  ? 11.068  3.227   -13.662 1.00 39.24 ? 32  ARG A NE  1 
ATOM   230  C CZ  . ARG A 1 32  ? 11.594  2.217   -12.973 1.00 40.60 ? 32  ARG A CZ  1 
ATOM   231  N NH1 . ARG A 1 32  ? 12.237  2.450   -11.834 1.00 40.49 ? 32  ARG A NH1 1 
ATOM   232  N NH2 . ARG A 1 32  ? 11.474  0.971   -13.419 1.00 40.16 ? 32  ARG A NH2 1 
ATOM   233  N N   . PHE A 1 33  ? 5.720   4.921   -13.160 1.00 23.80 ? 33  PHE A N   1 
ATOM   234  C CA  . PHE A 1 33  ? 4.456   4.266   -12.859 1.00 21.23 ? 33  PHE A CA  1 
ATOM   235  C C   . PHE A 1 33  ? 3.900   4.821   -11.557 1.00 19.81 ? 33  PHE A C   1 
ATOM   236  O O   . PHE A 1 33  ? 4.525   5.677   -10.927 1.00 17.86 ? 33  PHE A O   1 
ATOM   237  C CB  . PHE A 1 33  ? 4.596   2.729   -12.806 1.00 22.56 ? 33  PHE A CB  1 
ATOM   238  C CG  . PHE A 1 33  ? 5.733   2.224   -11.953 1.00 22.64 ? 33  PHE A CG  1 
ATOM   239  C CD1 . PHE A 1 33  ? 5.744   2.426   -10.578 1.00 22.10 ? 33  PHE A CD1 1 
ATOM   240  C CD2 . PHE A 1 33  ? 6.773   1.496   -12.531 1.00 22.86 ? 33  PHE A CD2 1 
ATOM   241  C CE1 . PHE A 1 33  ? 6.770   1.908   -9.792  1.00 22.39 ? 33  PHE A CE1 1 
ATOM   242  C CE2 . PHE A 1 33  ? 7.806   0.974   -11.753 1.00 23.00 ? 33  PHE A CE2 1 
ATOM   243  C CZ  . PHE A 1 33  ? 7.804   1.180   -10.381 1.00 22.02 ? 33  PHE A CZ  1 
ATOM   244  N N   . SER A 1 34  ? 2.720   4.359   -11.163 1.00 17.43 ? 34  SER A N   1 
ATOM   245  C CA  . SER A 1 34  ? 2.093   4.856   -9.952  1.00 14.74 ? 34  SER A CA  1 
ATOM   246  C C   . SER A 1 34  ? 2.300   3.946   -8.750  1.00 14.11 ? 34  SER A C   1 
ATOM   247  O O   . SER A 1 34  ? 2.512   2.741   -8.894  1.00 11.90 ? 34  SER A O   1 
ATOM   248  C CB  . SER A 1 34  ? 0.597   5.057   -10.196 1.00 15.76 ? 34  SER A CB  1 
ATOM   249  O OG  . SER A 1 34  ? 0.358   5.989   -11.238 1.00 14.79 ? 34  SER A OG  1 
ATOM   250  N N   . VAL A 1 35  ? 2.256   4.545   -7.564  1.00 13.53 ? 35  VAL A N   1 
ATOM   251  C CA  . VAL A 1 35  ? 2.396   3.815   -6.309  1.00 12.17 ? 35  VAL A CA  1 
ATOM   252  C C   . VAL A 1 35  ? 1.216   4.198   -5.432  1.00 12.95 ? 35  VAL A C   1 
ATOM   253  O O   . VAL A 1 35  ? 1.017   5.373   -5.123  1.00 12.59 ? 35  VAL A O   1 
ATOM   254  C CB  . VAL A 1 35  ? 3.689   4.187   -5.546  1.00 12.77 ? 35  VAL A CB  1 
ATOM   255  C CG1 . VAL A 1 35  ? 3.796   3.344   -4.275  1.00 8.79  ? 35  VAL A CG1 1 
ATOM   256  C CG2 . VAL A 1 35  ? 4.911   3.977   -6.435  1.00 10.89 ? 35  VAL A CG2 1 
ATOM   257  N N   . LEU A 1 36  ? 0.422   3.211   -5.042  1.00 12.66 ? 36  LEU A N   1 
ATOM   258  C CA  . LEU A 1 36  ? -0.728  3.470   -4.190  1.00 12.16 ? 36  LEU A CA  1 
ATOM   259  C C   . LEU A 1 36  ? -0.377  3.080   -2.755  1.00 10.46 ? 36  LEU A C   1 
ATOM   260  O O   . LEU A 1 36  ? 0.011   1.947   -2.497  1.00 9.99  ? 36  LEU A O   1 
ATOM   261  C CB  . LEU A 1 36  ? -1.931  2.666   -4.684  1.00 11.00 ? 36  LEU A CB  1 
ATOM   262  C CG  . LEU A 1 36  ? -3.210  2.788   -3.860  1.00 9.91  ? 36  LEU A CG  1 
ATOM   263  C CD1 . LEU A 1 36  ? -3.641  4.242   -3.770  1.00 8.28  ? 36  LEU A CD1 1 
ATOM   264  C CD2 . LEU A 1 36  ? -4.284  1.947   -4.492  1.00 9.25  ? 36  LEU A CD2 1 
ATOM   265  N N   . LEU A 1 37  ? -0.493  4.026   -1.826  1.00 11.84 ? 37  LEU A N   1 
ATOM   266  C CA  . LEU A 1 37  ? -0.186  3.745   -0.428  1.00 10.46 ? 37  LEU A CA  1 
ATOM   267  C C   . LEU A 1 37  ? -1.427  3.694   0.447   1.00 9.00  ? 37  LEU A C   1 
ATOM   268  O O   . LEU A 1 37  ? -2.232  4.624   0.463   1.00 9.11  ? 37  LEU A O   1 
ATOM   269  C CB  . LEU A 1 37  ? 0.779   4.790   0.146   1.00 10.70 ? 37  LEU A CB  1 
ATOM   270  C CG  . LEU A 1 37  ? 2.161   4.957   -0.478  1.00 10.51 ? 37  LEU A CG  1 
ATOM   271  C CD1 . LEU A 1 37  ? 2.067   5.804   -1.748  1.00 10.52 ? 37  LEU A CD1 1 
ATOM   272  C CD2 . LEU A 1 37  ? 3.074   5.633   0.528   1.00 10.88 ? 37  LEU A CD2 1 
ATOM   273  N N   . LEU A 1 38  ? -1.576  2.594   1.171   1.00 8.45  ? 38  LEU A N   1 
ATOM   274  C CA  . LEU A 1 38  ? -2.695  2.420   2.084   1.00 8.30  ? 38  LEU A CA  1 
ATOM   275  C C   . LEU A 1 38  ? -2.141  2.672   3.482   1.00 7.98  ? 38  LEU A C   1 
ATOM   276  O O   . LEU A 1 38  ? -0.961  2.991   3.623   1.00 9.39  ? 38  LEU A O   1 
ATOM   277  C CB  . LEU A 1 38  ? -3.266  1.009   1.956   1.00 9.51  ? 38  LEU A CB  1 
ATOM   278  C CG  . LEU A 1 38  ? -3.679  0.640   0.527   1.00 12.71 ? 38  LEU A CG  1 
ATOM   279  C CD1 . LEU A 1 38  ? -4.308  -0.732  0.521   1.00 11.14 ? 38  LEU A CD1 1 
ATOM   280  C CD2 . LEU A 1 38  ? -4.657  1.673   -0.033  1.00 12.51 ? 38  LEU A CD2 1 
ATOM   281  N N   . HIS A 1 39  ? -2.966  2.536   4.517   1.00 10.25 ? 39  HIS A N   1 
ATOM   282  C CA  . HIS A 1 39  ? -2.505  2.816   5.876   1.00 8.42  ? 39  HIS A CA  1 
ATOM   283  C C   . HIS A 1 39  ? -3.041  1.918   6.993   1.00 10.42 ? 39  HIS A C   1 
ATOM   284  O O   . HIS A 1 39  ? -3.938  1.096   6.784   1.00 9.35  ? 39  HIS A O   1 
ATOM   285  C CB  . HIS A 1 39  ? -2.836  4.271   6.215   1.00 9.37  ? 39  HIS A CB  1 
ATOM   286  C CG  . HIS A 1 39  ? -4.305  4.573   6.200   1.00 11.06 ? 39  HIS A CG  1 
ATOM   287  N ND1 . HIS A 1 39  ? -5.143  4.253   7.246   1.00 11.27 ? 39  HIS A ND1 1 
ATOM   288  C CD2 . HIS A 1 39  ? -5.089  5.148   5.254   1.00 10.81 ? 39  HIS A CD2 1 
ATOM   289  C CE1 . HIS A 1 39  ? -6.379  4.616   6.948   1.00 10.03 ? 39  HIS A CE1 1 
ATOM   290  N NE2 . HIS A 1 39  ? -6.374  5.162   5.746   1.00 10.38 ? 39  HIS A NE2 1 
ATOM   291  N N   . GLY A 1 40  ? -2.468  2.090   8.184   1.00 9.60  ? 40  GLY A N   1 
ATOM   292  C CA  . GLY A 1 40  ? -2.885  1.328   9.350   1.00 10.81 ? 40  GLY A CA  1 
ATOM   293  C C   . GLY A 1 40  ? -4.082  2.008   9.988   1.00 9.51  ? 40  GLY A C   1 
ATOM   294  O O   . GLY A 1 40  ? -4.412  3.132   9.624   1.00 9.40  ? 40  GLY A O   1 
ATOM   295  N N   . ILE A 1 41  ? -4.737  1.348   10.936  1.00 9.69  ? 41  ILE A N   1 
ATOM   296  C CA  . ILE A 1 41  ? -5.920  1.940   11.554  1.00 9.21  ? 41  ILE A CA  1 
ATOM   297  C C   . ILE A 1 41  ? -5.641  3.204   12.375  1.00 10.38 ? 41  ILE A C   1 
ATOM   298  O O   . ILE A 1 41  ? -6.518  4.057   12.534  1.00 9.86  ? 41  ILE A O   1 
ATOM   299  C CB  . ILE A 1 41  ? -6.674  0.904   12.434  1.00 9.49  ? 41  ILE A CB  1 
ATOM   300  C CG1 . ILE A 1 41  ? -8.081  1.427   12.737  1.00 10.32 ? 41  ILE A CG1 1 
ATOM   301  C CG2 . ILE A 1 41  ? -5.910  0.648   13.738  1.00 5.30  ? 41  ILE A CG2 1 
ATOM   302  C CD1 . ILE A 1 41  ? -8.982  0.412   13.394  1.00 10.60 ? 41  ILE A CD1 1 
ATOM   303  N N   . ARG A 1 42  ? -4.423  3.332   12.893  1.00 11.12 ? 42  ARG A N   1 
ATOM   304  C CA  . ARG A 1 42  ? -4.066  4.511   13.680  1.00 11.47 ? 42  ARG A CA  1 
ATOM   305  C C   . ARG A 1 42  ? -3.499  5.629   12.817  1.00 11.79 ? 42  ARG A C   1 
ATOM   306  O O   . ARG A 1 42  ? -3.143  6.684   13.338  1.00 13.07 ? 42  ARG A O   1 
ATOM   307  C CB  . ARG A 1 42  ? -3.019  4.172   14.740  1.00 9.90  ? 42  ARG A CB  1 
ATOM   308  C CG  . ARG A 1 42  ? -3.520  3.394   15.942  1.00 11.39 ? 42  ARG A CG  1 
ATOM   309  C CD  . ARG A 1 42  ? -2.336  2.999   16.805  1.00 10.84 ? 42  ARG A CD  1 
ATOM   310  N NE  . ARG A 1 42  ? -1.535  1.959   16.165  1.00 12.87 ? 42  ARG A NE  1 
ATOM   311  C CZ  . ARG A 1 42  ? -0.378  1.497   16.638  1.00 14.62 ? 42  ARG A CZ  1 
ATOM   312  N NH1 . ARG A 1 42  ? 0.138   1.986   17.759  1.00 12.63 ? 42  ARG A NH1 1 
ATOM   313  N NH2 . ARG A 1 42  ? 0.241   0.507   16.009  1.00 14.63 ? 42  ARG A NH2 1 
ATOM   314  N N   . PHE A 1 43  ? -3.413  5.412   11.510  1.00 10.95 ? 43  PHE A N   1 
ATOM   315  C CA  . PHE A 1 43  ? -2.837  6.430   10.637  1.00 12.90 ? 43  PHE A CA  1 
ATOM   316  C C   . PHE A 1 43  ? -3.709  6.787   9.444   1.00 11.60 ? 43  PHE A C   1 
ATOM   317  O O   . PHE A 1 43  ? -4.901  6.475   9.428   1.00 13.09 ? 43  PHE A O   1 
ATOM   318  C CB  . PHE A 1 43  ? -1.460  5.960   10.166  1.00 13.08 ? 43  PHE A CB  1 
ATOM   319  C CG  . PHE A 1 43  ? -0.662  5.288   11.250  1.00 14.08 ? 43  PHE A CG  1 
ATOM   320  C CD1 . PHE A 1 43  ? -0.722  3.910   11.424  1.00 13.69 ? 43  PHE A CD1 1 
ATOM   321  C CD2 . PHE A 1 43  ? 0.099   6.044   12.140  1.00 13.28 ? 43  PHE A CD2 1 
ATOM   322  C CE1 . PHE A 1 43  ? -0.038  3.293   12.468  1.00 13.32 ? 43  PHE A CE1 1 
ATOM   323  C CE2 . PHE A 1 43  ? 0.784   5.431   13.186  1.00 14.48 ? 43  PHE A CE2 1 
ATOM   324  C CZ  . PHE A 1 43  ? 0.713   4.053   13.349  1.00 12.03 ? 43  PHE A CZ  1 
ATOM   325  N N   . SER A 1 44  ? -3.109  7.452   8.458   1.00 10.29 ? 44  SER A N   1 
ATOM   326  C CA  . SER A 1 44  ? -3.814  7.869   7.246   1.00 10.94 ? 44  SER A CA  1 
ATOM   327  C C   . SER A 1 44  ? -2.818  8.378   6.205   1.00 12.17 ? 44  SER A C   1 
ATOM   328  O O   . SER A 1 44  ? -1.601  8.260   6.381   1.00 12.03 ? 44  SER A O   1 
ATOM   329  C CB  . SER A 1 44  ? -4.818  8.987   7.558   1.00 10.71 ? 44  SER A CB  1 
ATOM   330  O OG  . SER A 1 44  ? -4.160  10.161  8.008   1.00 10.06 ? 44  SER A OG  1 
ATOM   331  N N   . SER A 1 45  ? -3.342  8.947   5.124   1.00 11.07 ? 45  SER A N   1 
ATOM   332  C CA  . SER A 1 45  ? -2.498  9.473   4.070   1.00 12.52 ? 45  SER A CA  1 
ATOM   333  C C   . SER A 1 45  ? -1.610  10.567  4.648   1.00 13.69 ? 45  SER A C   1 
ATOM   334  O O   . SER A 1 45  ? -0.476  10.762  4.206   1.00 13.33 ? 45  SER A O   1 
ATOM   335  C CB  . SER A 1 45  ? -3.354  10.052  2.941   1.00 13.46 ? 45  SER A CB  1 
ATOM   336  O OG  . SER A 1 45  ? -4.139  11.140  3.404   1.00 13.83 ? 45  SER A OG  1 
ATOM   337  N N   . GLU A 1 46  ? -2.128  11.272  5.652   1.00 13.72 ? 46  GLU A N   1 
ATOM   338  C CA  . GLU A 1 46  ? -1.386  12.358  6.285   1.00 15.02 ? 46  GLU A CA  1 
ATOM   339  C C   . GLU A 1 46  ? -0.079  11.895  6.910   1.00 13.33 ? 46  GLU A C   1 
ATOM   340  O O   . GLU A 1 46  ? 0.895   12.643  6.970   1.00 12.72 ? 46  GLU A O   1 
ATOM   341  C CB  . GLU A 1 46  ? -2.249  13.031  7.348   1.00 18.85 ? 46  GLU A CB  1 
ATOM   342  C CG  . GLU A 1 46  ? -1.541  14.166  8.063   1.00 24.27 ? 46  GLU A CG  1 
ATOM   343  C CD  . GLU A 1 46  ? -2.505  15.105  8.751   1.00 27.55 ? 46  GLU A CD  1 
ATOM   344  O OE1 . GLU A 1 46  ? -3.282  14.634  9.611   1.00 28.80 ? 46  GLU A OE1 1 
ATOM   345  O OE2 . GLU A 1 46  ? -2.484  16.313  8.426   1.00 30.05 ? 46  GLU A OE2 1 
ATOM   346  N N   . THR A 1 47  ? -0.071  10.658  7.386   1.00 13.08 ? 47  THR A N   1 
ATOM   347  C CA  . THR A 1 47  ? 1.113   10.081  7.993   1.00 12.21 ? 47  THR A CA  1 
ATOM   348  C C   . THR A 1 47  ? 2.215   9.925   6.948   1.00 12.28 ? 47  THR A C   1 
ATOM   349  O O   . THR A 1 47  ? 3.380   10.182  7.240   1.00 12.20 ? 47  THR A O   1 
ATOM   350  C CB  . THR A 1 47  ? 0.793   8.714   8.604   1.00 11.40 ? 47  THR A CB  1 
ATOM   351  O OG1 . THR A 1 47  ? -0.380  8.825   9.413   1.00 10.06 ? 47  THR A OG1 1 
ATOM   352  C CG2 . THR A 1 47  ? 1.946   8.234   9.466   1.00 10.94 ? 47  THR A CG2 1 
ATOM   353  N N   . TRP A 1 48  ? 1.852   9.496   5.738   1.00 12.92 ? 48  TRP A N   1 
ATOM   354  C CA  . TRP A 1 48  ? 2.834   9.324   4.663   1.00 13.35 ? 48  TRP A CA  1 
ATOM   355  C C   . TRP A 1 48  ? 3.377   10.686  4.236   1.00 14.01 ? 48  TRP A C   1 
ATOM   356  O O   . TRP A 1 48  ? 4.562   10.824  3.941   1.00 13.74 ? 48  TRP A O   1 
ATOM   357  C CB  . TRP A 1 48  ? 2.212   8.622   3.446   1.00 13.26 ? 48  TRP A CB  1 
ATOM   358  C CG  . TRP A 1 48  ? 1.837   7.184   3.686   1.00 13.37 ? 48  TRP A CG  1 
ATOM   359  C CD1 . TRP A 1 48  ? 0.582   6.641   3.613   1.00 11.08 ? 48  TRP A CD1 1 
ATOM   360  C CD2 . TRP A 1 48  ? 2.712   6.115   4.083   1.00 12.50 ? 48  TRP A CD2 1 
ATOM   361  N NE1 . TRP A 1 48  ? 0.622   5.309   3.943   1.00 13.43 ? 48  TRP A NE1 1 
ATOM   362  C CE2 . TRP A 1 48  ? 1.915   4.959   4.236   1.00 12.79 ? 48  TRP A CE2 1 
ATOM   363  C CE3 . TRP A 1 48  ? 4.092   6.024   4.323   1.00 11.84 ? 48  TRP A CE3 1 
ATOM   364  C CZ2 . TRP A 1 48  ? 2.453   3.721   4.624   1.00 11.89 ? 48  TRP A CZ2 1 
ATOM   365  C CZ3 . TRP A 1 48  ? 4.627   4.798   4.707   1.00 8.50  ? 48  TRP A CZ3 1 
ATOM   366  C CH2 . TRP A 1 48  ? 3.807   3.661   4.854   1.00 10.66 ? 48  TRP A CH2 1 
ATOM   367  N N   . GLN A 1 49  ? 2.506   11.690  4.207   1.00 14.97 ? 49  GLN A N   1 
ATOM   368  C CA  . GLN A 1 49  ? 2.920   13.033  3.827   1.00 16.81 ? 49  GLN A CA  1 
ATOM   369  C C   . GLN A 1 49  ? 3.964   13.575  4.799   1.00 17.29 ? 49  GLN A C   1 
ATOM   370  O O   . GLN A 1 49  ? 5.037   14.019  4.387   1.00 17.51 ? 49  GLN A O   1 
ATOM   371  C CB  . GLN A 1 49  ? 1.716   13.974  3.796   1.00 19.89 ? 49  GLN A CB  1 
ATOM   372  C CG  . GLN A 1 49  ? 2.083   15.437  3.565   1.00 22.88 ? 49  GLN A CG  1 
ATOM   373  C CD  . GLN A 1 49  ? 0.864   16.317  3.381   1.00 25.65 ? 49  GLN A CD  1 
ATOM   374  O OE1 . GLN A 1 49  ? 0.046   16.079  2.493   1.00 29.34 ? 49  GLN A OE1 1 
ATOM   375  N NE2 . GLN A 1 49  ? 0.739   17.341  4.216   1.00 29.25 ? 49  GLN A NE2 1 
ATOM   376  N N   . ASN A 1 50  ? 3.641   13.531  6.089   1.00 16.33 ? 50  ASN A N   1 
ATOM   377  C CA  . ASN A 1 50  ? 4.537   14.013  7.132   1.00 15.72 ? 50  ASN A CA  1 
ATOM   378  C C   . ASN A 1 50  ? 5.809   13.198  7.266   1.00 14.00 ? 50  ASN A C   1 
ATOM   379  O O   . ASN A 1 50  ? 6.808   13.696  7.762   1.00 14.45 ? 50  ASN A O   1 
ATOM   380  C CB  . ASN A 1 50  ? 3.814   14.039  8.474   1.00 17.29 ? 50  ASN A CB  1 
ATOM   381  C CG  . ASN A 1 50  ? 2.693   15.042  8.495   1.00 21.25 ? 50  ASN A CG  1 
ATOM   382  O OD1 . ASN A 1 50  ? 2.879   16.191  8.104   1.00 25.36 ? 50  ASN A OD1 1 
ATOM   383  N ND2 . ASN A 1 50  ? 1.522   14.621  8.949   1.00 23.02 ? 50  ASN A ND2 1 
ATOM   384  N N   . LEU A 1 51  ? 5.777   11.945  6.835   1.00 12.66 ? 51  LEU A N   1 
ATOM   385  C CA  . LEU A 1 51  ? 6.962   11.105  6.916   1.00 12.92 ? 51  LEU A CA  1 
ATOM   386  C C   . LEU A 1 51  ? 7.890   11.427  5.745   1.00 13.73 ? 51  LEU A C   1 
ATOM   387  O O   . LEU A 1 51  ? 9.079   11.104  5.774   1.00 15.19 ? 51  LEU A O   1 
ATOM   388  C CB  . LEU A 1 51  ? 6.566   9.623   6.893   1.00 12.54 ? 51  LEU A CB  1 
ATOM   389  C CG  . LEU A 1 51  ? 7.670   8.591   7.143   1.00 14.67 ? 51  LEU A CG  1 
ATOM   390  C CD1 . LEU A 1 51  ? 8.257   8.765   8.541   1.00 14.71 ? 51  LEU A CD1 1 
ATOM   391  C CD2 . LEU A 1 51  ? 7.086   7.191   6.986   1.00 14.38 ? 51  LEU A CD2 1 
ATOM   392  N N   . GLY A 1 52  ? 7.339   12.073  4.720   1.00 13.50 ? 52  GLY A N   1 
ATOM   393  C CA  . GLY A 1 52  ? 8.123   12.446  3.554   1.00 13.25 ? 52  GLY A CA  1 
ATOM   394  C C   . GLY A 1 52  ? 8.098   11.434  2.423   1.00 13.20 ? 52  GLY A C   1 
ATOM   395  O O   . GLY A 1 52  ? 8.721   11.641  1.382   1.00 14.70 ? 52  GLY A O   1 
ATOM   396  N N   . THR A 1 53  ? 7.369   10.342  2.611   1.00 11.68 ? 53  THR A N   1 
ATOM   397  C CA  . THR A 1 53  ? 7.306   9.297   1.602   1.00 12.38 ? 53  THR A CA  1 
ATOM   398  C C   . THR A 1 53  ? 6.763   9.739   0.248   1.00 12.65 ? 53  THR A C   1 
ATOM   399  O O   . THR A 1 53  ? 7.374   9.465   -0.780  1.00 12.91 ? 53  THR A O   1 
ATOM   400  C CB  . THR A 1 53  ? 6.482   8.116   2.108   1.00 10.99 ? 53  THR A CB  1 
ATOM   401  O OG1 . THR A 1 53  ? 6.989   7.720   3.384   1.00 10.41 ? 53  THR A OG1 1 
ATOM   402  C CG2 . THR A 1 53  ? 6.593   6.942   1.151   1.00 9.86  ? 53  THR A CG2 1 
ATOM   403  N N   . LEU A 1 54  ? 5.618   10.416  0.234   1.00 12.90 ? 54  LEU A N   1 
ATOM   404  C CA  . LEU A 1 54  ? 5.045   10.870  -1.031  1.00 13.85 ? 54  LEU A CA  1 
ATOM   405  C C   . LEU A 1 54  ? 6.066   11.738  -1.778  1.00 13.55 ? 54  LEU A C   1 
ATOM   406  O O   . LEU A 1 54  ? 6.331   11.529  -2.957  1.00 11.37 ? 54  LEU A O   1 
ATOM   407  C CB  . LEU A 1 54  ? 3.756   11.661  -0.770  1.00 14.73 ? 54  LEU A CB  1 
ATOM   408  C CG  . LEU A 1 54  ? 2.632   10.905  -0.045  1.00 16.46 ? 54  LEU A CG  1 
ATOM   409  C CD1 . LEU A 1 54  ? 1.489   11.861  0.303   1.00 16.68 ? 54  LEU A CD1 1 
ATOM   410  C CD2 . LEU A 1 54  ? 2.135   9.768   -0.929  1.00 15.68 ? 54  LEU A CD2 1 
ATOM   411  N N   . HIS A 1 55  ? 6.651   12.704  -1.077  1.00 15.55 ? 55  HIS A N   1 
ATOM   412  C CA  . HIS A 1 55  ? 7.650   13.586  -1.680  1.00 14.44 ? 55  HIS A CA  1 
ATOM   413  C C   . HIS A 1 55  ? 8.869   12.812  -2.187  1.00 13.22 ? 55  HIS A C   1 
ATOM   414  O O   . HIS A 1 55  ? 9.336   13.047  -3.295  1.00 12.45 ? 55  HIS A O   1 
ATOM   415  C CB  . HIS A 1 55  ? 8.111   14.632  -0.671  1.00 15.92 ? 55  HIS A CB  1 
ATOM   416  C CG  . HIS A 1 55  ? 9.124   15.590  -1.216  1.00 20.02 ? 55  HIS A CG  1 
ATOM   417  N ND1 . HIS A 1 55  ? 8.782   16.665  -2.008  1.00 19.26 ? 55  HIS A ND1 1 
ATOM   418  C CD2 . HIS A 1 55  ? 10.472  15.634  -1.084  1.00 20.36 ? 55  HIS A CD2 1 
ATOM   419  C CE1 . HIS A 1 55  ? 9.873   17.333  -2.339  1.00 19.27 ? 55  HIS A CE1 1 
ATOM   420  N NE2 . HIS A 1 55  ? 10.912  16.728  -1.791  1.00 21.07 ? 55  HIS A NE2 1 
ATOM   421  N N   . ARG A 1 56  ? 9.391   11.901  -1.370  1.00 14.39 ? 56  ARG A N   1 
ATOM   422  C CA  . ARG A 1 56  ? 10.546  11.098  -1.760  1.00 15.00 ? 56  ARG A CA  1 
ATOM   423  C C   . ARG A 1 56  ? 10.271  10.318  -3.040  1.00 14.76 ? 56  ARG A C   1 
ATOM   424  O O   . ARG A 1 56  ? 11.074  10.331  -3.971  1.00 13.11 ? 56  ARG A O   1 
ATOM   425  C CB  . ARG A 1 56  ? 10.917  10.099  -0.656  1.00 19.40 ? 56  ARG A CB  1 
ATOM   426  C CG  . ARG A 1 56  ? 11.763  10.671  0.474   1.00 24.74 ? 56  ARG A CG  1 
ATOM   427  C CD  . ARG A 1 56  ? 13.160  11.056  -0.001  1.00 25.94 ? 56  ARG A CD  1 
ATOM   428  N NE  . ARG A 1 56  ? 14.127  9.958   0.041   1.00 26.56 ? 56  ARG A NE  1 
ATOM   429  C CZ  . ARG A 1 56  ? 14.566  9.382   1.158   1.00 26.10 ? 56  ARG A CZ  1 
ATOM   430  N NH1 . ARG A 1 56  ? 14.121  9.786   2.341   1.00 25.70 ? 56  ARG A NH1 1 
ATOM   431  N NH2 . ARG A 1 56  ? 15.483  8.425   1.095   1.00 24.84 ? 56  ARG A NH2 1 
ATOM   432  N N   . LEU A 1 57  ? 9.135   9.636   -3.078  1.00 12.88 ? 57  LEU A N   1 
ATOM   433  C CA  . LEU A 1 57  ? 8.779   8.840   -4.245  1.00 13.69 ? 57  LEU A CA  1 
ATOM   434  C C   . LEU A 1 57  ? 8.602   9.714   -5.481  1.00 14.59 ? 57  LEU A C   1 
ATOM   435  O O   . LEU A 1 57  ? 9.005   9.334   -6.579  1.00 13.66 ? 57  LEU A O   1 
ATOM   436  C CB  . LEU A 1 57  ? 7.498   8.041   -3.974  1.00 12.85 ? 57  LEU A CB  1 
ATOM   437  C CG  . LEU A 1 57  ? 7.580   6.918   -2.937  1.00 13.09 ? 57  LEU A CG  1 
ATOM   438  C CD1 . LEU A 1 57  ? 6.199   6.352   -2.700  1.00 13.39 ? 57  LEU A CD1 1 
ATOM   439  C CD2 . LEU A 1 57  ? 8.521   5.819   -3.424  1.00 12.69 ? 57  LEU A CD2 1 
ATOM   440  N N   . ALA A 1 58  ? 7.996   10.885  -5.309  1.00 16.41 ? 58  ALA A N   1 
ATOM   441  C CA  . ALA A 1 58  ? 7.795   11.780  -6.436  1.00 15.07 ? 58  ALA A CA  1 
ATOM   442  C C   . ALA A 1 58  ? 9.136   12.199  -7.047  1.00 16.54 ? 58  ALA A C   1 
ATOM   443  O O   . ALA A 1 58  ? 9.335   12.061  -8.254  1.00 16.74 ? 58  ALA A O   1 
ATOM   444  C CB  . ALA A 1 58  ? 7.006   13.003  -6.004  1.00 13.97 ? 58  ALA A CB  1 
ATOM   445  N N   . GLN A 1 59  ? 10.072  12.685  -6.235  1.00 18.07 ? 59  GLN A N   1 
ATOM   446  C CA  . GLN A 1 59  ? 11.343  13.105  -6.816  1.00 20.84 ? 59  GLN A CA  1 
ATOM   447  C C   . GLN A 1 59  ? 12.160  11.971  -7.415  1.00 20.50 ? 59  GLN A C   1 
ATOM   448  O O   . GLN A 1 59  ? 13.114  12.220  -8.149  1.00 20.39 ? 59  GLN A O   1 
ATOM   449  C CB  . GLN A 1 59  ? 12.196  13.915  -5.823  1.00 23.86 ? 59  GLN A CB  1 
ATOM   450  C CG  . GLN A 1 59  ? 12.635  13.227  -4.552  1.00 26.91 ? 59  GLN A CG  1 
ATOM   451  C CD  . GLN A 1 59  ? 13.698  14.041  -3.813  1.00 26.94 ? 59  GLN A CD  1 
ATOM   452  O OE1 . GLN A 1 59  ? 13.690  15.275  -3.844  1.00 27.27 ? 59  GLN A OE1 1 
ATOM   453  N NE2 . GLN A 1 59  ? 14.608  13.350  -3.141  1.00 28.28 ? 59  GLN A NE2 1 
ATOM   454  N N   . ALA A 1 60  ? 11.774  10.730  -7.128  1.00 19.66 ? 60  ALA A N   1 
ATOM   455  C CA  . ALA A 1 60  ? 12.469  9.568   -7.682  1.00 19.64 ? 60  ALA A CA  1 
ATOM   456  C C   . ALA A 1 60  ? 11.841  9.159   -9.025  1.00 18.90 ? 60  ALA A C   1 
ATOM   457  O O   . ALA A 1 60  ? 12.235  8.163   -9.639  1.00 19.09 ? 60  ALA A O   1 
ATOM   458  C CB  . ALA A 1 60  ? 12.415  8.402   -6.696  1.00 19.94 ? 60  ALA A CB  1 
ATOM   459  N N   . GLY A 1 61  ? 10.854  9.928   -9.467  1.00 17.99 ? 61  GLY A N   1 
ATOM   460  C CA  . GLY A 1 61  ? 10.204  9.644   -10.735 1.00 18.47 ? 61  GLY A CA  1 
ATOM   461  C C   . GLY A 1 61  ? 8.882   8.890   -10.696 1.00 18.59 ? 61  GLY A C   1 
ATOM   462  O O   . GLY A 1 61  ? 8.412   8.428   -11.734 1.00 18.61 ? 61  GLY A O   1 
ATOM   463  N N   . TYR A 1 62  ? 8.266   8.770   -9.524  1.00 17.36 ? 62  TYR A N   1 
ATOM   464  C CA  . TYR A 1 62  ? 6.997   8.045   -9.422  1.00 17.51 ? 62  TYR A CA  1 
ATOM   465  C C   . TYR A 1 62  ? 5.817   8.926   -9.047  1.00 15.74 ? 62  TYR A C   1 
ATOM   466  O O   . TYR A 1 62  ? 5.980   9.970   -8.425  1.00 18.39 ? 62  TYR A O   1 
ATOM   467  C CB  . TYR A 1 62  ? 7.089   6.923   -8.377  1.00 15.49 ? 62  TYR A CB  1 
ATOM   468  C CG  . TYR A 1 62  ? 8.275   6.002   -8.529  1.00 15.05 ? 62  TYR A CG  1 
ATOM   469  C CD1 . TYR A 1 62  ? 9.369   6.100   -7.670  1.00 15.15 ? 62  TYR A CD1 1 
ATOM   470  C CD2 . TYR A 1 62  ? 8.314   5.044   -9.538  1.00 14.75 ? 62  TYR A CD2 1 
ATOM   471  C CE1 . TYR A 1 62  ? 10.471  5.266   -7.813  1.00 15.45 ? 62  TYR A CE1 1 
ATOM   472  C CE2 . TYR A 1 62  ? 9.414   4.206   -9.691  1.00 16.48 ? 62  TYR A CE2 1 
ATOM   473  C CZ  . TYR A 1 62  ? 10.489  4.322   -8.827  1.00 16.54 ? 62  TYR A CZ  1 
ATOM   474  O OH  . TYR A 1 62  ? 11.579  3.492   -8.978  1.00 18.66 ? 62  TYR A OH  1 
ATOM   475  N N   . ARG A 1 63  ? 4.623   8.502   -9.444  1.00 15.49 ? 63  ARG A N   1 
ATOM   476  C CA  . ARG A 1 63  ? 3.411   9.222   -9.084  1.00 13.99 ? 63  ARG A CA  1 
ATOM   477  C C   . ARG A 1 63  ? 2.999   8.527   -7.788  1.00 13.95 ? 63  ARG A C   1 
ATOM   478  O O   . ARG A 1 63  ? 2.783   7.316   -7.771  1.00 14.01 ? 63  ARG A O   1 
ATOM   479  C CB  . ARG A 1 63  ? 2.324   9.041   -10.148 1.00 12.85 ? 63  ARG A CB  1 
ATOM   480  C CG  . ARG A 1 63  ? 1.009   9.700   -9.771  1.00 12.80 ? 63  ARG A CG  1 
ATOM   481  C CD  . ARG A 1 63  ? -0.096  9.372   -10.765 1.00 16.55 ? 63  ARG A CD  1 
ATOM   482  N NE  . ARG A 1 63  ? -1.358  10.009  -10.392 1.00 17.31 ? 63  ARG A NE  1 
ATOM   483  C CZ  . ARG A 1 63  ? -2.518  9.817   -11.013 1.00 16.69 ? 63  ARG A CZ  1 
ATOM   484  N NH1 . ARG A 1 63  ? -2.595  9.000   -12.053 1.00 17.09 ? 63  ARG A NH1 1 
ATOM   485  N NH2 . ARG A 1 63  ? -3.605  10.438  -10.582 1.00 18.61 ? 63  ARG A NH2 1 
ATOM   486  N N   . ALA A 1 64  ? 2.918   9.285   -6.699  1.00 13.82 ? 64  ALA A N   1 
ATOM   487  C CA  . ALA A 1 64  ? 2.567   8.713   -5.407  1.00 11.80 ? 64  ALA A CA  1 
ATOM   488  C C   . ALA A 1 64  ? 1.192   9.164   -4.959  1.00 12.15 ? 64  ALA A C   1 
ATOM   489  O O   . ALA A 1 64  ? 0.921   10.360  -4.860  1.00 11.18 ? 64  ALA A O   1 
ATOM   490  C CB  . ALA A 1 64  ? 3.608   9.103   -4.363  1.00 11.11 ? 64  ALA A CB  1 
ATOM   491  N N   . VAL A 1 65  ? 0.333   8.192   -4.671  1.00 10.55 ? 65  VAL A N   1 
ATOM   492  C CA  . VAL A 1 65  ? -1.021  8.476   -4.227  1.00 10.06 ? 65  VAL A CA  1 
ATOM   493  C C   . VAL A 1 65  ? -1.360  7.705   -2.962  1.00 10.02 ? 65  VAL A C   1 
ATOM   494  O O   . VAL A 1 65  ? -1.307  6.476   -2.932  1.00 9.27  ? 65  VAL A O   1 
ATOM   495  C CB  . VAL A 1 65  ? -2.057  8.113   -5.313  1.00 11.01 ? 65  VAL A CB  1 
ATOM   496  C CG1 . VAL A 1 65  ? -3.463  8.245   -4.757  1.00 8.55  ? 65  VAL A CG1 1 
ATOM   497  C CG2 . VAL A 1 65  ? -1.879  9.028   -6.524  1.00 13.15 ? 65  VAL A CG2 1 
ATOM   498  N N   . ALA A 1 66  ? -1.700  8.452   -1.922  1.00 10.53 ? 66  ALA A N   1 
ATOM   499  C CA  . ALA A 1 66  ? -2.082  7.893   -0.639  1.00 9.69  ? 66  ALA A CA  1 
ATOM   500  C C   . ALA A 1 66  ? -3.543  8.278   -0.418  1.00 11.39 ? 66  ALA A C   1 
ATOM   501  O O   . ALA A 1 66  ? -3.933  9.439   -0.596  1.00 9.14  ? 66  ALA A O   1 
ATOM   502  C CB  . ALA A 1 66  ? -1.206  8.475   0.469   1.00 10.28 ? 66  ALA A CB  1 
ATOM   503  N N   . ILE A 1 67  ? -4.361  7.298   -0.055  1.00 11.35 ? 67  ILE A N   1 
ATOM   504  C CA  . ILE A 1 67  ? -5.767  7.561   0.187   1.00 10.81 ? 67  ILE A CA  1 
ATOM   505  C C   . ILE A 1 67  ? -6.094  7.285   1.639   1.00 10.57 ? 67  ILE A C   1 
ATOM   506  O O   . ILE A 1 67  ? -5.298  6.682   2.361   1.00 9.69  ? 67  ILE A O   1 
ATOM   507  C CB  . ILE A 1 67  ? -6.671  6.655   -0.671  1.00 12.56 ? 67  ILE A CB  1 
ATOM   508  C CG1 . ILE A 1 67  ? -6.395  5.189   -0.330  1.00 12.93 ? 67  ILE A CG1 1 
ATOM   509  C CG2 . ILE A 1 67  ? -6.421  6.900   -2.146  1.00 12.18 ? 67  ILE A CG2 1 
ATOM   510  C CD1 . ILE A 1 67  ? -7.374  4.234   -0.952  1.00 13.61 ? 67  ILE A CD1 1 
ATOM   511  N N   . ASP A 1 68  ? -7.265  7.751   2.062   1.00 10.22 ? 68  ASP A N   1 
ATOM   512  C CA  . ASP A 1 68  ? -7.752  7.508   3.406   1.00 10.44 ? 68  ASP A CA  1 
ATOM   513  C C   . ASP A 1 68  ? -8.834  6.468   3.212   1.00 10.92 ? 68  ASP A C   1 
ATOM   514  O O   . ASP A 1 68  ? -9.783  6.696   2.456   1.00 12.56 ? 68  ASP A O   1 
ATOM   515  C CB  . ASP A 1 68  ? -8.363  8.770   4.023   1.00 9.79  ? 68  ASP A CB  1 
ATOM   516  C CG  . ASP A 1 68  ? -7.317  9.747   4.498   1.00 9.93  ? 68  ASP A CG  1 
ATOM   517  O OD1 . ASP A 1 68  ? -6.123  9.374   4.520   1.00 12.76 ? 68  ASP A OD1 1 
ATOM   518  O OD2 . ASP A 1 68  ? -7.685  10.886  4.854   1.00 11.46 ? 68  ASP A OD2 1 
ATOM   519  N N   . LEU A 1 69  ? -8.679  5.324   3.870   1.00 12.03 ? 69  LEU A N   1 
ATOM   520  C CA  . LEU A 1 69  ? -9.649  4.241   3.771   1.00 13.14 ? 69  LEU A CA  1 
ATOM   521  C C   . LEU A 1 69  ? -10.983 4.614   4.415   1.00 12.03 ? 69  LEU A C   1 
ATOM   522  O O   . LEU A 1 69  ? -11.031 5.428   5.339   1.00 10.63 ? 69  LEU A O   1 
ATOM   523  C CB  . LEU A 1 69  ? -9.116  2.965   4.444   1.00 14.00 ? 69  LEU A CB  1 
ATOM   524  C CG  . LEU A 1 69  ? -8.112  2.047   3.733   1.00 16.16 ? 69  LEU A CG  1 
ATOM   525  C CD1 . LEU A 1 69  ? -8.580  1.792   2.304   1.00 15.61 ? 69  LEU A CD1 1 
ATOM   526  C CD2 . LEU A 1 69  ? -6.744  2.664   3.738   1.00 18.27 ? 69  LEU A CD2 1 
ATOM   527  N N   . PRO A 1 70  ? -12.082 4.006   3.937   1.00 12.69 ? 70  PRO A N   1 
ATOM   528  C CA  . PRO A 1 70  ? -13.437 4.253   4.449   1.00 12.76 ? 70  PRO A CA  1 
ATOM   529  C C   . PRO A 1 70  ? -13.527 4.349   5.972   1.00 12.98 ? 70  PRO A C   1 
ATOM   530  O O   . PRO A 1 70  ? -13.040 3.474   6.689   1.00 13.95 ? 70  PRO A O   1 
ATOM   531  C CB  . PRO A 1 70  ? -14.225 3.070   3.902   1.00 11.82 ? 70  PRO A CB  1 
ATOM   532  C CG  . PRO A 1 70  ? -13.604 2.869   2.562   1.00 12.09 ? 70  PRO A CG  1 
ATOM   533  C CD  . PRO A 1 70  ? -12.112 3.012   2.846   1.00 9.82  ? 70  PRO A CD  1 
ATOM   534  N N   . GLY A 1 71  ? -14.140 5.426   6.457   1.00 11.55 ? 71  GLY A N   1 
ATOM   535  C CA  . GLY A 1 71  ? -14.303 5.614   7.885   1.00 12.29 ? 71  GLY A CA  1 
ATOM   536  C C   . GLY A 1 71  ? -13.104 6.130   8.658   1.00 13.90 ? 71  GLY A C   1 
ATOM   537  O O   . GLY A 1 71  ? -13.185 6.293   9.869   1.00 15.83 ? 71  GLY A O   1 
ATOM   538  N N   . LEU A 1 72  ? -11.998 6.396   7.974   1.00 13.04 ? 72  LEU A N   1 
ATOM   539  C CA  . LEU A 1 72  ? -10.792 6.889   8.634   1.00 13.64 ? 72  LEU A CA  1 
ATOM   540  C C   . LEU A 1 72  ? -10.266 8.145   7.940   1.00 13.98 ? 72  LEU A C   1 
ATOM   541  O O   . LEU A 1 72  ? -10.588 8.395   6.776   1.00 13.54 ? 72  LEU A O   1 
ATOM   542  C CB  . LEU A 1 72  ? -9.713  5.806   8.613   1.00 11.50 ? 72  LEU A CB  1 
ATOM   543  C CG  . LEU A 1 72  ? -10.060 4.503   9.334   1.00 11.01 ? 72  LEU A CG  1 
ATOM   544  C CD1 . LEU A 1 72  ? -9.032  3.449   8.983   1.00 11.23 ? 72  LEU A CD1 1 
ATOM   545  C CD2 . LEU A 1 72  ? -10.106 4.735   10.844  1.00 11.58 ? 72  LEU A CD2 1 
ATOM   546  N N   . GLY A 1 73  ? -9.454  8.924   8.653   1.00 13.50 ? 73  GLY A N   1 
ATOM   547  C CA  . GLY A 1 73  ? -8.904  10.144  8.081   1.00 13.68 ? 73  GLY A CA  1 
ATOM   548  C C   . GLY A 1 73  ? -9.988  11.070  7.564   1.00 14.46 ? 73  GLY A C   1 
ATOM   549  O O   . GLY A 1 73  ? -11.025 11.225  8.202   1.00 14.73 ? 73  GLY A O   1 
ATOM   550  N N   . HIS A 1 74  ? -9.772  11.684  6.406   1.00 14.45 ? 74  HIS A N   1 
ATOM   551  C CA  . HIS A 1 74  ? -10.784 12.578  5.857   1.00 16.50 ? 74  HIS A CA  1 
ATOM   552  C C   . HIS A 1 74  ? -11.826 11.824  5.043   1.00 15.99 ? 74  HIS A C   1 
ATOM   553  O O   . HIS A 1 74  ? -12.543 12.414  4.245   1.00 15.77 ? 74  HIS A O   1 
ATOM   554  C CB  . HIS A 1 74  ? -10.140 13.669  4.997   1.00 20.90 ? 74  HIS A CB  1 
ATOM   555  C CG  . HIS A 1 74  ? -9.357  14.674  5.784   1.00 24.34 ? 74  HIS A CG  1 
ATOM   556  N ND1 . HIS A 1 74  ? -7.981  14.745  5.744   1.00 26.44 ? 74  HIS A ND1 1 
ATOM   557  C CD2 . HIS A 1 74  ? -9.758  15.636  6.648   1.00 27.30 ? 74  HIS A CD2 1 
ATOM   558  C CE1 . HIS A 1 74  ? -7.567  15.705  6.549   1.00 28.47 ? 74  HIS A CE1 1 
ATOM   559  N NE2 . HIS A 1 74  ? -8.626  16.263  7.110   1.00 28.29 ? 74  HIS A NE2 1 
ATOM   560  N N   . SER A 1 75  ? -11.894 10.512  5.243   1.00 15.38 ? 75  SER A N   1 
ATOM   561  C CA  . SER A 1 75  ? -12.867 9.678   4.552   1.00 14.08 ? 75  SER A CA  1 
ATOM   562  C C   . SER A 1 75  ? -13.825 9.135   5.604   1.00 15.57 ? 75  SER A C   1 
ATOM   563  O O   . SER A 1 75  ? -14.521 8.146   5.383   1.00 13.78 ? 75  SER A O   1 
ATOM   564  C CB  . SER A 1 75  ? -12.172 8.523   3.825   1.00 13.65 ? 75  SER A CB  1 
ATOM   565  O OG  . SER A 1 75  ? -11.461 8.984   2.691   1.00 12.76 ? 75  SER A OG  1 
ATOM   566  N N   . LYS A 1 76  ? -13.847 9.809   6.751   1.00 17.05 ? 76  LYS A N   1 
ATOM   567  C CA  . LYS A 1 76  ? -14.695 9.435   7.874   1.00 20.14 ? 76  LYS A CA  1 
ATOM   568  C C   . LYS A 1 76  ? -16.156 9.165   7.551   1.00 20.14 ? 76  LYS A C   1 
ATOM   569  O O   . LYS A 1 76  ? -16.750 8.267   8.140   1.00 20.20 ? 76  LYS A O   1 
ATOM   570  C CB  . LYS A 1 76  ? -14.639 10.505  8.966   1.00 23.19 ? 76  LYS A CB  1 
ATOM   571  C CG  . LYS A 1 76  ? -13.310 10.611  9.663   1.00 28.30 ? 76  LYS A CG  1 
ATOM   572  C CD  . LYS A 1 76  ? -13.333 11.693  10.734  1.00 31.69 ? 76  LYS A CD  1 
ATOM   573  C CE  . LYS A 1 76  ? -11.927 11.965  11.250  1.00 32.73 ? 76  LYS A CE  1 
ATOM   574  N NZ  . LYS A 1 76  ? -11.249 10.705  11.654  1.00 35.33 ? 76  LYS A NZ  1 
ATOM   575  N N   . GLU A 1 77  ? -16.754 9.923   6.637   1.00 19.37 ? 77  GLU A N   1 
ATOM   576  C CA  . GLU A 1 77  ? -18.154 9.671   6.352   1.00 21.41 ? 77  GLU A CA  1 
ATOM   577  C C   . GLU A 1 77  ? -18.433 8.515   5.387   1.00 20.28 ? 77  GLU A C   1 
ATOM   578  O O   . GLU A 1 77  ? -19.582 8.116   5.224   1.00 20.00 ? 77  GLU A O   1 
ATOM   579  C CB  . GLU A 1 77  ? -18.871 10.960  5.911   1.00 23.48 ? 77  GLU A CB  1 
ATOM   580  C CG  . GLU A 1 77  ? -18.370 11.638  4.663   1.00 27.62 ? 77  GLU A CG  1 
ATOM   581  C CD  . GLU A 1 77  ? -19.068 12.977  4.430   1.00 30.83 ? 77  GLU A CD  1 
ATOM   582  O OE1 . GLU A 1 77  ? -18.929 13.884  5.279   1.00 30.33 ? 77  GLU A OE1 1 
ATOM   583  O OE2 . GLU A 1 77  ? -19.761 13.125  3.402   1.00 32.59 ? 77  GLU A OE2 1 
ATOM   584  N N   . ALA A 1 78  ? -17.394 7.958   4.767   1.00 19.08 ? 78  ALA A N   1 
ATOM   585  C CA  . ALA A 1 78  ? -17.587 6.812   3.873   1.00 18.67 ? 78  ALA A CA  1 
ATOM   586  C C   . ALA A 1 78  ? -17.779 5.557   4.738   1.00 17.66 ? 78  ALA A C   1 
ATOM   587  O O   . ALA A 1 78  ? -17.218 5.460   5.825   1.00 20.33 ? 78  ALA A O   1 
ATOM   588  C CB  . ALA A 1 78  ? -16.379 6.633   2.964   1.00 16.48 ? 78  ALA A CB  1 
ATOM   589  N N   . ALA A 1 79  ? -18.569 4.601   4.257   1.00 16.46 ? 79  ALA A N   1 
ATOM   590  C CA  . ALA A 1 79  ? -18.826 3.374   5.000   1.00 14.30 ? 79  ALA A CA  1 
ATOM   591  C C   . ALA A 1 79  ? -17.940 2.250   4.491   1.00 14.96 ? 79  ALA A C   1 
ATOM   592  O O   . ALA A 1 79  ? -17.803 2.056   3.287   1.00 15.56 ? 79  ALA A O   1 
ATOM   593  C CB  . ALA A 1 79  ? -20.281 2.983   4.868   1.00 14.48 ? 79  ALA A CB  1 
ATOM   594  N N   . ALA A 1 80  ? -17.333 1.509   5.409   1.00 14.81 ? 80  ALA A N   1 
ATOM   595  C CA  . ALA A 1 80  ? -16.458 0.413   5.021   1.00 13.93 ? 80  ALA A CA  1 
ATOM   596  C C   . ALA A 1 80  ? -17.282 -0.675  4.346   1.00 13.85 ? 80  ALA A C   1 
ATOM   597  O O   . ALA A 1 80  ? -18.411 -0.936  4.741   1.00 13.98 ? 80  ALA A O   1 
ATOM   598  C CB  . ALA A 1 80  ? -15.749 -0.146  6.244   1.00 13.00 ? 80  ALA A CB  1 
ATOM   599  N N   . PRO A 1 81  ? -16.727 -1.317  3.307   1.00 14.29 ? 81  PRO A N   1 
ATOM   600  C CA  . PRO A 1 81  ? -17.418 -2.387  2.573   1.00 14.71 ? 81  PRO A CA  1 
ATOM   601  C C   . PRO A 1 81  ? -17.529 -3.670  3.402   1.00 13.89 ? 81  PRO A C   1 
ATOM   602  O O   . PRO A 1 81  ? -18.364 -4.532  3.122   1.00 14.72 ? 81  PRO A O   1 
ATOM   603  C CB  . PRO A 1 81  ? -16.533 -2.597  1.343   1.00 14.56 ? 81  PRO A CB  1 
ATOM   604  C CG  . PRO A 1 81  ? -15.786 -1.312  1.211   1.00 16.47 ? 81  PRO A CG  1 
ATOM   605  C CD  . PRO A 1 81  ? -15.474 -0.954  2.628   1.00 14.17 ? 81  PRO A CD  1 
ATOM   606  N N   . ALA A 1 82  ? -16.669 -3.795  4.409   1.00 12.92 ? 82  ALA A N   1 
ATOM   607  C CA  . ALA A 1 82  ? -16.648 -4.974  5.277   1.00 12.81 ? 82  ALA A CA  1 
ATOM   608  C C   . ALA A 1 82  ? -16.159 -4.601  6.673   1.00 12.97 ? 82  ALA A C   1 
ATOM   609  O O   . ALA A 1 82  ? -15.451 -3.615  6.842   1.00 12.42 ? 82  ALA A O   1 
ATOM   610  C CB  . ALA A 1 82  ? -15.742 -6.032  4.684   1.00 11.75 ? 82  ALA A CB  1 
ATOM   611  N N   . PRO A 1 83  ? -16.535 -5.392  7.693   1.00 13.57 ? 83  PRO A N   1 
ATOM   612  C CA  . PRO A 1 83  ? -16.142 -5.160  9.094   1.00 14.02 ? 83  PRO A CA  1 
ATOM   613  C C   . PRO A 1 83  ? -14.734 -5.676  9.377   1.00 14.53 ? 83  PRO A C   1 
ATOM   614  O O   . PRO A 1 83  ? -14.248 -6.560  8.677   1.00 14.43 ? 83  PRO A O   1 
ATOM   615  C CB  . PRO A 1 83  ? -17.169 -5.968  9.895   1.00 13.77 ? 83  PRO A CB  1 
ATOM   616  C CG  . PRO A 1 83  ? -18.215 -6.393  8.882   1.00 14.84 ? 83  PRO A CG  1 
ATOM   617  C CD  . PRO A 1 83  ? -17.477 -6.516  7.597   1.00 12.65 ? 83  PRO A CD  1 
ATOM   618  N N   . ILE A 1 84  ? -14.081 -5.136  10.402  1.00 15.19 ? 84  ILE A N   1 
ATOM   619  C CA  . ILE A 1 84  ? -12.750 -5.615  10.754  1.00 16.26 ? 84  ILE A CA  1 
ATOM   620  C C   . ILE A 1 84  ? -13.010 -7.061  11.129  1.00 15.63 ? 84  ILE A C   1 
ATOM   621  O O   . ILE A 1 84  ? -13.870 -7.337  11.962  1.00 16.79 ? 84  ILE A O   1 
ATOM   622  C CB  . ILE A 1 84  ? -12.166 -4.911  12.001  1.00 17.60 ? 84  ILE A CB  1 
ATOM   623  C CG1 . ILE A 1 84  ? -12.156 -3.393  11.822  1.00 18.42 ? 84  ILE A CG1 1 
ATOM   624  C CG2 . ILE A 1 84  ? -10.760 -5.428  12.258  1.00 18.20 ? 84  ILE A CG2 1 
ATOM   625  C CD1 . ILE A 1 84  ? -11.265 -2.909  10.725  1.00 23.55 ? 84  ILE A CD1 1 
ATOM   626  N N   . GLY A 1 85  ? -12.286 -7.981  10.510  1.00 14.59 ? 85  GLY A N   1 
ATOM   627  C CA  . GLY A 1 85  ? -12.496 -9.383  10.799  1.00 14.77 ? 85  GLY A CA  1 
ATOM   628  C C   . GLY A 1 85  ? -12.669 -10.132 9.494   1.00 16.11 ? 85  GLY A C   1 
ATOM   629  O O   . GLY A 1 85  ? -12.488 -11.346 9.427   1.00 16.13 ? 85  GLY A O   1 
ATOM   630  N N   . GLU A 1 86  ? -13.029 -9.413  8.440   1.00 15.45 ? 86  GLU A N   1 
ATOM   631  C CA  . GLU A 1 86  ? -13.177 -10.074 7.158   1.00 17.54 ? 86  GLU A CA  1 
ATOM   632  C C   . GLU A 1 86  ? -12.579 -9.293  6.006   1.00 16.99 ? 86  GLU A C   1 
ATOM   633  O O   . GLU A 1 86  ? -12.225 -8.123  6.142   1.00 16.12 ? 86  GLU A O   1 
ATOM   634  C CB  . GLU A 1 86  ? -14.647 -10.434 6.887   1.00 20.46 ? 86  GLU A CB  1 
ATOM   635  C CG  . GLU A 1 86  ? -15.657 -9.320  6.981   1.00 25.00 ? 86  GLU A CG  1 
ATOM   636  C CD  . GLU A 1 86  ? -17.090 -9.850  6.926   1.00 27.81 ? 86  GLU A CD  1 
ATOM   637  O OE1 . GLU A 1 86  ? -17.501 -10.564 7.867   1.00 30.38 ? 86  GLU A OE1 1 
ATOM   638  O OE2 . GLU A 1 86  ? -17.807 -9.562  5.944   1.00 29.46 ? 86  GLU A OE2 1 
ATOM   639  N N   . LEU A 1 87  ? -12.434 -9.972  4.876   1.00 16.00 ? 87  LEU A N   1 
ATOM   640  C CA  . LEU A 1 87  ? -11.865 -9.370  3.684   1.00 15.17 ? 87  LEU A CA  1 
ATOM   641  C C   . LEU A 1 87  ? -12.847 -8.432  3.002   1.00 13.83 ? 87  LEU A C   1 
ATOM   642  O O   . LEU A 1 87  ? -14.052 -8.672  2.988   1.00 15.64 ? 87  LEU A O   1 
ATOM   643  C CB  . LEU A 1 87  ? -11.447 -10.468 2.700   1.00 15.62 ? 87  LEU A CB  1 
ATOM   644  C CG  . LEU A 1 87  ? -10.394 -11.459 3.202   1.00 16.55 ? 87  LEU A CG  1 
ATOM   645  C CD1 . LEU A 1 87  ? -10.218 -12.578 2.192   1.00 15.77 ? 87  LEU A CD1 1 
ATOM   646  C CD2 . LEU A 1 87  ? -9.080  -10.733 3.430   1.00 15.25 ? 87  LEU A CD2 1 
ATOM   647  N N   . ALA A 1 88  ? -12.321 -7.354  2.443   1.00 11.94 ? 88  ALA A N   1 
ATOM   648  C CA  . ALA A 1 88  ? -13.139 -6.396  1.722   1.00 9.93  ? 88  ALA A CA  1 
ATOM   649  C C   . ALA A 1 88  ? -13.152 -6.915  0.286   1.00 9.43  ? 88  ALA A C   1 
ATOM   650  O O   . ALA A 1 88  ? -12.349 -7.769  -0.066  1.00 7.37  ? 88  ALA A O   1 
ATOM   651  C CB  . ALA A 1 88  ? -12.490 -5.027  1.778   1.00 7.88  ? 88  ALA A CB  1 
ATOM   652  N N   . PRO A 1 89  ? -14.066 -6.414  -0.558  1.00 10.86 ? 89  PRO A N   1 
ATOM   653  C CA  . PRO A 1 89  ? -14.115 -6.879  -1.948  1.00 11.45 ? 89  PRO A CA  1 
ATOM   654  C C   . PRO A 1 89  ? -12.827 -6.485  -2.671  1.00 11.51 ? 89  PRO A C   1 
ATOM   655  O O   . PRO A 1 89  ? -12.345 -5.364  -2.512  1.00 12.20 ? 89  PRO A O   1 
ATOM   656  C CB  . PRO A 1 89  ? -15.323 -6.138  -2.526  1.00 11.35 ? 89  PRO A CB  1 
ATOM   657  C CG  . PRO A 1 89  ? -16.131 -5.760  -1.324  1.00 12.12 ? 89  PRO A CG  1 
ATOM   658  C CD  . PRO A 1 89  ? -15.097 -5.395  -0.309  1.00 10.03 ? 89  PRO A CD  1 
ATOM   659  N N   . GLY A 1 90  ? -12.278 -7.393  -3.470  1.00 12.37 ? 90  GLY A N   1 
ATOM   660  C CA  . GLY A 1 90  ? -11.056 -7.078  -4.190  1.00 11.22 ? 90  GLY A CA  1 
ATOM   661  C C   . GLY A 1 90  ? -11.305 -6.011  -5.233  1.00 12.75 ? 90  GLY A C   1 
ATOM   662  O O   . GLY A 1 90  ? -10.376 -5.378  -5.730  1.00 12.65 ? 90  GLY A O   1 
ATOM   663  N N   . SER A 1 91  ? -12.578 -5.807  -5.553  1.00 13.18 ? 91  SER A N   1 
ATOM   664  C CA  . SER A 1 91  ? -12.989 -4.826  -6.549  1.00 13.29 ? 91  SER A CA  1 
ATOM   665  C C   . SER A 1 91  ? -12.986 -3.396  -6.017  1.00 13.16 ? 91  SER A C   1 
ATOM   666  O O   . SER A 1 91  ? -13.146 -2.443  -6.784  1.00 11.83 ? 91  SER A O   1 
ATOM   667  C CB  . SER A 1 91  ? -14.392 -5.166  -7.046  1.00 13.10 ? 91  SER A CB  1 
ATOM   668  O OG  . SER A 1 91  ? -15.299 -5.207  -5.955  1.00 13.94 ? 91  SER A OG  1 
ATOM   669  N N   . PHE A 1 92  ? -12.818 -3.245  -4.706  1.00 11.79 ? 92  PHE A N   1 
ATOM   670  C CA  . PHE A 1 92  ? -12.805 -1.921  -4.099  1.00 11.08 ? 92  PHE A CA  1 
ATOM   671  C C   . PHE A 1 92  ? -11.591 -1.116  -4.560  1.00 12.02 ? 92  PHE A C   1 
ATOM   672  O O   . PHE A 1 92  ? -11.730 0.013   -5.044  1.00 13.83 ? 92  PHE A O   1 
ATOM   673  C CB  . PHE A 1 92  ? -12.797 -2.027  -2.571  1.00 10.82 ? 92  PHE A CB  1 
ATOM   674  C CG  . PHE A 1 92  ? -12.689 -0.700  -1.884  1.00 10.70 ? 92  PHE A CG  1 
ATOM   675  C CD1 . PHE A 1 92  ? -13.812 0.096   -1.706  1.00 12.07 ? 92  PHE A CD1 1 
ATOM   676  C CD2 . PHE A 1 92  ? -11.450 -0.211  -1.480  1.00 12.22 ? 92  PHE A CD2 1 
ATOM   677  C CE1 . PHE A 1 92  ? -13.704 1.359   -1.143  1.00 11.18 ? 92  PHE A CE1 1 
ATOM   678  C CE2 . PHE A 1 92  ? -11.334 1.058   -0.914  1.00 12.47 ? 92  PHE A CE2 1 
ATOM   679  C CZ  . PHE A 1 92  ? -12.460 1.842   -0.748  1.00 10.29 ? 92  PHE A CZ  1 
ATOM   680  N N   . LEU A 1 93  ? -10.400 -1.691  -4.404  1.00 10.94 ? 93  LEU A N   1 
ATOM   681  C CA  . LEU A 1 93  ? -9.189  -1.000  -4.821  1.00 10.11 ? 93  LEU A CA  1 
ATOM   682  C C   . LEU A 1 93  ? -9.127  -0.852  -6.338  1.00 10.62 ? 93  LEU A C   1 
ATOM   683  O O   . LEU A 1 93  ? -8.491  0.064   -6.842  1.00 10.50 ? 93  LEU A O   1 
ATOM   684  C CB  . LEU A 1 93  ? -7.938  -1.719  -4.306  1.00 10.40 ? 93  LEU A CB  1 
ATOM   685  C CG  . LEU A 1 93  ? -7.617  -1.528  -2.811  1.00 11.63 ? 93  LEU A CG  1 
ATOM   686  C CD1 . LEU A 1 93  ? -6.281  -2.173  -2.489  1.00 12.46 ? 93  LEU A CD1 1 
ATOM   687  C CD2 . LEU A 1 93  ? -7.554  -0.039  -2.467  1.00 9.88  ? 93  LEU A CD2 1 
ATOM   688  N N   . ALA A 1 94  ? -9.780  -1.750  -7.069  1.00 9.78  ? 94  ALA A N   1 
ATOM   689  C CA  . ALA A 1 94  ? -9.794  -1.647  -8.525  1.00 11.00 ? 94  ALA A CA  1 
ATOM   690  C C   . ALA A 1 94  ? -10.535 -0.347  -8.888  1.00 11.23 ? 94  ALA A C   1 
ATOM   691  O O   . ALA A 1 94  ? -10.097 0.411   -9.762  1.00 11.71 ? 94  ALA A O   1 
ATOM   692  C CB  . ALA A 1 94  ? -10.488 -2.841  -9.124  1.00 8.26  ? 94  ALA A CB  1 
ATOM   693  N N   . ALA A 1 95  ? -11.644 -0.088  -8.194  1.00 9.83  ? 95  ALA A N   1 
ATOM   694  C CA  . ALA A 1 95  ? -12.422 1.127   -8.418  1.00 11.75 ? 95  ALA A CA  1 
ATOM   695  C C   . ALA A 1 95  ? -11.561 2.345   -8.073  1.00 11.49 ? 95  ALA A C   1 
ATOM   696  O O   . ALA A 1 95  ? -11.582 3.352   -8.775  1.00 13.64 ? 95  ALA A O   1 
ATOM   697  C CB  . ALA A 1 95  ? -13.680 1.111   -7.559  1.00 11.86 ? 95  ALA A CB  1 
ATOM   698  N N   . VAL A 1 96  ? -10.807 2.246   -6.984  1.00 10.44 ? 96  VAL A N   1 
ATOM   699  C CA  . VAL A 1 96  ? -9.919  3.323   -6.563  1.00 11.73 ? 96  VAL A CA  1 
ATOM   700  C C   . VAL A 1 96  ? -8.937  3.639   -7.688  1.00 13.01 ? 96  VAL A C   1 
ATOM   701  O O   . VAL A 1 96  ? -8.800  4.789   -8.101  1.00 12.15 ? 96  VAL A O   1 
ATOM   702  C CB  . VAL A 1 96  ? -9.086  2.925   -5.306  1.00 12.64 ? 96  VAL A CB  1 
ATOM   703  C CG1 . VAL A 1 96  ? -8.011  3.971   -5.033  1.00 10.83 ? 96  VAL A CG1 1 
ATOM   704  C CG2 . VAL A 1 96  ? -9.987  2.783   -4.103  1.00 12.96 ? 96  VAL A CG2 1 
ATOM   705  N N   . VAL A 1 97  ? -8.249  2.607   -8.171  1.00 13.49 ? 97  VAL A N   1 
ATOM   706  C CA  . VAL A 1 97  ? -7.269  2.770   -9.248  1.00 17.70 ? 97  VAL A CA  1 
ATOM   707  C C   . VAL A 1 97  ? -7.877  3.373   -10.518 1.00 19.27 ? 97  VAL A C   1 
ATOM   708  O O   . VAL A 1 97  ? -7.238  4.174   -11.208 1.00 17.66 ? 97  VAL A O   1 
ATOM   709  C CB  . VAL A 1 97  ? -6.616  1.412   -9.621  1.00 18.78 ? 97  VAL A CB  1 
ATOM   710  C CG1 . VAL A 1 97  ? -5.660  1.593   -10.790 1.00 19.60 ? 97  VAL A CG1 1 
ATOM   711  C CG2 . VAL A 1 97  ? -5.880  0.837   -8.424  1.00 17.73 ? 97  VAL A CG2 1 
ATOM   712  N N   . ASP A 1 98  ? -9.113  2.979   -10.814 1.00 20.33 ? 98  ASP A N   1 
ATOM   713  C CA  . ASP A 1 98  ? -9.823  3.446   -12.001 1.00 21.78 ? 98  ASP A CA  1 
ATOM   714  C C   . ASP A 1 98  ? -10.233 4.918   -11.915 1.00 20.65 ? 98  ASP A C   1 
ATOM   715  O O   . ASP A 1 98  ? -10.193 5.646   -12.909 1.00 19.45 ? 98  ASP A O   1 
ATOM   716  C CB  . ASP A 1 98  ? -11.076 2.597   -12.220 1.00 26.71 ? 98  ASP A CB  1 
ATOM   717  C CG  . ASP A 1 98  ? -11.423 2.447   -13.680 1.00 31.78 ? 98  ASP A CG  1 
ATOM   718  O OD1 . ASP A 1 98  ? -12.575 2.064   -13.983 1.00 35.69 ? 98  ASP A OD1 1 
ATOM   719  O OD2 . ASP A 1 98  ? -10.537 2.702   -14.529 1.00 35.12 ? 98  ASP A OD2 1 
ATOM   720  N N   . ALA A 1 99  ? -10.646 5.343   -10.730 1.00 18.31 ? 99  ALA A N   1 
ATOM   721  C CA  . ALA A 1 99  ? -11.071 6.718   -10.533 1.00 19.36 ? 99  ALA A CA  1 
ATOM   722  C C   . ALA A 1 99  ? -9.893  7.678   -10.674 1.00 19.56 ? 99  ALA A C   1 
ATOM   723  O O   . ALA A 1 99  ? -10.031 8.752   -11.245 1.00 19.58 ? 99  ALA A O   1 
ATOM   724  C CB  . ALA A 1 99  ? -11.720 6.869   -9.159  1.00 18.56 ? 99  ALA A CB  1 
ATOM   725  N N   . LEU A 1 100 ? -8.733  7.279   -10.160 1.00 20.32 ? 100 LEU A N   1 
ATOM   726  C CA  . LEU A 1 100 ? -7.532  8.107   -10.225 1.00 19.27 ? 100 LEU A CA  1 
ATOM   727  C C   . LEU A 1 100 ? -6.740  7.883   -11.506 1.00 20.06 ? 100 LEU A C   1 
ATOM   728  O O   . LEU A 1 100 ? -5.789  8.611   -11.782 1.00 18.91 ? 100 LEU A O   1 
ATOM   729  C CB  . LEU A 1 100 ? -6.632  7.805   -9.023  1.00 19.95 ? 100 LEU A CB  1 
ATOM   730  C CG  . LEU A 1 100 ? -7.107  8.256   -7.639  1.00 20.16 ? 100 LEU A CG  1 
ATOM   731  C CD1 . LEU A 1 100 ? -6.354  7.498   -6.558  1.00 21.36 ? 100 LEU A CD1 1 
ATOM   732  C CD2 . LEU A 1 100 ? -6.888  9.747   -7.489  1.00 19.42 ? 100 LEU A CD2 1 
ATOM   733  N N   . GLU A 1 101 ? -7.131  6.874   -12.282 1.00 20.70 ? 101 GLU A N   1 
ATOM   734  C CA  . GLU A 1 101 ? -6.437  6.535   -13.524 1.00 22.04 ? 101 GLU A CA  1 
ATOM   735  C C   . GLU A 1 101 ? -4.937  6.366   -13.296 1.00 21.24 ? 101 GLU A C   1 
ATOM   736  O O   . GLU A 1 101 ? -4.117  6.971   -13.983 1.00 20.96 ? 101 GLU A O   1 
ATOM   737  C CB  . GLU A 1 101 ? -6.680  7.605   -14.589 1.00 23.91 ? 101 GLU A CB  1 
ATOM   738  C CG  . GLU A 1 101 ? -8.110  7.642   -15.089 1.00 31.94 ? 101 GLU A CG  1 
ATOM   739  C CD  . GLU A 1 101 ? -8.275  8.492   -16.332 1.00 35.40 ? 101 GLU A CD  1 
ATOM   740  O OE1 . GLU A 1 101 ? -7.553  8.236   -17.325 1.00 38.85 ? 101 GLU A OE1 1 
ATOM   741  O OE2 . GLU A 1 101 ? -9.126  9.410   -16.316 1.00 38.21 ? 101 GLU A OE2 1 
ATOM   742  N N   . LEU A 1 102 ? -4.586  5.532   -12.327 1.00 20.94 ? 102 LEU A N   1 
ATOM   743  C CA  . LEU A 1 102 ? -3.192  5.283   -11.992 1.00 21.32 ? 102 LEU A CA  1 
ATOM   744  C C   . LEU A 1 102 ? -2.561  4.230   -12.885 1.00 22.26 ? 102 LEU A C   1 
ATOM   745  O O   . LEU A 1 102 ? -1.351  4.245   -13.117 1.00 23.23 ? 102 LEU A O   1 
ATOM   746  C CB  . LEU A 1 102 ? -3.079  4.791   -10.552 1.00 20.26 ? 102 LEU A CB  1 
ATOM   747  C CG  . LEU A 1 102 ? -3.636  5.641   -9.414  1.00 20.44 ? 102 LEU A CG  1 
ATOM   748  C CD1 . LEU A 1 102 ? -3.542  4.852   -8.119  1.00 19.52 ? 102 LEU A CD1 1 
ATOM   749  C CD2 . LEU A 1 102 ? -2.856  6.942   -9.310  1.00 20.19 ? 102 LEU A CD2 1 
ATOM   750  N N   . GLY A 1 103 ? -3.385  3.315   -13.384 1.00 24.14 ? 103 GLY A N   1 
ATOM   751  C CA  . GLY A 1 103 ? -2.872  2.222   -14.192 1.00 23.87 ? 103 GLY A CA  1 
ATOM   752  C C   . GLY A 1 103 ? -2.416  1.184   -13.175 1.00 24.13 ? 103 GLY A C   1 
ATOM   753  O O   . GLY A 1 103 ? -2.529  1.448   -11.978 1.00 22.52 ? 103 GLY A O   1 
ATOM   754  N N   . PRO A 1 104 ? -1.915  0.005   -13.593 1.00 24.85 ? 104 PRO A N   1 
ATOM   755  C CA  . PRO A 1 104 ? -1.462  -1.016  -12.636 1.00 23.51 ? 104 PRO A CA  1 
ATOM   756  C C   . PRO A 1 104 ? -0.451  -0.391  -11.678 1.00 21.08 ? 104 PRO A C   1 
ATOM   757  O O   . PRO A 1 104 ? 0.612   0.047   -12.101 1.00 20.41 ? 104 PRO A O   1 
ATOM   758  C CB  . PRO A 1 104 ? -0.825  -2.070  -13.537 1.00 25.11 ? 104 PRO A CB  1 
ATOM   759  C CG  . PRO A 1 104 ? -1.633  -1.961  -14.790 1.00 26.31 ? 104 PRO A CG  1 
ATOM   760  C CD  . PRO A 1 104 ? -1.741  -0.465  -14.977 1.00 25.20 ? 104 PRO A CD  1 
ATOM   761  N N   . PRO A 1 105 ? -0.771  -0.343  -10.375 1.00 19.82 ? 105 PRO A N   1 
ATOM   762  C CA  . PRO A 1 105 ? 0.161   0.262   -9.421  1.00 19.29 ? 105 PRO A CA  1 
ATOM   763  C C   . PRO A 1 105 ? 0.867   -0.655  -8.436  1.00 17.87 ? 105 PRO A C   1 
ATOM   764  O O   . PRO A 1 105 ? 0.476   -1.799  -8.228  1.00 19.27 ? 105 PRO A O   1 
ATOM   765  C CB  . PRO A 1 105 ? -0.733  1.231   -8.676  1.00 19.93 ? 105 PRO A CB  1 
ATOM   766  C CG  . PRO A 1 105 ? -1.958  0.375   -8.470  1.00 19.56 ? 105 PRO A CG  1 
ATOM   767  C CD  . PRO A 1 105 ? -2.134  -0.360  -9.810  1.00 19.86 ? 105 PRO A CD  1 
ATOM   768  N N   . VAL A 1 106 ? 1.922   -0.128  -7.828  1.00 16.49 ? 106 VAL A N   1 
ATOM   769  C CA  . VAL A 1 106 ? 2.629   -0.856  -6.795  1.00 14.38 ? 106 VAL A CA  1 
ATOM   770  C C   . VAL A 1 106 ? 1.817   -0.484  -5.555  1.00 13.75 ? 106 VAL A C   1 
ATOM   771  O O   . VAL A 1 106 ? 1.620   0.701   -5.268  1.00 10.85 ? 106 VAL A O   1 
ATOM   772  C CB  . VAL A 1 106 ? 4.071   -0.350  -6.608  1.00 14.61 ? 106 VAL A CB  1 
ATOM   773  C CG1 . VAL A 1 106 ? 4.634   -0.896  -5.306  1.00 13.20 ? 106 VAL A CG1 1 
ATOM   774  C CG2 . VAL A 1 106 ? 4.939   -0.790  -7.783  1.00 13.03 ? 106 VAL A CG2 1 
ATOM   775  N N   . VAL A 1 107 ? 1.330   -1.487  -4.836  1.00 11.95 ? 107 VAL A N   1 
ATOM   776  C CA  . VAL A 1 107 ? 0.532   -1.229  -3.642  1.00 12.64 ? 107 VAL A CA  1 
ATOM   777  C C   . VAL A 1 107 ? 1.317   -1.454  -2.349  1.00 12.89 ? 107 VAL A C   1 
ATOM   778  O O   . VAL A 1 107 ? 1.822   -2.553  -2.099  1.00 13.71 ? 107 VAL A O   1 
ATOM   779  C CB  . VAL A 1 107 ? -0.734  -2.124  -3.615  1.00 8.77  ? 107 VAL A CB  1 
ATOM   780  C CG1 . VAL A 1 107 ? -1.541  -1.859  -2.357  1.00 10.47 ? 107 VAL A CG1 1 
ATOM   781  C CG2 . VAL A 1 107 ? -1.582  -1.857  -4.852  1.00 8.16  ? 107 VAL A CG2 1 
ATOM   782  N N   . ILE A 1 108 ? 1.425   -0.399  -1.544  1.00 13.19 ? 108 ILE A N   1 
ATOM   783  C CA  . ILE A 1 108 ? 2.113   -0.466  -0.256  1.00 12.39 ? 108 ILE A CA  1 
ATOM   784  C C   . ILE A 1 108 ? 0.991   -0.661  0.747   1.00 10.62 ? 108 ILE A C   1 
ATOM   785  O O   . ILE A 1 108 ? 0.132   0.202   0.901   1.00 9.82  ? 108 ILE A O   1 
ATOM   786  C CB  . ILE A 1 108 ? 2.889   0.834   0.024   1.00 12.41 ? 108 ILE A CB  1 
ATOM   787  C CG1 . ILE A 1 108 ? 3.998   0.988   -1.021  1.00 12.52 ? 108 ILE A CG1 1 
ATOM   788  C CG2 . ILE A 1 108 ? 3.477   0.804   1.423   1.00 11.22 ? 108 ILE A CG2 1 
ATOM   789  C CD1 . ILE A 1 108 ? 4.848   2.229   -0.854  1.00 15.57 ? 108 ILE A CD1 1 
ATOM   790  N N   . SER A 1 109 ? 0.998   -1.802  1.426   1.00 11.53 ? 109 SER A N   1 
ATOM   791  C CA  . SER A 1 109 ? -0.086  -2.126  2.341   1.00 10.53 ? 109 SER A CA  1 
ATOM   792  C C   . SER A 1 109 ? 0.276   -2.541  3.762   1.00 11.08 ? 109 SER A C   1 
ATOM   793  O O   . SER A 1 109 ? 0.591   -3.703  4.031   1.00 11.03 ? 109 SER A O   1 
ATOM   794  C CB  . SER A 1 109 ? -0.945  -3.218  1.697   1.00 10.01 ? 109 SER A CB  1 
ATOM   795  O OG  . SER A 1 109 ? -2.034  -3.589  2.521   1.00 12.07 ? 109 SER A OG  1 
ATOM   796  N N   . PRO A 1 110 ? 0.224   -1.592  4.701   1.00 10.39 ? 110 PRO A N   1 
ATOM   797  C CA  . PRO A 1 110 ? 0.558   -1.966  6.073   1.00 9.79  ? 110 PRO A CA  1 
ATOM   798  C C   . PRO A 1 110 ? -0.657  -2.278  6.947   1.00 11.19 ? 110 PRO A C   1 
ATOM   799  O O   . PRO A 1 110 ? -1.759  -1.748  6.740   1.00 9.29  ? 110 PRO A O   1 
ATOM   800  C CB  . PRO A 1 110 ? 1.318   -0.747  6.581   1.00 10.84 ? 110 PRO A CB  1 
ATOM   801  C CG  . PRO A 1 110 ? 0.579   0.382   5.920   1.00 10.31 ? 110 PRO A CG  1 
ATOM   802  C CD  . PRO A 1 110 ? 0.330   -0.130  4.507   1.00 9.36  ? 110 PRO A CD  1 
ATOM   803  N N   . SER A 1 111 ? -0.440  -3.168  7.910   1.00 10.46 ? 111 SER A N   1 
ATOM   804  C CA  . SER A 1 111 ? -1.446  -3.524  8.900   1.00 11.29 ? 111 SER A CA  1 
ATOM   805  C C   . SER A 1 111 ? -2.904  -3.678  8.415   1.00 9.16  ? 111 SER A C   1 
ATOM   806  O O   . SER A 1 111 ? -3.219  -4.536  7.598   1.00 9.83  ? 111 SER A O   1 
ATOM   807  C CB  . SER A 1 111 ? -1.372  -2.474  10.029  1.00 10.01 ? 111 SER A CB  1 
ATOM   808  O OG  . SER A 1 111 ? -2.107  -2.861  11.179  1.00 14.48 ? 111 SER A OG  1 
ATOM   809  N N   . LEU A 1 112 ? -3.784  -2.842  8.950   1.00 9.22  ? 112 LEU A N   1 
ATOM   810  C CA  . LEU A 1 112 ? -5.207  -2.872  8.626   1.00 7.74  ? 112 LEU A CA  1 
ATOM   811  C C   . LEU A 1 112 ? -5.557  -3.010  7.147   1.00 8.69  ? 112 LEU A C   1 
ATOM   812  O O   . LEU A 1 112 ? -6.462  -3.776  6.788   1.00 5.91  ? 112 LEU A O   1 
ATOM   813  C CB  . LEU A 1 112 ? -5.895  -1.612  9.164   1.00 8.59  ? 112 LEU A CB  1 
ATOM   814  C CG  . LEU A 1 112 ? -7.414  -1.572  8.939   1.00 10.95 ? 112 LEU A CG  1 
ATOM   815  C CD1 . LEU A 1 112 ? -8.082  -2.454  9.979   1.00 11.64 ? 112 LEU A CD1 1 
ATOM   816  C CD2 . LEU A 1 112 ? -7.943  -0.157  9.041   1.00 10.81 ? 112 LEU A CD2 1 
ATOM   817  N N   . SER A 1 113 ? -4.847  -2.271  6.295   1.00 5.98  ? 113 SER A N   1 
ATOM   818  C CA  . SER A 1 113 ? -5.126  -2.272  4.862   1.00 5.51  ? 113 SER A CA  1 
ATOM   819  C C   . SER A 1 113 ? -5.014  -3.643  4.214   1.00 4.68  ? 113 SER A C   1 
ATOM   820  O O   . SER A 1 113 ? -5.401  -3.819  3.068   1.00 5.53  ? 113 SER A O   1 
ATOM   821  C CB  . SER A 1 113 ? -4.217  -1.267  4.138   1.00 4.44  ? 113 SER A CB  1 
ATOM   822  O OG  . SER A 1 113 ? -2.851  -1.661  4.185   1.00 8.07  ? 113 SER A OG  1 
ATOM   823  N N   . GLY A 1 114 ? -4.484  -4.614  4.949   1.00 6.03  ? 114 GLY A N   1 
ATOM   824  C CA  . GLY A 1 114 ? -4.366  -5.948  4.400   1.00 5.34  ? 114 GLY A CA  1 
ATOM   825  C C   . GLY A 1 114 ? -5.720  -6.438  3.936   1.00 7.77  ? 114 GLY A C   1 
ATOM   826  O O   . GLY A 1 114 ? -5.819  -7.120  2.924   1.00 7.31  ? 114 GLY A O   1 
ATOM   827  N N   . MET A 1 115 ? -6.771  -6.081  4.673   1.00 8.77  ? 115 MET A N   1 
ATOM   828  C CA  . MET A 1 115 ? -8.125  -6.505  4.324   1.00 8.63  ? 115 MET A CA  1 
ATOM   829  C C   . MET A 1 115 ? -8.590  -5.995  2.962   1.00 8.91  ? 115 MET A C   1 
ATOM   830  O O   . MET A 1 115 ? -9.522  -6.550  2.381   1.00 6.43  ? 115 MET A O   1 
ATOM   831  C CB  . MET A 1 115 ? -9.126  -6.076  5.410   1.00 9.63  ? 115 MET A CB  1 
ATOM   832  C CG  . MET A 1 115 ? -9.310  -4.577  5.568   1.00 10.26 ? 115 MET A CG  1 
ATOM   833  S SD  . MET A 1 115 ? -10.510 -4.209  6.881   1.00 12.10 ? 115 MET A SD  1 
ATOM   834  C CE  . MET A 1 115 ? -12.027 -4.745  6.100   1.00 11.15 ? 115 MET A CE  1 
ATOM   835  N N   . TYR A 1 116 ? -7.947  -4.942  2.461   1.00 9.06  ? 116 TYR A N   1 
ATOM   836  C CA  . TYR A 1 116 ? -8.295  -4.384  1.156   1.00 8.30  ? 116 TYR A CA  1 
ATOM   837  C C   . TYR A 1 116 ? -7.313  -4.822  0.074   1.00 9.10  ? 116 TYR A C   1 
ATOM   838  O O   . TYR A 1 116 ? -7.717  -5.220  -1.014  1.00 9.59  ? 116 TYR A O   1 
ATOM   839  C CB  . TYR A 1 116 ? -8.299  -2.847  1.174   1.00 7.58  ? 116 TYR A CB  1 
ATOM   840  C CG  . TYR A 1 116 ? -9.388  -2.197  1.995   1.00 8.32  ? 116 TYR A CG  1 
ATOM   841  C CD1 . TYR A 1 116 ? -9.178  -1.867  3.334   1.00 9.48  ? 116 TYR A CD1 1 
ATOM   842  C CD2 . TYR A 1 116 ? -10.625 -1.897  1.428   1.00 10.59 ? 116 TYR A CD2 1 
ATOM   843  C CE1 . TYR A 1 116 ? -10.173 -1.251  4.086   1.00 9.82  ? 116 TYR A CE1 1 
ATOM   844  C CE2 . TYR A 1 116 ? -11.630 -1.280  2.171   1.00 9.21  ? 116 TYR A CE2 1 
ATOM   845  C CZ  . TYR A 1 116 ? -11.396 -0.960  3.498   1.00 10.30 ? 116 TYR A CZ  1 
ATOM   846  O OH  . TYR A 1 116 ? -12.373 -0.345  4.236   1.00 9.20  ? 116 TYR A OH  1 
ATOM   847  N N   . SER A 1 117 ? -6.024  -4.751  0.384   1.00 8.47  ? 117 SER A N   1 
ATOM   848  C CA  . SER A 1 117 ? -4.991  -5.092  -0.583  1.00 9.98  ? 117 SER A CA  1 
ATOM   849  C C   . SER A 1 117 ? -4.889  -6.556  -0.999  1.00 10.69 ? 117 SER A C   1 
ATOM   850  O O   . SER A 1 117 ? -4.717  -6.853  -2.183  1.00 10.45 ? 117 SER A O   1 
ATOM   851  C CB  . SER A 1 117 ? -3.636  -4.631  -0.065  1.00 7.58  ? 117 SER A CB  1 
ATOM   852  O OG  . SER A 1 117 ? -3.316  -5.338  1.116   1.00 12.20 ? 117 SER A OG  1 
ATOM   853  N N   . LEU A 1 118 ? -4.984  -7.474  -0.045  1.00 10.64 ? 118 LEU A N   1 
ATOM   854  C CA  . LEU A 1 118 ? -4.865  -8.887  -0.381  1.00 10.90 ? 118 LEU A CA  1 
ATOM   855  C C   . LEU A 1 118 ? -5.930  -9.388  -1.364  1.00 11.66 ? 118 LEU A C   1 
ATOM   856  O O   . LEU A 1 118 ? -5.608  -10.087 -2.331  1.00 11.16 ? 118 LEU A O   1 
ATOM   857  C CB  . LEU A 1 118 ? -4.857  -9.732  0.899   1.00 10.82 ? 118 LEU A CB  1 
ATOM   858  C CG  . LEU A 1 118 ? -3.627  -9.495  1.783   1.00 12.41 ? 118 LEU A CG  1 
ATOM   859  C CD1 . LEU A 1 118 ? -3.766  -10.238 3.097   1.00 11.99 ? 118 LEU A CD1 1 
ATOM   860  C CD2 . LEU A 1 118 ? -2.374  -9.947  1.037   1.00 12.66 ? 118 LEU A CD2 1 
ATOM   861  N N   . PRO A 1 119 ? -7.212  -9.049  -1.134  1.00 11.59 ? 119 PRO A N   1 
ATOM   862  C CA  . PRO A 1 119 ? -8.246  -9.515  -2.068  1.00 11.04 ? 119 PRO A CA  1 
ATOM   863  C C   . PRO A 1 119 ? -8.029  -8.934  -3.471  1.00 11.13 ? 119 PRO A C   1 
ATOM   864  O O   . PRO A 1 119 ? -8.364  -9.558  -4.470  1.00 12.51 ? 119 PRO A O   1 
ATOM   865  C CB  . PRO A 1 119 ? -9.535  -9.010  -1.429  1.00 11.98 ? 119 PRO A CB  1 
ATOM   866  C CG  . PRO A 1 119 ? -9.206  -8.993  0.035   1.00 11.79 ? 119 PRO A CG  1 
ATOM   867  C CD  . PRO A 1 119 ? -7.824  -8.401  0.042   1.00 11.03 ? 119 PRO A CD  1 
ATOM   868  N N   . PHE A 1 120 ? -7.458  -7.734  -3.530  1.00 10.53 ? 120 PHE A N   1 
ATOM   869  C CA  . PHE A 1 120 ? -7.179  -7.056  -4.795  1.00 9.42  ? 120 PHE A CA  1 
ATOM   870  C C   . PHE A 1 120 ? -5.977  -7.720  -5.495  1.00 10.63 ? 120 PHE A C   1 
ATOM   871  O O   . PHE A 1 120 ? -5.998  -7.979  -6.698  1.00 7.89  ? 120 PHE A O   1 
ATOM   872  C CB  . PHE A 1 120 ? -6.905  -5.577  -4.507  1.00 10.39 ? 120 PHE A CB  1 
ATOM   873  C CG  . PHE A 1 120 ? -6.526  -4.770  -5.709  1.00 9.91  ? 120 PHE A CG  1 
ATOM   874  C CD1 . PHE A 1 120 ? -7.339  -4.741  -6.834  1.00 10.73 ? 120 PHE A CD1 1 
ATOM   875  C CD2 . PHE A 1 120 ? -5.374  -3.995  -5.695  1.00 10.27 ? 120 PHE A CD2 1 
ATOM   876  C CE1 . PHE A 1 120 ? -7.012  -3.948  -7.922  1.00 12.21 ? 120 PHE A CE1 1 
ATOM   877  C CE2 . PHE A 1 120 ? -5.039  -3.197  -6.782  1.00 12.83 ? 120 PHE A CE2 1 
ATOM   878  C CZ  . PHE A 1 120 ? -5.860  -3.174  -7.897  1.00 11.67 ? 120 PHE A CZ  1 
ATOM   879  N N   . LEU A 1 121 ? -4.941  -8.016  -4.723  1.00 10.10 ? 121 LEU A N   1 
ATOM   880  C CA  . LEU A 1 121 ? -3.746  -8.666  -5.250  1.00 11.93 ? 121 LEU A CA  1 
ATOM   881  C C   . LEU A 1 121 ? -4.146  -9.989  -5.909  1.00 12.01 ? 121 LEU A C   1 
ATOM   882  O O   . LEU A 1 121 ? -3.571  -10.397 -6.912  1.00 11.80 ? 121 LEU A O   1 
ATOM   883  C CB  . LEU A 1 121 ? -2.770  -8.939  -4.096  1.00 11.32 ? 121 LEU A CB  1 
ATOM   884  C CG  . LEU A 1 121 ? -1.252  -9.182  -4.197  1.00 12.05 ? 121 LEU A CG  1 
ATOM   885  C CD1 . LEU A 1 121 ? -0.925  -10.456 -3.434  1.00 10.51 ? 121 LEU A CD1 1 
ATOM   886  C CD2 . LEU A 1 121 ? -0.775  -9.260  -5.627  1.00 12.81 ? 121 LEU A CD2 1 
ATOM   887  N N   . THR A 1 122 ? -5.149  -10.648 -5.345  1.00 13.18 ? 122 THR A N   1 
ATOM   888  C CA  . THR A 1 122 ? -5.592  -11.938 -5.858  1.00 14.17 ? 122 THR A CA  1 
ATOM   889  C C   . THR A 1 122 ? -6.833  -11.912 -6.752  1.00 15.37 ? 122 THR A C   1 
ATOM   890  O O   . THR A 1 122 ? -7.388  -12.961 -7.078  1.00 15.33 ? 122 THR A O   1 
ATOM   891  C CB  . THR A 1 122 ? -5.847  -12.920 -4.687  1.00 14.36 ? 122 THR A CB  1 
ATOM   892  O OG1 . THR A 1 122 ? -6.818  -12.363 -3.796  1.00 15.07 ? 122 THR A OG1 1 
ATOM   893  C CG2 . THR A 1 122 ? -4.558  -13.165 -3.912  1.00 11.95 ? 122 THR A CG2 1 
ATOM   894  N N   . ALA A 1 123 ? -7.271  -10.724 -7.154  1.00 15.13 ? 123 ALA A N   1 
ATOM   895  C CA  . ALA A 1 123 ? -8.450  -10.623 -8.009  1.00 15.83 ? 123 ALA A CA  1 
ATOM   896  C C   . ALA A 1 123 ? -8.122  -11.104 -9.423  1.00 16.98 ? 123 ALA A C   1 
ATOM   897  O O   . ALA A 1 123 ? -6.993  -10.969 -9.888  1.00 17.63 ? 123 ALA A O   1 
ATOM   898  C CB  . ALA A 1 123 ? -8.953  -9.186  -8.050  1.00 12.23 ? 123 ALA A CB  1 
ATOM   899  N N   . PRO A 1 124 ? -9.115  -11.671 -10.123 1.00 17.43 ? 124 PRO A N   1 
ATOM   900  C CA  . PRO A 1 124 ? -8.960  -12.181 -11.489 1.00 18.49 ? 124 PRO A CA  1 
ATOM   901  C C   . PRO A 1 124 ? -8.461  -11.116 -12.465 1.00 19.12 ? 124 PRO A C   1 
ATOM   902  O O   . PRO A 1 124 ? -9.042  -10.041 -12.564 1.00 17.95 ? 124 PRO A O   1 
ATOM   903  C CB  . PRO A 1 124 ? -10.370 -12.655 -11.843 1.00 17.69 ? 124 PRO A CB  1 
ATOM   904  C CG  . PRO A 1 124 ? -10.942 -13.037 -10.523 1.00 18.24 ? 124 PRO A CG  1 
ATOM   905  C CD  . PRO A 1 124 ? -10.481 -11.909 -9.632  1.00 16.29 ? 124 PRO A CD  1 
ATOM   906  N N   . GLY A 1 125 ? -7.383  -11.429 -13.176 1.00 21.65 ? 125 GLY A N   1 
ATOM   907  C CA  . GLY A 1 125 ? -6.830  -10.503 -14.148 1.00 24.96 ? 125 GLY A CA  1 
ATOM   908  C C   . GLY A 1 125 ? -6.106  -9.327  -13.529 1.00 26.17 ? 125 GLY A C   1 
ATOM   909  O O   . GLY A 1 125 ? -5.531  -8.494  -14.225 1.00 26.19 ? 125 GLY A O   1 
ATOM   910  N N   . SER A 1 126 ? -6.127  -9.264  -12.208 1.00 28.44 ? 126 SER A N   1 
ATOM   911  C CA  . SER A 1 126 ? -5.475  -8.180  -11.493 1.00 31.19 ? 126 SER A CA  1 
ATOM   912  C C   . SER A 1 126 ? -4.012  -8.485  -11.220 1.00 33.55 ? 126 SER A C   1 
ATOM   913  O O   . SER A 1 126 ? -3.659  -8.902  -10.111 1.00 36.66 ? 126 SER A O   1 
ATOM   914  C CB  . SER A 1 126 ? -6.197  -7.928  -10.168 1.00 32.43 ? 126 SER A CB  1 
ATOM   915  O OG  . SER A 1 126 ? -5.405  -7.162  -9.280  1.00 31.17 ? 126 SER A OG  1 
ATOM   916  N N   . GLN A 1 127 ? -3.159  -8.278  -12.215 1.00 32.56 ? 127 GLN A N   1 
ATOM   917  C CA  . GLN A 1 127 ? -1.744  -8.529  -12.024 1.00 32.75 ? 127 GLN A CA  1 
ATOM   918  C C   . GLN A 1 127 ? -1.021  -7.199  -11.826 1.00 30.60 ? 127 GLN A C   1 
ATOM   919  O O   . GLN A 1 127 ? -0.873  -6.404  -12.754 1.00 30.21 ? 127 GLN A O   1 
ATOM   920  C CB  . GLN A 1 127 ? -1.190  -9.302  -13.219 1.00 36.76 ? 127 GLN A CB  1 
ATOM   921  C CG  . GLN A 1 127 ? -1.895  -10.644 -13.415 1.00 41.67 ? 127 GLN A CG  1 
ATOM   922  C CD  . GLN A 1 127 ? -1.318  -11.466 -14.561 1.00 45.70 ? 127 GLN A CD  1 
ATOM   923  O OE1 . GLN A 1 127 ? -1.261  -11.007 -15.711 1.00 47.17 ? 127 GLN A OE1 1 
ATOM   924  N NE2 . GLN A 1 127 ? -0.890  -12.694 -14.254 1.00 46.46 ? 127 GLN A NE2 1 
ATOM   925  N N   . LEU A 1 128 ? -0.593  -6.959  -10.593 1.00 27.67 ? 128 LEU A N   1 
ATOM   926  C CA  . LEU A 1 128 ? 0.087   -5.726  -10.234 1.00 23.91 ? 128 LEU A CA  1 
ATOM   927  C C   . LEU A 1 128 ? 1.589   -5.784  -10.474 1.00 22.85 ? 128 LEU A C   1 
ATOM   928  O O   . LEU A 1 128 ? 2.181   -6.861  -10.504 1.00 22.76 ? 128 LEU A O   1 
ATOM   929  C CB  . LEU A 1 128 ? -0.175  -5.406  -8.767  1.00 22.20 ? 128 LEU A CB  1 
ATOM   930  C CG  . LEU A 1 128 ? -1.632  -5.389  -8.300  1.00 20.92 ? 128 LEU A CG  1 
ATOM   931  C CD1 . LEU A 1 128 ? -1.656  -4.991  -6.835  1.00 20.21 ? 128 LEU A CD1 1 
ATOM   932  C CD2 . LEU A 1 128 ? -2.454  -4.415  -9.121  1.00 21.08 ? 128 LEU A CD2 1 
ATOM   933  N N   . PRO A 1 129 ? 2.223   -4.612  -10.644 1.00 21.50 ? 129 PRO A N   1 
ATOM   934  C CA  . PRO A 1 129 ? 3.664   -4.479  -10.884 1.00 19.86 ? 129 PRO A CA  1 
ATOM   935  C C   . PRO A 1 129 ? 4.493   -4.772  -9.632  1.00 18.26 ? 129 PRO A C   1 
ATOM   936  O O   . PRO A 1 129 ? 5.632   -5.217  -9.724  1.00 18.62 ? 129 PRO A O   1 
ATOM   937  C CB  . PRO A 1 129 ? 3.813   -3.018  -11.318 1.00 19.71 ? 129 PRO A CB  1 
ATOM   938  C CG  . PRO A 1 129 ? 2.437   -2.621  -11.755 1.00 19.97 ? 129 PRO A CG  1 
ATOM   939  C CD  . PRO A 1 129 ? 1.566   -3.300  -10.760 1.00 20.80 ? 129 PRO A CD  1 
ATOM   940  N N   . GLY A 1 130 ? 3.918   -4.506  -8.465  1.00 17.27 ? 130 GLY A N   1 
ATOM   941  C CA  . GLY A 1 130 ? 4.630   -4.742  -7.226  1.00 14.62 ? 130 GLY A CA  1 
ATOM   942  C C   . GLY A 1 130 ? 3.719   -4.663  -6.020  1.00 14.47 ? 130 GLY A C   1 
ATOM   943  O O   . GLY A 1 130 ? 2.692   -3.990  -6.051  1.00 13.96 ? 130 GLY A O   1 
ATOM   944  N N   . PHE A 1 131 ? 4.105   -5.354  -4.955  1.00 12.70 ? 131 PHE A N   1 
ATOM   945  C CA  . PHE A 1 131 ? 3.329   -5.382  -3.724  1.00 13.13 ? 131 PHE A CA  1 
ATOM   946  C C   . PHE A 1 131 ? 4.260   -5.268  -2.530  1.00 13.05 ? 131 PHE A C   1 
ATOM   947  O O   . PHE A 1 131 ? 5.223   -6.026  -2.412  1.00 15.28 ? 131 PHE A O   1 
ATOM   948  C CB  . PHE A 1 131 ? 2.538   -6.689  -3.646  1.00 12.83 ? 131 PHE A CB  1 
ATOM   949  C CG  . PHE A 1 131 ? 1.676   -6.810  -2.427  1.00 11.60 ? 131 PHE A CG  1 
ATOM   950  C CD1 . PHE A 1 131 ? 0.777   -5.804  -2.090  1.00 13.15 ? 131 PHE A CD1 1 
ATOM   951  C CD2 . PHE A 1 131 ? 1.732   -7.954  -1.640  1.00 10.47 ? 131 PHE A CD2 1 
ATOM   952  C CE1 . PHE A 1 131 ? -0.057  -5.937  -0.987  1.00 13.59 ? 131 PHE A CE1 1 
ATOM   953  C CE2 . PHE A 1 131 ? 0.901   -8.099  -0.532  1.00 12.87 ? 131 PHE A CE2 1 
ATOM   954  C CZ  . PHE A 1 131 ? 0.004   -7.090  -0.205  1.00 12.63 ? 131 PHE A CZ  1 
ATOM   955  N N   . VAL A 1 132 ? 3.973   -4.323  -1.642  1.00 11.06 ? 132 VAL A N   1 
ATOM   956  C CA  . VAL A 1 132 ? 4.809   -4.122  -0.472  1.00 10.66 ? 132 VAL A CA  1 
ATOM   957  C C   . VAL A 1 132 ? 3.993   -4.197  0.814   1.00 10.63 ? 132 VAL A C   1 
ATOM   958  O O   . VAL A 1 132 ? 3.506   -3.185  1.322   1.00 11.65 ? 132 VAL A O   1 
ATOM   959  C CB  . VAL A 1 132 ? 5.545   -2.765  -0.554  1.00 10.28 ? 132 VAL A CB  1 
ATOM   960  C CG1 . VAL A 1 132 ? 6.525   -2.619  0.597   1.00 10.55 ? 132 VAL A CG1 1 
ATOM   961  C CG2 . VAL A 1 132 ? 6.279   -2.660  -1.883  1.00 10.52 ? 132 VAL A CG2 1 
ATOM   962  N N   . PRO A 1 133 ? 3.822   -5.413  1.351   1.00 10.88 ? 133 PRO A N   1 
ATOM   963  C CA  . PRO A 1 133 ? 3.062   -5.626  2.583   1.00 10.95 ? 133 PRO A CA  1 
ATOM   964  C C   . PRO A 1 133 ? 3.937   -5.284  3.781   1.00 12.54 ? 133 PRO A C   1 
ATOM   965  O O   . PRO A 1 133 ? 5.147   -5.529  3.757   1.00 9.74  ? 133 PRO A O   1 
ATOM   966  C CB  . PRO A 1 133 ? 2.722   -7.109  2.517   1.00 11.70 ? 133 PRO A CB  1 
ATOM   967  C CG  . PRO A 1 133 ? 3.943   -7.685  1.876   1.00 9.51  ? 133 PRO A CG  1 
ATOM   968  C CD  . PRO A 1 133 ? 4.240   -6.702  0.764   1.00 9.89  ? 133 PRO A CD  1 
ATOM   969  N N   . VAL A 1 134 ? 3.329   -4.693  4.808   1.00 11.82 ? 134 VAL A N   1 
ATOM   970  C CA  . VAL A 1 134 ? 4.050   -4.327  6.022   1.00 11.71 ? 134 VAL A CA  1 
ATOM   971  C C   . VAL A 1 134 ? 3.236   -4.872  7.187   1.00 12.99 ? 134 VAL A C   1 
ATOM   972  O O   . VAL A 1 134 ? 2.458   -4.137  7.811   1.00 10.96 ? 134 VAL A O   1 
ATOM   973  C CB  . VAL A 1 134 ? 4.188   -2.789  6.186   1.00 11.59 ? 134 VAL A CB  1 
ATOM   974  C CG1 . VAL A 1 134 ? 5.144   -2.480  7.327   1.00 10.51 ? 134 VAL A CG1 1 
ATOM   975  C CG2 . VAL A 1 134 ? 4.692   -2.155  4.891   1.00 11.65 ? 134 VAL A CG2 1 
ATOM   976  N N   . ALA A 1 135 ? 3.405   -6.164  7.455   1.00 10.88 ? 135 ALA A N   1 
ATOM   977  C CA  . ALA A 1 135 ? 2.679   -6.836  8.528   1.00 11.72 ? 135 ALA A CA  1 
ATOM   978  C C   . ALA A 1 135 ? 1.167   -6.625  8.365   1.00 11.99 ? 135 ALA A C   1 
ATOM   979  O O   . ALA A 1 135 ? 0.504   -6.104  9.257   1.00 10.58 ? 135 ALA A O   1 
ATOM   980  C CB  . ALA A 1 135 ? 3.144   -6.312  9.884   1.00 12.15 ? 135 ALA A CB  1 
ATOM   981  N N   . PRO A 1 136 ? 0.610   -7.032  7.214   1.00 12.63 ? 136 PRO A N   1 
ATOM   982  C CA  . PRO A 1 136 ? -0.822  -6.886  6.945   1.00 12.29 ? 136 PRO A CA  1 
ATOM   983  C C   . PRO A 1 136 ? -1.648  -7.871  7.769   1.00 13.19 ? 136 PRO A C   1 
ATOM   984  O O   . PRO A 1 136 ? -1.148  -8.908  8.198   1.00 13.02 ? 136 PRO A O   1 
ATOM   985  C CB  . PRO A 1 136 ? -0.943  -7.215  5.451   1.00 11.72 ? 136 PRO A CB  1 
ATOM   986  C CG  . PRO A 1 136 ? 0.461   -7.205  4.939   1.00 13.40 ? 136 PRO A CG  1 
ATOM   987  C CD  . PRO A 1 136 ? 1.277   -7.692  6.082   1.00 11.53 ? 136 PRO A CD  1 
ATOM   988  N N   . ILE A 1 137 ? -2.915  -7.546  7.980   1.00 12.71 ? 137 ILE A N   1 
ATOM   989  C CA  . ILE A 1 137 ? -3.807  -8.438  8.698   1.00 12.51 ? 137 ILE A CA  1 
ATOM   990  C C   . ILE A 1 137 ? -4.494  -9.264  7.612   1.00 12.80 ? 137 ILE A C   1 
ATOM   991  O O   . ILE A 1 137 ? -4.377  -8.950  6.422   1.00 11.92 ? 137 ILE A O   1 
ATOM   992  C CB  . ILE A 1 137 ? -4.891  -7.664  9.469   1.00 11.40 ? 137 ILE A CB  1 
ATOM   993  C CG1 . ILE A 1 137 ? -5.758  -6.872  8.487   1.00 8.45  ? 137 ILE A CG1 1 
ATOM   994  C CG2 . ILE A 1 137 ? -4.243  -6.733  10.485  1.00 12.98 ? 137 ILE A CG2 1 
ATOM   995  C CD1 . ILE A 1 137 ? -6.926  -6.156  9.126   1.00 9.56  ? 137 ILE A CD1 1 
ATOM   996  N N   . CYS A 1 138 ? -5.200  -10.315 8.028   1.00 13.99 ? 138 CYS A N   1 
ATOM   997  C CA  . CYS A 1 138 ? -5.942  -11.183 7.116   1.00 14.61 ? 138 CYS A CA  1 
ATOM   998  C C   . CYS A 1 138 ? -5.093  -12.022 6.160   1.00 14.14 ? 138 CYS A C   1 
ATOM   999  O O   . CYS A 1 138 ? -5.623  -12.586 5.207   1.00 14.76 ? 138 CYS A O   1 
ATOM   1000 C CB  . CYS A 1 138 ? -6.944  -10.348 6.305   1.00 13.91 ? 138 CYS A CB  1 
ATOM   1001 S SG  . CYS A 1 138 ? -8.351  -9.705  7.249   1.00 20.73 ? 138 CYS A SG  1 
ATOM   1002 N N   . THR A 1 139 ? -3.788  -12.118 6.402   1.00 15.13 ? 139 THR A N   1 
ATOM   1003 C CA  . THR A 1 139 ? -2.933  -12.902 5.512   1.00 16.14 ? 139 THR A CA  1 
ATOM   1004 C C   . THR A 1 139 ? -3.270  -14.390 5.539   1.00 17.49 ? 139 THR A C   1 
ATOM   1005 O O   . THR A 1 139 ? -2.944  -15.125 4.609   1.00 17.57 ? 139 THR A O   1 
ATOM   1006 C CB  . THR A 1 139 ? -1.438  -12.736 5.852   1.00 15.60 ? 139 THR A CB  1 
ATOM   1007 O OG1 . THR A 1 139 ? -1.195  -13.178 7.189   1.00 16.28 ? 139 THR A OG1 1 
ATOM   1008 C CG2 . THR A 1 139 ? -1.025  -11.289 5.719   1.00 16.89 ? 139 THR A CG2 1 
ATOM   1009 N N   . ASP A 1 140 ? -3.933  -14.829 6.603   1.00 19.14 ? 140 ASP A N   1 
ATOM   1010 C CA  . ASP A 1 140 ? -4.309  -16.230 6.748   1.00 22.40 ? 140 ASP A CA  1 
ATOM   1011 C C   . ASP A 1 140 ? -5.645  -16.538 6.071   1.00 22.64 ? 140 ASP A C   1 
ATOM   1012 O O   . ASP A 1 140 ? -6.090  -17.686 6.059   1.00 23.04 ? 140 ASP A O   1 
ATOM   1013 C CB  . ASP A 1 140 ? -4.408  -16.583 8.231   1.00 26.73 ? 140 ASP A CB  1 
ATOM   1014 C CG  . ASP A 1 140 ? -5.445  -15.746 8.954   1.00 30.99 ? 140 ASP A CG  1 
ATOM   1015 O OD1 . ASP A 1 140 ? -5.310  -14.499 8.973   1.00 34.55 ? 140 ASP A OD1 1 
ATOM   1016 O OD2 . ASP A 1 140 ? -6.405  -16.329 9.495   1.00 34.14 ? 140 ASP A OD2 1 
ATOM   1017 N N   . LYS A 1 141 ? -6.280  -15.513 5.516   1.00 22.06 ? 141 LYS A N   1 
ATOM   1018 C CA  . LYS A 1 141 ? -7.570  -15.671 4.856   1.00 22.18 ? 141 LYS A CA  1 
ATOM   1019 C C   . LYS A 1 141 ? -7.415  -15.963 3.372   1.00 22.91 ? 141 LYS A C   1 
ATOM   1020 O O   . LYS A 1 141 ? -8.399  -16.196 2.671   1.00 23.52 ? 141 LYS A O   1 
ATOM   1021 C CB  . LYS A 1 141 ? -8.409  -14.410 5.047   1.00 22.07 ? 141 LYS A CB  1 
ATOM   1022 C CG  . LYS A 1 141 ? -8.633  -14.042 6.504   1.00 24.94 ? 141 LYS A CG  1 
ATOM   1023 C CD  . LYS A 1 141 ? -9.535  -15.047 7.206   1.00 26.49 ? 141 LYS A CD  1 
ATOM   1024 C CE  . LYS A 1 141 ? -9.714  -14.694 8.677   1.00 28.25 ? 141 LYS A CE  1 
ATOM   1025 N NZ  . LYS A 1 141 ? -10.802 -15.493 9.319   1.00 28.88 ? 141 LYS A NZ  1 
ATOM   1026 N N   . ILE A 1 142 ? -6.176  -15.933 2.897   1.00 22.53 ? 142 ILE A N   1 
ATOM   1027 C CA  . ILE A 1 142 ? -5.868  -16.208 1.499   1.00 23.69 ? 142 ILE A CA  1 
ATOM   1028 C C   . ILE A 1 142 ? -5.147  -17.556 1.507   1.00 24.50 ? 142 ILE A C   1 
ATOM   1029 O O   . ILE A 1 142 ? -4.132  -17.699 2.177   1.00 24.07 ? 142 ILE A O   1 
ATOM   1030 C CB  . ILE A 1 142 ? -4.913  -15.135 0.917   1.00 23.25 ? 142 ILE A CB  1 
ATOM   1031 C CG1 . ILE A 1 142 ? -5.478  -13.730 1.165   1.00 22.47 ? 142 ILE A CG1 1 
ATOM   1032 C CG2 . ILE A 1 142 ? -4.676  -15.392 -0.563  1.00 23.42 ? 142 ILE A CG2 1 
ATOM   1033 C CD1 . ILE A 1 142 ? -6.840  -13.473 0.544   1.00 21.12 ? 142 ILE A CD1 1 
ATOM   1034 N N   . ASN A 1 143 ? -5.654  -18.541 0.774   1.00 25.77 ? 143 ASN A N   1 
ATOM   1035 C CA  . ASN A 1 143 ? -5.004  -19.849 0.785   1.00 29.61 ? 143 ASN A CA  1 
ATOM   1036 C C   . ASN A 1 143 ? -3.768  -19.947 -0.105  1.00 28.76 ? 143 ASN A C   1 
ATOM   1037 O O   . ASN A 1 143 ? -3.621  -19.220 -1.085  1.00 27.72 ? 143 ASN A O   1 
ATOM   1038 C CB  . ASN A 1 143 ? -6.005  -20.955 0.428   1.00 31.96 ? 143 ASN A CB  1 
ATOM   1039 C CG  . ASN A 1 143 ? -6.456  -20.895 -1.011  1.00 34.72 ? 143 ASN A CG  1 
ATOM   1040 O OD1 . ASN A 1 143 ? -6.745  -19.821 -1.536  1.00 37.32 ? 143 ASN A OD1 1 
ATOM   1041 N ND2 . ASN A 1 143 ? -6.540  -22.057 -1.656  1.00 36.58 ? 143 ASN A ND2 1 
ATOM   1042 N N   . ALA A 1 144 ? -2.877  -20.856 0.276   1.00 28.97 ? 144 ALA A N   1 
ATOM   1043 C CA  . ALA A 1 144 ? -1.626  -21.105 -0.428  1.00 29.02 ? 144 ALA A CA  1 
ATOM   1044 C C   . ALA A 1 144 ? -1.788  -21.097 -1.938  1.00 29.60 ? 144 ALA A C   1 
ATOM   1045 O O   . ALA A 1 144 ? -0.992  -20.480 -2.649  1.00 31.33 ? 144 ALA A O   1 
ATOM   1046 C CB  . ALA A 1 144 ? -1.041  -22.444 0.023   1.00 29.89 ? 144 ALA A CB  1 
ATOM   1047 N N   . ALA A 1 145 ? -2.815  -21.781 -2.428  1.00 29.38 ? 145 ALA A N   1 
ATOM   1048 C CA  . ALA A 1 145 ? -3.063  -21.858 -3.863  1.00 29.74 ? 145 ALA A CA  1 
ATOM   1049 C C   . ALA A 1 145 ? -3.177  -20.486 -4.525  1.00 29.04 ? 145 ALA A C   1 
ATOM   1050 O O   . ALA A 1 145 ? -2.651  -20.280 -5.618  1.00 29.26 ? 145 ALA A O   1 
ATOM   1051 C CB  . ALA A 1 145 ? -4.325  -22.676 -4.130  1.00 29.37 ? 145 ALA A CB  1 
ATOM   1052 N N   . ASN A 1 146 ? -3.868  -19.550 -3.878  1.00 28.54 ? 146 ASN A N   1 
ATOM   1053 C CA  . ASN A 1 146 ? -4.020  -18.215 -4.443  1.00 27.17 ? 146 ASN A CA  1 
ATOM   1054 C C   . ASN A 1 146 ? -2.730  -17.401 -4.352  1.00 25.47 ? 146 ASN A C   1 
ATOM   1055 O O   . ASN A 1 146 ? -2.408  -16.641 -5.265  1.00 25.45 ? 146 ASN A O   1 
ATOM   1056 C CB  . ASN A 1 146 ? -5.172  -17.473 -3.762  1.00 30.02 ? 146 ASN A CB  1 
ATOM   1057 C CG  . ASN A 1 146 ? -6.537  -17.952 -4.243  1.00 34.36 ? 146 ASN A CG  1 
ATOM   1058 O OD1 . ASN A 1 146 ? -6.799  -17.995 -5.446  1.00 35.89 ? 146 ASN A OD1 1 
ATOM   1059 N ND2 . ASN A 1 146 ? -7.412  -18.308 -3.307  1.00 33.48 ? 146 ASN A ND2 1 
ATOM   1060 N N   . TYR A 1 147 ? -1.993  -17.557 -3.256  1.00 23.29 ? 147 TYR A N   1 
ATOM   1061 C CA  . TYR A 1 147 ? -0.726  -16.850 -3.091  1.00 22.16 ? 147 TYR A CA  1 
ATOM   1062 C C   . TYR A 1 147 ? 0.265   -17.307 -4.158  1.00 22.08 ? 147 TYR A C   1 
ATOM   1063 O O   . TYR A 1 147 ? 0.911   -16.490 -4.811  1.00 21.09 ? 147 TYR A O   1 
ATOM   1064 C CB  . TYR A 1 147 ? -0.115  -17.137 -1.722  1.00 21.49 ? 147 TYR A CB  1 
ATOM   1065 C CG  . TYR A 1 147 ? -0.598  -16.252 -0.601  1.00 20.32 ? 147 TYR A CG  1 
ATOM   1066 C CD1 . TYR A 1 147 ? -1.190  -16.800 0.536   1.00 19.06 ? 147 TYR A CD1 1 
ATOM   1067 C CD2 . TYR A 1 147 ? -0.419  -14.869 -0.650  1.00 20.46 ? 147 TYR A CD2 1 
ATOM   1068 C CE1 . TYR A 1 147 ? -1.584  -15.997 1.601   1.00 18.13 ? 147 TYR A CE1 1 
ATOM   1069 C CE2 . TYR A 1 147 ? -0.812  -14.053 0.412   1.00 18.92 ? 147 TYR A CE2 1 
ATOM   1070 C CZ  . TYR A 1 147 ? -1.391  -14.625 1.531   1.00 17.71 ? 147 TYR A CZ  1 
ATOM   1071 O OH  . TYR A 1 147 ? -1.755  -13.838 2.590   1.00 15.33 ? 147 TYR A OH  1 
ATOM   1072 N N   . ALA A 1 148 ? 0.376   -18.622 -4.328  1.00 22.11 ? 148 ALA A N   1 
ATOM   1073 C CA  . ALA A 1 148 ? 1.302   -19.204 -5.298  1.00 22.99 ? 148 ALA A CA  1 
ATOM   1074 C C   . ALA A 1 148 ? 0.986   -18.814 -6.738  1.00 22.43 ? 148 ALA A C   1 
ATOM   1075 O O   . ALA A 1 148 ? 1.837   -18.926 -7.613  1.00 22.64 ? 148 ALA A O   1 
ATOM   1076 C CB  . ALA A 1 148 ? 1.312   -20.721 -5.158  1.00 23.51 ? 148 ALA A CB  1 
ATOM   1077 N N   . SER A 1 149 ? -0.234  -18.348 -6.975  1.00 23.37 ? 149 SER A N   1 
ATOM   1078 C CA  . SER A 1 149 ? -0.659  -17.940 -8.311  1.00 24.53 ? 149 SER A CA  1 
ATOM   1079 C C   . SER A 1 149 ? -0.275  -16.498 -8.642  1.00 22.54 ? 149 SER A C   1 
ATOM   1080 O O   . SER A 1 149 ? -0.338  -16.088 -9.795  1.00 23.27 ? 149 SER A O   1 
ATOM   1081 C CB  . SER A 1 149 ? -2.176  -18.086 -8.441  1.00 25.13 ? 149 SER A CB  1 
ATOM   1082 O OG  . SER A 1 149 ? -2.591  -19.383 -8.055  1.00 32.11 ? 149 SER A OG  1 
ATOM   1083 N N   . VAL A 1 150 ? 0.112   -15.730 -7.630  1.00 22.06 ? 150 VAL A N   1 
ATOM   1084 C CA  . VAL A 1 150 ? 0.484   -14.330 -7.833  1.00 19.88 ? 150 VAL A CA  1 
ATOM   1085 C C   . VAL A 1 150 ? 1.933   -14.186 -8.275  1.00 19.96 ? 150 VAL A C   1 
ATOM   1086 O O   . VAL A 1 150 ? 2.856   -14.522 -7.536  1.00 19.96 ? 150 VAL A O   1 
ATOM   1087 C CB  . VAL A 1 150 ? 0.275   -13.502 -6.539  1.00 19.73 ? 150 VAL A CB  1 
ATOM   1088 C CG1 . VAL A 1 150 ? 0.814   -12.093 -6.729  1.00 18.07 ? 150 VAL A CG1 1 
ATOM   1089 C CG2 . VAL A 1 150 ? -1.202  -13.454 -6.183  1.00 17.40 ? 150 VAL A CG2 1 
ATOM   1090 N N   . LYS A 1 151 ? 2.132   -13.663 -9.475  1.00 18.91 ? 151 LYS A N   1 
ATOM   1091 C CA  . LYS A 1 151 ? 3.477   -13.492 -9.996  1.00 19.65 ? 151 LYS A CA  1 
ATOM   1092 C C   . LYS A 1 151 ? 4.096   -12.135 -9.670  1.00 18.87 ? 151 LYS A C   1 
ATOM   1093 O O   . LYS A 1 151 ? 5.303   -11.942 -9.839  1.00 18.02 ? 151 LYS A O   1 
ATOM   1094 C CB  . LYS A 1 151 ? 3.468   -13.713 -11.511 1.00 22.43 ? 151 LYS A CB  1 
ATOM   1095 C CG  . LYS A 1 151 ? 3.215   -15.160 -11.923 1.00 25.43 ? 151 LYS A CG  1 
ATOM   1096 C CD  . LYS A 1 151 ? 4.398   -16.048 -11.547 1.00 28.31 ? 151 LYS A CD  1 
ATOM   1097 C CE  . LYS A 1 151 ? 4.082   -17.534 -11.713 1.00 30.88 ? 151 LYS A CE  1 
ATOM   1098 N NZ  . LYS A 1 151 ? 3.109   -18.022 -10.684 1.00 31.66 ? 151 LYS A NZ  1 
ATOM   1099 N N   . THR A 1 152 ? 3.286   -11.196 -9.189  1.00 18.37 ? 152 THR A N   1 
ATOM   1100 C CA  . THR A 1 152 ? 3.804   -9.864  -8.885  1.00 16.73 ? 152 THR A CA  1 
ATOM   1101 C C   . THR A 1 152 ? 4.889   -9.839  -7.816  1.00 15.52 ? 152 THR A C   1 
ATOM   1102 O O   . THR A 1 152 ? 4.767   -10.476 -6.773  1.00 14.02 ? 152 THR A O   1 
ATOM   1103 C CB  . THR A 1 152 ? 2.683   -8.870  -8.458  1.00 17.92 ? 152 THR A CB  1 
ATOM   1104 O OG1 . THR A 1 152 ? 2.950   -8.392  -7.135  1.00 19.76 ? 152 THR A OG1 1 
ATOM   1105 C CG2 . THR A 1 152 ? 1.312   -9.516  -8.514  1.00 15.06 ? 152 THR A CG2 1 
ATOM   1106 N N   . PRO A 1 153 ? 5.981   -9.106  -8.082  1.00 15.59 ? 153 PRO A N   1 
ATOM   1107 C CA  . PRO A 1 153 ? 7.125   -8.952  -7.177  1.00 15.58 ? 153 PRO A CA  1 
ATOM   1108 C C   . PRO A 1 153 ? 6.687   -8.363  -5.838  1.00 14.59 ? 153 PRO A C   1 
ATOM   1109 O O   . PRO A 1 153 ? 5.918   -7.404  -5.794  1.00 13.46 ? 153 PRO A O   1 
ATOM   1110 C CB  . PRO A 1 153 ? 8.042   -8.012  -7.947  1.00 15.30 ? 153 PRO A CB  1 
ATOM   1111 C CG  . PRO A 1 153 ? 7.787   -8.409  -9.362  1.00 15.31 ? 153 PRO A CG  1 
ATOM   1112 C CD  . PRO A 1 153 ? 6.281   -8.513  -9.398  1.00 16.45 ? 153 PRO A CD  1 
ATOM   1113 N N   . ALA A 1 154 ? 7.188   -8.934  -4.750  1.00 14.38 ? 154 ALA A N   1 
ATOM   1114 C CA  . ALA A 1 154 ? 6.818   -8.471  -3.426  1.00 14.07 ? 154 ALA A CA  1 
ATOM   1115 C C   . ALA A 1 154 ? 8.006   -8.181  -2.535  1.00 14.87 ? 154 ALA A C   1 
ATOM   1116 O O   . ALA A 1 154 ? 9.015   -8.878  -2.585  1.00 15.11 ? 154 ALA A O   1 
ATOM   1117 C CB  . ALA A 1 154 ? 5.931   -9.505  -2.756  1.00 14.52 ? 154 ALA A CB  1 
ATOM   1118 N N   . LEU A 1 155 ? 7.875   -7.139  -1.723  1.00 13.47 ? 155 LEU A N   1 
ATOM   1119 C CA  . LEU A 1 155 ? 8.900   -6.767  -0.758  1.00 12.43 ? 155 LEU A CA  1 
ATOM   1120 C C   . LEU A 1 155 ? 8.215   -6.892  0.598   1.00 12.45 ? 155 LEU A C   1 
ATOM   1121 O O   . LEU A 1 155 ? 7.432   -6.024  0.992   1.00 12.37 ? 155 LEU A O   1 
ATOM   1122 C CB  . LEU A 1 155 ? 9.369   -5.326  -0.972  1.00 13.01 ? 155 LEU A CB  1 
ATOM   1123 C CG  . LEU A 1 155 ? 10.389  -4.808  0.048   1.00 13.50 ? 155 LEU A CG  1 
ATOM   1124 C CD1 . LEU A 1 155 ? 11.699  -5.577  -0.089  1.00 15.05 ? 155 LEU A CD1 1 
ATOM   1125 C CD2 . LEU A 1 155 ? 10.614  -3.316  -0.168  1.00 13.32 ? 155 LEU A CD2 1 
ATOM   1126 N N   . ILE A 1 156 ? 8.489   -7.989  1.297   1.00 12.22 ? 156 ILE A N   1 
ATOM   1127 C CA  . ILE A 1 156 ? 7.883   -8.228  2.599   1.00 12.63 ? 156 ILE A CA  1 
ATOM   1128 C C   . ILE A 1 156 ? 8.675   -7.479  3.660   1.00 13.05 ? 156 ILE A C   1 
ATOM   1129 O O   . ILE A 1 156 ? 9.797   -7.845  3.990   1.00 13.58 ? 156 ILE A O   1 
ATOM   1130 C CB  . ILE A 1 156 ? 7.861   -9.730  2.915   1.00 11.45 ? 156 ILE A CB  1 
ATOM   1131 C CG1 . ILE A 1 156 ? 7.100   -10.467 1.808   1.00 12.51 ? 156 ILE A CG1 1 
ATOM   1132 C CG2 . ILE A 1 156 ? 7.202   -9.973  4.265   1.00 12.63 ? 156 ILE A CG2 1 
ATOM   1133 C CD1 . ILE A 1 156 ? 7.389   -11.961 1.733   1.00 12.77 ? 156 ILE A CD1 1 
ATOM   1134 N N   . VAL A 1 157 ? 8.075   -6.422  4.194   1.00 13.46 ? 157 VAL A N   1 
ATOM   1135 C CA  . VAL A 1 157 ? 8.730   -5.589  5.192   1.00 12.56 ? 157 VAL A CA  1 
ATOM   1136 C C   . VAL A 1 157 ? 8.057   -5.679  6.559   1.00 12.67 ? 157 VAL A C   1 
ATOM   1137 O O   . VAL A 1 157 ? 6.831   -5.706  6.646   1.00 13.12 ? 157 VAL A O   1 
ATOM   1138 C CB  . VAL A 1 157 ? 8.722   -4.101  4.738   1.00 12.51 ? 157 VAL A CB  1 
ATOM   1139 C CG1 . VAL A 1 157 ? 9.394   -3.225  5.779   1.00 12.76 ? 157 VAL A CG1 1 
ATOM   1140 C CG2 . VAL A 1 157 ? 9.417   -3.958  3.393   1.00 12.94 ? 157 VAL A CG2 1 
ATOM   1141 N N   . TYR A 1 158 ? 8.859   -5.736  7.619   1.00 12.51 ? 158 TYR A N   1 
ATOM   1142 C CA  . TYR A 1 158 ? 8.331   -5.774  8.984   1.00 14.39 ? 158 TYR A CA  1 
ATOM   1143 C C   . TYR A 1 158 ? 9.422   -5.586  10.041  1.00 14.15 ? 158 TYR A C   1 
ATOM   1144 O O   . TYR A 1 158 ? 10.598  -5.837  9.781   1.00 13.63 ? 158 TYR A O   1 
ATOM   1145 C CB  . TYR A 1 158 ? 7.541   -7.074  9.232   1.00 14.79 ? 158 TYR A CB  1 
ATOM   1146 C CG  . TYR A 1 158 ? 8.343   -8.351  9.242   1.00 15.63 ? 158 TYR A CG  1 
ATOM   1147 C CD1 . TYR A 1 158 ? 8.911   -8.828  10.419  1.00 16.42 ? 158 TYR A CD1 1 
ATOM   1148 C CD2 . TYR A 1 158 ? 8.514   -9.099  8.079   1.00 17.24 ? 158 TYR A CD2 1 
ATOM   1149 C CE1 . TYR A 1 158 ? 9.627   -10.026 10.443  1.00 19.03 ? 158 TYR A CE1 1 
ATOM   1150 C CE2 . TYR A 1 158 ? 9.233   -10.304 8.090   1.00 18.39 ? 158 TYR A CE2 1 
ATOM   1151 C CZ  . TYR A 1 158 ? 9.782   -10.756 9.278   1.00 18.47 ? 158 TYR A CZ  1 
ATOM   1152 O OH  . TYR A 1 158 ? 10.481  -11.937 9.305   1.00 21.45 ? 158 TYR A OH  1 
ATOM   1153 N N   . GLY A 1 159 ? 9.028   -5.112  11.221  1.00 14.65 ? 159 GLY A N   1 
ATOM   1154 C CA  . GLY A 1 159 ? 9.981   -4.899  12.297  1.00 16.34 ? 159 GLY A CA  1 
ATOM   1155 C C   . GLY A 1 159 ? 10.137  -6.154  13.134  1.00 18.60 ? 159 GLY A C   1 
ATOM   1156 O O   . GLY A 1 159 ? 9.148   -6.822  13.437  1.00 19.12 ? 159 GLY A O   1 
ATOM   1157 N N   . ASP A 1 160 ? 11.369  -6.484  13.513  1.00 19.53 ? 160 ASP A N   1 
ATOM   1158 C CA  . ASP A 1 160 ? 11.613  -7.690  14.299  1.00 21.16 ? 160 ASP A CA  1 
ATOM   1159 C C   . ASP A 1 160 ? 11.034  -7.640  15.713  1.00 21.47 ? 160 ASP A C   1 
ATOM   1160 O O   . ASP A 1 160 ? 11.095  -8.627  16.436  1.00 22.10 ? 160 ASP A O   1 
ATOM   1161 C CB  . ASP A 1 160 ? 13.118  -7.995  14.369  1.00 23.30 ? 160 ASP A CB  1 
ATOM   1162 C CG  . ASP A 1 160 ? 13.906  -6.917  15.093  1.00 23.31 ? 160 ASP A CG  1 
ATOM   1163 O OD1 . ASP A 1 160 ? 15.116  -7.118  15.324  1.00 25.33 ? 160 ASP A OD1 1 
ATOM   1164 O OD2 . ASP A 1 160 ? 13.324  -5.867  15.429  1.00 24.29 ? 160 ASP A OD2 1 
ATOM   1165 N N   . GLN A 1 161 ? 10.468  -6.501  16.100  1.00 21.52 ? 161 GLN A N   1 
ATOM   1166 C CA  . GLN A 1 161 ? 9.874   -6.346  17.426  1.00 21.64 ? 161 GLN A CA  1 
ATOM   1167 C C   . GLN A 1 161 ? 8.358   -6.496  17.321  1.00 20.36 ? 161 GLN A C   1 
ATOM   1168 O O   . GLN A 1 161 ? 7.637   -6.407  18.319  1.00 20.36 ? 161 GLN A O   1 
ATOM   1169 C CB  . GLN A 1 161 ? 10.187  -4.962  17.992  1.00 24.20 ? 161 GLN A CB  1 
ATOM   1170 C CG  . GLN A 1 161 ? 11.638  -4.540  17.867  1.00 29.94 ? 161 GLN A CG  1 
ATOM   1171 C CD  . GLN A 1 161 ? 12.558  -5.298  18.804  1.00 34.00 ? 161 GLN A CD  1 
ATOM   1172 O OE1 . GLN A 1 161 ? 12.698  -6.524  18.716  1.00 34.09 ? 161 GLN A OE1 1 
ATOM   1173 N NE2 . GLN A 1 161 ? 13.198  -4.564  19.714  1.00 35.52 ? 161 GLN A NE2 1 
ATOM   1174 N N   . ASP A 1 162 ? 7.888   -6.722  16.101  1.00 18.87 ? 162 ASP A N   1 
ATOM   1175 C CA  . ASP A 1 162 ? 6.463   -6.867  15.824  1.00 16.57 ? 162 ASP A CA  1 
ATOM   1176 C C   . ASP A 1 162 ? 6.048   -8.338  15.742  1.00 17.37 ? 162 ASP A C   1 
ATOM   1177 O O   . ASP A 1 162 ? 6.467   -9.061  14.845  1.00 15.52 ? 162 ASP A O   1 
ATOM   1178 C CB  . ASP A 1 162 ? 6.144   -6.135  14.510  1.00 15.30 ? 162 ASP A CB  1 
ATOM   1179 C CG  . ASP A 1 162 ? 4.695   -6.296  14.071  1.00 15.35 ? 162 ASP A CG  1 
ATOM   1180 O OD1 . ASP A 1 162 ? 3.846   -6.691  14.899  1.00 13.21 ? 162 ASP A OD1 1 
ATOM   1181 O OD2 . ASP A 1 162 ? 4.406   -6.013  12.888  1.00 13.77 ? 162 ASP A OD2 1 
ATOM   1182 N N   . PRO A 1 163 ? 5.222   -8.804  16.695  1.00 19.24 ? 163 PRO A N   1 
ATOM   1183 C CA  . PRO A 1 163 ? 4.775   -10.202 16.683  1.00 19.59 ? 163 PRO A CA  1 
ATOM   1184 C C   . PRO A 1 163 ? 3.970   -10.587 15.440  1.00 18.71 ? 163 PRO A C   1 
ATOM   1185 O O   . PRO A 1 163 ? 3.850   -11.769 15.115  1.00 17.53 ? 163 PRO A O   1 
ATOM   1186 C CB  . PRO A 1 163 ? 3.973   -10.330 17.985  1.00 19.35 ? 163 PRO A CB  1 
ATOM   1187 C CG  . PRO A 1 163 ? 3.551   -8.926  18.284  1.00 21.87 ? 163 PRO A CG  1 
ATOM   1188 C CD  . PRO A 1 163 ? 4.767   -8.121  17.918  1.00 19.68 ? 163 PRO A CD  1 
ATOM   1189 N N   . MET A 1 164 ? 3.419   -9.595  14.748  1.00 19.44 ? 164 MET A N   1 
ATOM   1190 C CA  . MET A 1 164 ? 2.657   -9.865  13.530  1.00 20.00 ? 164 MET A CA  1 
ATOM   1191 C C   . MET A 1 164 ? 3.617   -10.035 12.362  1.00 19.31 ? 164 MET A C   1 
ATOM   1192 O O   . MET A 1 164 ? 3.244   -10.553 11.312  1.00 19.34 ? 164 MET A O   1 
ATOM   1193 C CB  . MET A 1 164 ? 1.678   -8.729  13.218  1.00 20.43 ? 164 MET A CB  1 
ATOM   1194 C CG  . MET A 1 164 ? 0.370   -8.809  13.987  1.00 24.48 ? 164 MET A CG  1 
ATOM   1195 S SD  . MET A 1 164 ? -0.905  -7.713  13.317  1.00 30.37 ? 164 MET A SD  1 
ATOM   1196 C CE  . MET A 1 164 ? -0.918  -6.408  14.532  1.00 28.29 ? 164 MET A CE  1 
ATOM   1197 N N   . GLY A 1 165 ? 4.855   -9.591  12.553  1.00 20.21 ? 165 GLY A N   1 
ATOM   1198 C CA  . GLY A 1 165 ? 5.854   -9.701  11.502  1.00 19.71 ? 165 GLY A CA  1 
ATOM   1199 C C   . GLY A 1 165 ? 6.062   -11.147 11.105  1.00 19.36 ? 165 GLY A C   1 
ATOM   1200 O O   . GLY A 1 165 ? 5.799   -11.528 9.968   1.00 17.39 ? 165 GLY A O   1 
ATOM   1201 N N   . GLN A 1 166 ? 6.526   -11.954 12.053  1.00 20.49 ? 166 GLN A N   1 
ATOM   1202 C CA  . GLN A 1 166 ? 6.765   -13.374 11.822  1.00 22.97 ? 166 GLN A CA  1 
ATOM   1203 C C   . GLN A 1 166 ? 5.520   -14.133 11.379  1.00 21.41 ? 166 GLN A C   1 
ATOM   1204 O O   . GLN A 1 166 ? 5.574   -14.940 10.451  1.00 20.46 ? 166 GLN A O   1 
ATOM   1205 C CB  . GLN A 1 166 ? 7.326   -14.018 13.091  1.00 26.71 ? 166 GLN A CB  1 
ATOM   1206 C CG  . GLN A 1 166 ? 8.836   -13.955 13.179  1.00 32.13 ? 166 GLN A CG  1 
ATOM   1207 C CD  . GLN A 1 166 ? 9.497   -14.582 11.964  1.00 35.19 ? 166 GLN A CD  1 
ATOM   1208 O OE1 . GLN A 1 166 ? 9.057   -15.629 11.483  1.00 36.58 ? 166 GLN A OE1 1 
ATOM   1209 N NE2 . GLN A 1 166 ? 10.563  -13.950 11.465  1.00 36.87 ? 166 GLN A NE2 1 
ATOM   1210 N N   . THR A 1 167 ? 4.407   -13.874 12.054  1.00 20.41 ? 167 THR A N   1 
ATOM   1211 C CA  . THR A 1 167 ? 3.132   -14.520 11.756  1.00 21.30 ? 167 THR A CA  1 
ATOM   1212 C C   . THR A 1 167 ? 2.702   -14.329 10.299  1.00 19.66 ? 167 THR A C   1 
ATOM   1213 O O   . THR A 1 167 ? 2.537   -15.296 9.559   1.00 20.30 ? 167 THR A O   1 
ATOM   1214 C CB  . THR A 1 167 ? 2.007   -13.962 12.665  1.00 22.83 ? 167 THR A CB  1 
ATOM   1215 O OG1 . THR A 1 167 ? 2.377   -14.122 14.037  1.00 27.34 ? 167 THR A OG1 1 
ATOM   1216 C CG2 . THR A 1 167 ? 0.697   -14.702 12.419  1.00 26.24 ? 167 THR A CG2 1 
ATOM   1217 N N   . SER A 1 168 ? 2.511   -13.077 9.896   1.00 16.96 ? 168 SER A N   1 
ATOM   1218 C CA  . SER A 1 168 ? 2.084   -12.783 8.536   1.00 14.49 ? 168 SER A CA  1 
ATOM   1219 C C   . SER A 1 168 ? 3.091   -13.251 7.490   1.00 14.88 ? 168 SER A C   1 
ATOM   1220 O O   . SER A 1 168 ? 2.709   -13.579 6.370   1.00 14.07 ? 168 SER A O   1 
ATOM   1221 C CB  . SER A 1 168 ? 1.819   -11.282 8.378   1.00 13.75 ? 168 SER A CB  1 
ATOM   1222 O OG  . SER A 1 168 ? 2.965   -10.508 8.686   1.00 8.00  ? 168 SER A OG  1 
ATOM   1223 N N   . PHE A 1 169 ? 4.369   -13.293 7.857   1.00 16.35 ? 169 PHE A N   1 
ATOM   1224 C CA  . PHE A 1 169 ? 5.421   -13.729 6.933   1.00 19.17 ? 169 PHE A CA  1 
ATOM   1225 C C   . PHE A 1 169 ? 5.257   -15.197 6.537   1.00 19.63 ? 169 PHE A C   1 
ATOM   1226 O O   . PHE A 1 169 ? 5.545   -15.581 5.404   1.00 17.96 ? 169 PHE A O   1 
ATOM   1227 C CB  . PHE A 1 169 ? 6.806   -13.524 7.563   1.00 21.14 ? 169 PHE A CB  1 
ATOM   1228 C CG  . PHE A 1 169 ? 7.919   -14.219 6.821   1.00 22.74 ? 169 PHE A CG  1 
ATOM   1229 C CD1 . PHE A 1 169 ? 8.350   -13.748 5.585   1.00 22.85 ? 169 PHE A CD1 1 
ATOM   1230 C CD2 . PHE A 1 169 ? 8.487   -15.383 7.333   1.00 23.09 ? 169 PHE A CD2 1 
ATOM   1231 C CE1 . PHE A 1 169 ? 9.333   -14.431 4.862   1.00 24.73 ? 169 PHE A CE1 1 
ATOM   1232 C CE2 . PHE A 1 169 ? 9.469   -16.076 6.621   1.00 23.85 ? 169 PHE A CE2 1 
ATOM   1233 C CZ  . PHE A 1 169 ? 9.893   -15.599 5.380   1.00 24.48 ? 169 PHE A CZ  1 
ATOM   1234 N N   . GLU A 1 170 ? 4.810   -16.011 7.487   1.00 20.64 ? 170 GLU A N   1 
ATOM   1235 C CA  . GLU A 1 170 ? 4.589   -17.432 7.255   1.00 22.69 ? 170 GLU A CA  1 
ATOM   1236 C C   . GLU A 1 170 ? 3.636   -17.662 6.091   1.00 20.88 ? 170 GLU A C   1 
ATOM   1237 O O   . GLU A 1 170 ? 3.720   -18.670 5.394   1.00 19.86 ? 170 GLU A O   1 
ATOM   1238 C CB  . GLU A 1 170 ? 4.002   -18.077 8.513   1.00 27.46 ? 170 GLU A CB  1 
ATOM   1239 C CG  . GLU A 1 170 ? 5.017   -18.332 9.599   1.00 35.30 ? 170 GLU A CG  1 
ATOM   1240 C CD  . GLU A 1 170 ? 5.956   -19.460 9.230   1.00 39.54 ? 170 GLU A CD  1 
ATOM   1241 O OE1 . GLU A 1 170 ? 5.490   -20.624 9.193   1.00 41.91 ? 170 GLU A OE1 1 
ATOM   1242 O OE2 . GLU A 1 170 ? 7.151   -19.181 8.966   1.00 42.31 ? 170 GLU A OE2 1 
ATOM   1243 N N   . HIS A 1 171 ? 2.717   -16.727 5.895   1.00 19.70 ? 171 HIS A N   1 
ATOM   1244 C CA  . HIS A 1 171 ? 1.740   -16.836 4.819   1.00 17.77 ? 171 HIS A CA  1 
ATOM   1245 C C   . HIS A 1 171 ? 2.233   -16.127 3.574   1.00 16.39 ? 171 HIS A C   1 
ATOM   1246 O O   . HIS A 1 171 ? 2.169   -16.663 2.472   1.00 14.91 ? 171 HIS A O   1 
ATOM   1247 C CB  . HIS A 1 171 ? 0.412   -16.228 5.264   1.00 18.00 ? 171 HIS A CB  1 
ATOM   1248 C CG  . HIS A 1 171 ? -0.172  -16.887 6.473   1.00 19.20 ? 171 HIS A CG  1 
ATOM   1249 N ND1 . HIS A 1 171 ? -0.707  -18.157 6.439   1.00 18.96 ? 171 HIS A ND1 1 
ATOM   1250 C CD2 . HIS A 1 171 ? -0.256  -16.478 7.760   1.00 19.35 ? 171 HIS A CD2 1 
ATOM   1251 C CE1 . HIS A 1 171 ? -1.093  -18.501 7.654   1.00 17.98 ? 171 HIS A CE1 1 
ATOM   1252 N NE2 . HIS A 1 171 ? -0.830  -17.501 8.474   1.00 19.78 ? 171 HIS A NE2 1 
ATOM   1253 N N   . LEU A 1 172 ? 2.743   -14.917 3.761   1.00 15.47 ? 172 LEU A N   1 
ATOM   1254 C CA  . LEU A 1 172 ? 3.221   -14.127 2.648   1.00 16.68 ? 172 LEU A CA  1 
ATOM   1255 C C   . LEU A 1 172 ? 4.377   -14.777 1.890   1.00 18.52 ? 172 LEU A C   1 
ATOM   1256 O O   . LEU A 1 172 ? 4.474   -14.632 0.671   1.00 18.17 ? 172 LEU A O   1 
ATOM   1257 C CB  . LEU A 1 172 ? 3.614   -12.733 3.142   1.00 15.16 ? 172 LEU A CB  1 
ATOM   1258 C CG  . LEU A 1 172 ? 2.453   -11.890 3.687   1.00 13.78 ? 172 LEU A CG  1 
ATOM   1259 C CD1 . LEU A 1 172 ? 2.997   -10.617 4.307   1.00 13.65 ? 172 LEU A CD1 1 
ATOM   1260 C CD2 . LEU A 1 172 ? 1.474   -11.556 2.575   1.00 13.71 ? 172 LEU A CD2 1 
ATOM   1261 N N   . LYS A 1 173 ? 5.240   -15.507 2.593   1.00 19.97 ? 173 LYS A N   1 
ATOM   1262 C CA  . LYS A 1 173 ? 6.376   -16.142 1.927   1.00 21.30 ? 173 LYS A CA  1 
ATOM   1263 C C   . LYS A 1 173 ? 5.932   -17.092 0.812   1.00 21.46 ? 173 LYS A C   1 
ATOM   1264 O O   . LYS A 1 173 ? 6.746   -17.533 0.002   1.00 22.31 ? 173 LYS A O   1 
ATOM   1265 C CB  . LYS A 1 173 ? 7.254   -16.893 2.936   1.00 21.81 ? 173 LYS A CB  1 
ATOM   1266 C CG  . LYS A 1 173 ? 6.565   -18.033 3.656   1.00 22.20 ? 173 LYS A CG  1 
ATOM   1267 C CD  . LYS A 1 173 ? 7.575   -18.913 4.368   1.00 25.82 ? 173 LYS A CD  1 
ATOM   1268 C CE  . LYS A 1 173 ? 6.923   -20.178 4.903   1.00 27.83 ? 173 LYS A CE  1 
ATOM   1269 N NZ  . LYS A 1 173 ? 7.941   -21.140 5.412   1.00 32.48 ? 173 LYS A NZ  1 
ATOM   1270 N N   . GLN A 1 174 ? 4.641   -17.396 0.763   1.00 21.21 ? 174 GLN A N   1 
ATOM   1271 C CA  . GLN A 1 174 ? 4.118   -18.282 -0.269  1.00 20.83 ? 174 GLN A CA  1 
ATOM   1272 C C   . GLN A 1 174 ? 4.062   -17.555 -1.608  1.00 20.76 ? 174 GLN A C   1 
ATOM   1273 O O   . GLN A 1 174 ? 3.790   -18.159 -2.644  1.00 20.18 ? 174 GLN A O   1 
ATOM   1274 C CB  . GLN A 1 174 ? 2.735   -18.789 0.123   1.00 22.54 ? 174 GLN A CB  1 
ATOM   1275 C CG  . GLN A 1 174 ? 2.705   -19.419 1.504   1.00 27.27 ? 174 GLN A CG  1 
ATOM   1276 C CD  . GLN A 1 174 ? 1.326   -19.908 1.887   1.00 30.63 ? 174 GLN A CD  1 
ATOM   1277 O OE1 . GLN A 1 174 ? 0.829   -20.888 1.334   1.00 32.35 ? 174 GLN A OE1 1 
ATOM   1278 N NE2 . GLN A 1 174 ? 0.693   -19.221 2.832   1.00 29.89 ? 174 GLN A NE2 1 
ATOM   1279 N N   . LEU A 1 175 ? 4.309   -16.250 -1.585  1.00 20.40 ? 175 LEU A N   1 
ATOM   1280 C CA  . LEU A 1 175 ? 4.329   -15.480 -2.819  1.00 19.69 ? 175 LEU A CA  1 
ATOM   1281 C C   . LEU A 1 175 ? 5.571   -15.950 -3.578  1.00 19.76 ? 175 LEU A C   1 
ATOM   1282 O O   . LEU A 1 175 ? 6.669   -15.955 -3.034  1.00 18.61 ? 175 LEU A O   1 
ATOM   1283 C CB  . LEU A 1 175 ? 4.420   -13.982 -2.515  1.00 18.31 ? 175 LEU A CB  1 
ATOM   1284 C CG  . LEU A 1 175 ? 3.129   -13.389 -1.941  1.00 18.25 ? 175 LEU A CG  1 
ATOM   1285 C CD1 . LEU A 1 175 ? 3.358   -11.961 -1.476  1.00 16.44 ? 175 LEU A CD1 1 
ATOM   1286 C CD2 . LEU A 1 175 ? 2.029   -13.451 -3.010  1.00 17.02 ? 175 LEU A CD2 1 
ATOM   1287 N N   . PRO A 1 176 ? 5.401   -16.378 -4.835  1.00 19.55 ? 176 PRO A N   1 
ATOM   1288 C CA  . PRO A 1 176 ? 6.489   -16.863 -5.688  1.00 20.49 ? 176 PRO A CA  1 
ATOM   1289 C C   . PRO A 1 176 ? 7.711   -15.951 -5.765  1.00 20.68 ? 176 PRO A C   1 
ATOM   1290 O O   . PRO A 1 176 ? 8.840   -16.395 -5.536  1.00 20.02 ? 176 PRO A O   1 
ATOM   1291 C CB  . PRO A 1 176 ? 5.807   -17.025 -7.042  1.00 21.06 ? 176 PRO A CB  1 
ATOM   1292 C CG  . PRO A 1 176 ? 4.433   -17.453 -6.658  1.00 21.35 ? 176 PRO A CG  1 
ATOM   1293 C CD  . PRO A 1 176 ? 4.104   -16.521 -5.519  1.00 20.56 ? 176 PRO A CD  1 
ATOM   1294 N N   . ASN A 1 177 ? 7.481   -14.682 -6.095  1.00 19.35 ? 177 ASN A N   1 
ATOM   1295 C CA  . ASN A 1 177 ? 8.561   -13.715 -6.220  1.00 20.83 ? 177 ASN A CA  1 
ATOM   1296 C C   . ASN A 1 177 ? 8.556   -12.704 -5.083  1.00 21.47 ? 177 ASN A C   1 
ATOM   1297 O O   . ASN A 1 177 ? 7.813   -11.720 -5.122  1.00 20.48 ? 177 ASN A O   1 
ATOM   1298 C CB  . ASN A 1 177 ? 8.452   -12.976 -7.557  1.00 22.22 ? 177 ASN A CB  1 
ATOM   1299 C CG  . ASN A 1 177 ? 8.416   -13.921 -8.742  1.00 27.11 ? 177 ASN A CG  1 
ATOM   1300 O OD1 . ASN A 1 177 ? 9.269   -14.805 -8.871  1.00 27.95 ? 177 ASN A OD1 1 
ATOM   1301 N ND2 . ASN A 1 177 ? 7.427   -13.740 -9.619  1.00 27.17 ? 177 ASN A ND2 1 
ATOM   1302 N N   . HIS A 1 178 ? 9.386   -12.939 -4.072  1.00 21.35 ? 178 HIS A N   1 
ATOM   1303 C CA  . HIS A 1 178 ? 9.451   -12.019 -2.945  1.00 22.24 ? 178 HIS A CA  1 
ATOM   1304 C C   . HIS A 1 178 ? 10.854  -11.873 -2.368  1.00 23.14 ? 178 HIS A C   1 
ATOM   1305 O O   . HIS A 1 178 ? 11.722  -12.723 -2.566  1.00 23.13 ? 178 HIS A O   1 
ATOM   1306 C CB  . HIS A 1 178 ? 8.507   -12.468 -1.827  1.00 21.15 ? 178 HIS A CB  1 
ATOM   1307 C CG  . HIS A 1 178 ? 8.924   -13.741 -1.157  1.00 22.84 ? 178 HIS A CG  1 
ATOM   1308 N ND1 . HIS A 1 178 ? 8.525   -14.983 -1.603  1.00 21.19 ? 178 HIS A ND1 1 
ATOM   1309 C CD2 . HIS A 1 178 ? 9.744   -13.965 -0.103  1.00 22.67 ? 178 HIS A CD2 1 
ATOM   1310 C CE1 . HIS A 1 178 ? 9.083   -15.918 -0.853  1.00 21.54 ? 178 HIS A CE1 1 
ATOM   1311 N NE2 . HIS A 1 178 ? 9.828   -15.326 0.064   1.00 22.80 ? 178 HIS A NE2 1 
ATOM   1312 N N   . ARG A 1 179 ? 11.048  -10.767 -1.658  1.00 23.91 ? 179 ARG A N   1 
ATOM   1313 C CA  . ARG A 1 179 ? 12.294  -10.441 -0.975  1.00 24.39 ? 179 ARG A CA  1 
ATOM   1314 C C   . ARG A 1 179 ? 11.833  -9.986  0.401   1.00 22.97 ? 179 ARG A C   1 
ATOM   1315 O O   . ARG A 1 179 ? 10.735  -9.453  0.538   1.00 22.00 ? 179 ARG A O   1 
ATOM   1316 C CB  . ARG A 1 179 ? 13.009  -9.270  -1.647  1.00 28.23 ? 179 ARG A CB  1 
ATOM   1317 C CG  . ARG A 1 179 ? 13.519  -9.509  -3.055  1.00 34.50 ? 179 ARG A CG  1 
ATOM   1318 C CD  . ARG A 1 179 ? 14.075  -8.203  -3.593  1.00 38.32 ? 179 ARG A CD  1 
ATOM   1319 N NE  . ARG A 1 179 ? 14.889  -7.544  -2.572  1.00 43.91 ? 179 ARG A NE  1 
ATOM   1320 C CZ  . ARG A 1 179 ? 15.344  -6.295  -2.654  1.00 46.22 ? 179 ARG A CZ  1 
ATOM   1321 N NH1 . ARG A 1 179 ? 15.069  -5.547  -3.719  1.00 46.72 ? 179 ARG A NH1 1 
ATOM   1322 N NH2 . ARG A 1 179 ? 16.065  -5.789  -1.659  1.00 46.88 ? 179 ARG A NH2 1 
ATOM   1323 N N   . VAL A 1 180 ? 12.657  -10.184 1.419   1.00 21.82 ? 180 VAL A N   1 
ATOM   1324 C CA  . VAL A 1 180 ? 12.276  -9.768  2.759   1.00 21.03 ? 180 VAL A CA  1 
ATOM   1325 C C   . VAL A 1 180 ? 13.163  -8.619  3.235   1.00 21.59 ? 180 VAL A C   1 
ATOM   1326 O O   . VAL A 1 180 ? 14.359  -8.592  2.958   1.00 21.14 ? 180 VAL A O   1 
ATOM   1327 C CB  . VAL A 1 180 ? 12.399  -10.938 3.763   1.00 22.31 ? 180 VAL A CB  1 
ATOM   1328 C CG1 . VAL A 1 180 ? 12.008  -10.474 5.160   1.00 22.50 ? 180 VAL A CG1 1 
ATOM   1329 C CG2 . VAL A 1 180 ? 11.518  -12.099 3.326   1.00 23.10 ? 180 VAL A CG2 1 
ATOM   1330 N N   . LEU A 1 181 ? 12.558  -7.666  3.937   1.00 21.06 ? 181 LEU A N   1 
ATOM   1331 C CA  . LEU A 1 181 ? 13.285  -6.526  4.483   1.00 20.74 ? 181 LEU A CA  1 
ATOM   1332 C C   . LEU A 1 181 ? 12.916  -6.460  5.962   1.00 19.97 ? 181 LEU A C   1 
ATOM   1333 O O   . LEU A 1 181 ? 11.903  -5.866  6.325   1.00 18.62 ? 181 LEU A O   1 
ATOM   1334 C CB  . LEU A 1 181 ? 12.862  -5.224  3.788   1.00 21.34 ? 181 LEU A CB  1 
ATOM   1335 C CG  . LEU A 1 181 ? 13.742  -3.973  3.947   1.00 23.83 ? 181 LEU A CG  1 
ATOM   1336 C CD1 . LEU A 1 181 ? 12.974  -2.749  3.428   1.00 24.97 ? 181 LEU A CD1 1 
ATOM   1337 C CD2 . LEU A 1 181 ? 14.124  -3.755  5.397   1.00 22.51 ? 181 LEU A CD2 1 
ATOM   1338 N N   . ILE A 1 182 ? 13.719  -7.091  6.812   1.00 19.25 ? 182 ILE A N   1 
ATOM   1339 C CA  . ILE A 1 182 ? 13.440  -7.065  8.240   1.00 20.60 ? 182 ILE A CA  1 
ATOM   1340 C C   . ILE A 1 182 ? 14.127  -5.852  8.856   1.00 20.61 ? 182 ILE A C   1 
ATOM   1341 O O   . ILE A 1 182 ? 15.343  -5.687  8.741   1.00 22.03 ? 182 ILE A O   1 
ATOM   1342 C CB  . ILE A 1 182 ? 13.948  -8.332  8.951   1.00 20.63 ? 182 ILE A CB  1 
ATOM   1343 C CG1 . ILE A 1 182 ? 13.357  -9.576  8.287   1.00 22.62 ? 182 ILE A CG1 1 
ATOM   1344 C CG2 . ILE A 1 182 ? 13.540  -8.294  10.420  1.00 20.76 ? 182 ILE A CG2 1 
ATOM   1345 C CD1 . ILE A 1 182 ? 13.947  -10.884 8.787   1.00 24.77 ? 182 ILE A CD1 1 
ATOM   1346 N N   . MET A 1 183 ? 13.347  -4.999  9.506   1.00 18.84 ? 183 MET A N   1 
ATOM   1347 C CA  . MET A 1 183 ? 13.907  -3.810  10.127  1.00 19.43 ? 183 MET A CA  1 
ATOM   1348 C C   . MET A 1 183 ? 14.186  -4.069  11.599  1.00 20.50 ? 183 MET A C   1 
ATOM   1349 O O   . MET A 1 183 ? 13.266  -4.175  12.413  1.00 19.47 ? 183 MET A O   1 
ATOM   1350 C CB  . MET A 1 183 ? 12.948  -2.640  9.933   1.00 18.77 ? 183 MET A CB  1 
ATOM   1351 C CG  . MET A 1 183 ? 12.768  -2.312  8.465   1.00 18.43 ? 183 MET A CG  1 
ATOM   1352 S SD  . MET A 1 183 ? 11.696  -0.932  8.142   1.00 20.77 ? 183 MET A SD  1 
ATOM   1353 C CE  . MET A 1 183 ? 12.818  0.419   8.375   1.00 19.97 ? 183 MET A CE  1 
ATOM   1354 N N   . LYS A 1 184 ? 15.471  -4.182  11.924  1.00 21.07 ? 184 LYS A N   1 
ATOM   1355 C CA  . LYS A 1 184 ? 15.898  -4.467  13.285  1.00 22.61 ? 184 LYS A CA  1 
ATOM   1356 C C   . LYS A 1 184 ? 15.597  -3.341  14.258  1.00 22.65 ? 184 LYS A C   1 
ATOM   1357 O O   . LYS A 1 184 ? 15.829  -2.166  13.965  1.00 23.46 ? 184 LYS A O   1 
ATOM   1358 C CB  . LYS A 1 184 ? 17.394  -4.797  13.314  1.00 25.24 ? 184 LYS A CB  1 
ATOM   1359 C CG  . LYS A 1 184 ? 17.797  -5.912  12.353  1.00 29.04 ? 184 LYS A CG  1 
ATOM   1360 C CD  . LYS A 1 184 ? 19.201  -6.445  12.643  1.00 33.72 ? 184 LYS A CD  1 
ATOM   1361 C CE  . LYS A 1 184 ? 20.267  -5.340  12.648  1.00 35.46 ? 184 LYS A CE  1 
ATOM   1362 N NZ  . LYS A 1 184 ? 20.422  -4.664  11.325  1.00 38.04 ? 184 LYS A NZ  1 
ATOM   1363 N N   . GLY A 1 185 ? 15.062  -3.713  15.417  1.00 23.02 ? 185 GLY A N   1 
ATOM   1364 C CA  . GLY A 1 185 ? 14.731  -2.736  16.437  1.00 24.10 ? 185 GLY A CA  1 
ATOM   1365 C C   . GLY A 1 185 ? 13.520  -1.886  16.109  1.00 24.15 ? 185 GLY A C   1 
ATOM   1366 O O   . GLY A 1 185 ? 13.333  -0.812  16.685  1.00 25.88 ? 185 GLY A O   1 
ATOM   1367 N N   . ALA A 1 186 ? 12.694  -2.356  15.183  1.00 22.28 ? 186 ALA A N   1 
ATOM   1368 C CA  . ALA A 1 186 ? 11.498  -1.619  14.795  1.00 20.27 ? 186 ALA A CA  1 
ATOM   1369 C C   . ALA A 1 186 ? 10.251  -2.396  15.200  1.00 18.62 ? 186 ALA A C   1 
ATOM   1370 O O   . ALA A 1 186 ? 10.283  -3.623  15.302  1.00 18.46 ? 186 ALA A O   1 
ATOM   1371 C CB  . ALA A 1 186 ? 11.505  -1.364  13.289  1.00 19.24 ? 186 ALA A CB  1 
ATOM   1372 N N   . GLY A 1 187 ? 9.158   -1.675  15.434  1.00 17.41 ? 187 GLY A N   1 
ATOM   1373 C CA  . GLY A 1 187 ? 7.915   -2.316  15.832  1.00 15.92 ? 187 GLY A CA  1 
ATOM   1374 C C   . GLY A 1 187 ? 6.950   -2.542  14.679  1.00 14.49 ? 187 GLY A C   1 
ATOM   1375 O O   . GLY A 1 187 ? 7.363   -2.684  13.530  1.00 15.10 ? 187 GLY A O   1 
ATOM   1376 N N   . HIS A 1 188 ? 5.658   -2.576  14.988  1.00 12.54 ? 188 HIS A N   1 
ATOM   1377 C CA  . HIS A 1 188 ? 4.635   -2.790  13.972  1.00 10.17 ? 188 HIS A CA  1 
ATOM   1378 C C   . HIS A 1 188 ? 4.681   -1.700  12.885  1.00 10.97 ? 188 HIS A C   1 
ATOM   1379 O O   . HIS A 1 188 ? 4.728   -2.011  11.692  1.00 7.46  ? 188 HIS A O   1 
ATOM   1380 C CB  . HIS A 1 188 ? 3.258   -2.857  14.637  1.00 9.24  ? 188 HIS A CB  1 
ATOM   1381 C CG  . HIS A 1 188 ? 2.154   -3.259  13.710  1.00 10.33 ? 188 HIS A CG  1 
ATOM   1382 N ND1 . HIS A 1 188 ? 2.176   -4.436  12.991  1.00 8.28  ? 188 HIS A ND1 1 
ATOM   1383 C CD2 . HIS A 1 188 ? 0.975   -2.662  13.417  1.00 8.90  ? 188 HIS A CD2 1 
ATOM   1384 C CE1 . HIS A 1 188 ? 1.056   -4.550  12.301  1.00 9.71  ? 188 HIS A CE1 1 
ATOM   1385 N NE2 . HIS A 1 188 ? 0.309   -3.487  12.543  1.00 11.45 ? 188 HIS A NE2 1 
ATOM   1386 N N   . PRO A 1 189 ? 4.645   -0.409  13.275  1.00 11.54 ? 189 PRO A N   1 
ATOM   1387 C CA  . PRO A 1 189 ? 4.702   0.649   12.257  1.00 12.49 ? 189 PRO A CA  1 
ATOM   1388 C C   . PRO A 1 189 ? 6.188   0.929   11.993  1.00 13.11 ? 189 PRO A C   1 
ATOM   1389 O O   . PRO A 1 189 ? 6.651   2.053   12.153  1.00 13.48 ? 189 PRO A O   1 
ATOM   1390 C CB  . PRO A 1 189 ? 4.028   1.844   12.937  1.00 11.55 ? 189 PRO A CB  1 
ATOM   1391 C CG  . PRO A 1 189 ? 3.404   1.283   14.209  1.00 12.31 ? 189 PRO A CG  1 
ATOM   1392 C CD  . PRO A 1 189 ? 4.319   0.159   14.592  1.00 11.36 ? 189 PRO A CD  1 
ATOM   1393 N N   . CYS A 1 190 ? 6.921   -0.104  11.589  1.00 13.81 ? 190 CYS A N   1 
ATOM   1394 C CA  . CYS A 1 190 ? 8.358   0.005   11.357  1.00 13.39 ? 190 CYS A CA  1 
ATOM   1395 C C   . CYS A 1 190 ? 8.832   1.166   10.482  1.00 13.60 ? 190 CYS A C   1 
ATOM   1396 O O   . CYS A 1 190 ? 9.935   1.677   10.678  1.00 13.35 ? 190 CYS A O   1 
ATOM   1397 C CB  . CYS A 1 190 ? 8.891   -1.326  10.812  1.00 11.91 ? 190 CYS A CB  1 
ATOM   1398 S SG  . CYS A 1 190 ? 8.066   -1.938  9.316   1.00 11.66 ? 190 CYS A SG  1 
ATOM   1399 N N   . TYR A 1 191 ? 8.008   1.591   9.528   1.00 13.95 ? 191 TYR A N   1 
ATOM   1400 C CA  . TYR A 1 191 ? 8.373   2.702   8.649   1.00 14.36 ? 191 TYR A CA  1 
ATOM   1401 C C   . TYR A 1 191 ? 8.485   4.014   9.427   1.00 15.80 ? 191 TYR A C   1 
ATOM   1402 O O   . TYR A 1 191 ? 9.183   4.948   9.008   1.00 13.26 ? 191 TYR A O   1 
ATOM   1403 C CB  . TYR A 1 191 ? 7.353   2.830   7.507   1.00 13.97 ? 191 TYR A CB  1 
ATOM   1404 C CG  . TYR A 1 191 ? 5.916   2.705   7.962   1.00 14.20 ? 191 TYR A CG  1 
ATOM   1405 C CD1 . TYR A 1 191 ? 5.206   3.817   8.404   1.00 13.25 ? 191 TYR A CD1 1 
ATOM   1406 C CD2 . TYR A 1 191 ? 5.294   1.459   8.021   1.00 10.63 ? 191 TYR A CD2 1 
ATOM   1407 C CE1 . TYR A 1 191 ? 3.912   3.694   8.900   1.00 15.15 ? 191 TYR A CE1 1 
ATOM   1408 C CE2 . TYR A 1 191 ? 4.006   1.321   8.519   1.00 13.64 ? 191 TYR A CE2 1 
ATOM   1409 C CZ  . TYR A 1 191 ? 3.320   2.444   8.960   1.00 13.24 ? 191 TYR A CZ  1 
ATOM   1410 O OH  . TYR A 1 191 ? 2.055   2.316   9.483   1.00 13.07 ? 191 TYR A OH  1 
ATOM   1411 N N   . LEU A 1 192 ? 7.808   4.076   10.569  1.00 16.13 ? 192 LEU A N   1 
ATOM   1412 C CA  . LEU A 1 192 ? 7.850   5.265   11.418  1.00 17.18 ? 192 LEU A CA  1 
ATOM   1413 C C   . LEU A 1 192 ? 9.045   5.208   12.365  1.00 17.07 ? 192 LEU A C   1 
ATOM   1414 O O   . LEU A 1 192 ? 9.581   6.242   12.756  1.00 16.71 ? 192 LEU A O   1 
ATOM   1415 C CB  . LEU A 1 192 ? 6.565   5.393   12.246  1.00 16.68 ? 192 LEU A CB  1 
ATOM   1416 C CG  . LEU A 1 192 ? 5.285   5.844   11.534  1.00 16.72 ? 192 LEU A CG  1 
ATOM   1417 C CD1 . LEU A 1 192 ? 4.150   5.935   12.543  1.00 14.86 ? 192 LEU A CD1 1 
ATOM   1418 C CD2 . LEU A 1 192 ? 5.517   7.198   10.873  1.00 15.27 ? 192 LEU A CD2 1 
ATOM   1419 N N   . ASP A 1 193 ? 9.455   4.000   12.739  1.00 18.37 ? 193 ASP A N   1 
ATOM   1420 C CA  . ASP A 1 193 ? 10.592  3.845   13.637  1.00 20.29 ? 193 ASP A CA  1 
ATOM   1421 C C   . ASP A 1 193 ? 11.918  4.083   12.931  1.00 20.83 ? 193 ASP A C   1 
ATOM   1422 O O   . ASP A 1 193 ? 12.809  4.724   13.487  1.00 22.06 ? 193 ASP A O   1 
ATOM   1423 C CB  . ASP A 1 193 ? 10.599  2.455   14.284  1.00 20.52 ? 193 ASP A CB  1 
ATOM   1424 C CG  . ASP A 1 193 ? 9.467   2.272   15.272  1.00 22.93 ? 193 ASP A CG  1 
ATOM   1425 O OD1 . ASP A 1 193 ? 9.112   3.270   15.935  1.00 26.34 ? 193 ASP A OD1 1 
ATOM   1426 O OD2 . ASP A 1 193 ? 8.940   1.142   15.400  1.00 21.72 ? 193 ASP A OD2 1 
ATOM   1427 N N   . LYS A 1 194 ? 12.050  3.580   11.705  1.00 20.88 ? 194 LYS A N   1 
ATOM   1428 C CA  . LYS A 1 194 ? 13.293  3.745   10.953  1.00 20.47 ? 194 LYS A CA  1 
ATOM   1429 C C   . LYS A 1 194 ? 13.033  4.232   9.527   1.00 19.94 ? 194 LYS A C   1 
ATOM   1430 O O   . LYS A 1 194 ? 13.154  3.481   8.561   1.00 19.51 ? 194 LYS A O   1 
ATOM   1431 C CB  . LYS A 1 194 ? 14.066  2.424   10.952  1.00 21.09 ? 194 LYS A CB  1 
ATOM   1432 C CG  . LYS A 1 194 ? 14.474  1.988   12.363  1.00 24.35 ? 194 LYS A CG  1 
ATOM   1433 C CD  . LYS A 1 194 ? 15.135  0.615   12.400  1.00 26.28 ? 194 LYS A CD  1 
ATOM   1434 C CE  . LYS A 1 194 ? 16.494  0.613   11.711  1.00 27.13 ? 194 LYS A CE  1 
ATOM   1435 N NZ  . LYS A 1 194 ? 17.156  -0.723  11.840  1.00 26.20 ? 194 LYS A NZ  1 
ATOM   1436 N N   . PRO A 1 195 ? 12.685  5.519   9.391   1.00 19.17 ? 195 PRO A N   1 
ATOM   1437 C CA  . PRO A 1 195 ? 12.381  6.212   8.136   1.00 19.66 ? 195 PRO A CA  1 
ATOM   1438 C C   . PRO A 1 195 ? 13.426  6.068   7.028   1.00 18.59 ? 195 PRO A C   1 
ATOM   1439 O O   . PRO A 1 195 ? 13.082  5.783   5.883   1.00 18.32 ? 195 PRO A O   1 
ATOM   1440 C CB  . PRO A 1 195 ? 12.217  7.669   8.579   1.00 19.99 ? 195 PRO A CB  1 
ATOM   1441 C CG  . PRO A 1 195 ? 11.750  7.547   9.984   1.00 21.36 ? 195 PRO A CG  1 
ATOM   1442 C CD  . PRO A 1 195 ? 12.640  6.461   10.521  1.00 19.48 ? 195 PRO A CD  1 
ATOM   1443 N N   . GLU A 1 196 ? 14.696  6.273   7.364   1.00 17.39 ? 196 GLU A N   1 
ATOM   1444 C CA  . GLU A 1 196 ? 15.752  6.170   6.361   1.00 18.11 ? 196 GLU A CA  1 
ATOM   1445 C C   . GLU A 1 196 ? 15.875  4.767   5.804   1.00 15.54 ? 196 GLU A C   1 
ATOM   1446 O O   . GLU A 1 196 ? 15.945  4.578   4.591   1.00 14.05 ? 196 GLU A O   1 
ATOM   1447 C CB  . GLU A 1 196 ? 17.098  6.614   6.938   1.00 20.67 ? 196 GLU A CB  1 
ATOM   1448 C CG  . GLU A 1 196 ? 17.220  8.117   7.131   1.00 24.61 ? 196 GLU A CG  1 
ATOM   1449 C CD  . GLU A 1 196 ? 16.997  8.886   5.843   1.00 26.98 ? 196 GLU A CD  1 
ATOM   1450 O OE1 . GLU A 1 196 ? 17.710  8.614   4.855   1.00 29.17 ? 196 GLU A OE1 1 
ATOM   1451 O OE2 . GLU A 1 196 ? 16.109  9.763   5.818   1.00 29.61 ? 196 GLU A OE2 1 
ATOM   1452 N N   . GLU A 1 197 ? 15.907  3.778   6.687   1.00 16.00 ? 197 GLU A N   1 
ATOM   1453 C CA  . GLU A 1 197 ? 16.022  2.396   6.243   1.00 16.50 ? 197 GLU A CA  1 
ATOM   1454 C C   . GLU A 1 197 ? 14.806  2.015   5.404   1.00 15.51 ? 197 GLU A C   1 
ATOM   1455 O O   . GLU A 1 197 ? 14.934  1.340   4.385   1.00 16.64 ? 197 GLU A O   1 
ATOM   1456 C CB  . GLU A 1 197 ? 16.160  1.458   7.445   1.00 19.21 ? 197 GLU A CB  1 
ATOM   1457 C CG  . GLU A 1 197 ? 16.085  -0.008  7.070   1.00 23.86 ? 197 GLU A CG  1 
ATOM   1458 C CD  . GLU A 1 197 ? 16.398  -0.937  8.227   1.00 28.13 ? 197 GLU A CD  1 
ATOM   1459 O OE1 . GLU A 1 197 ? 15.828  -0.745  9.325   1.00 31.22 ? 197 GLU A OE1 1 
ATOM   1460 O OE2 . GLU A 1 197 ? 17.209  -1.868  8.031   1.00 30.21 ? 197 GLU A OE2 1 
ATOM   1461 N N   . TRP A 1 198 ? 13.629  2.466   5.825   1.00 15.05 ? 198 TRP A N   1 
ATOM   1462 C CA  . TRP A 1 198 ? 12.385  2.189   5.104   1.00 14.46 ? 198 TRP A CA  1 
ATOM   1463 C C   . TRP A 1 198 ? 12.393  2.800   3.704   1.00 14.52 ? 198 TRP A C   1 
ATOM   1464 O O   . TRP A 1 198 ? 12.108  2.120   2.715   1.00 11.14 ? 198 TRP A O   1 
ATOM   1465 C CB  . TRP A 1 198 ? 11.194  2.726   5.906   1.00 11.71 ? 198 TRP A CB  1 
ATOM   1466 C CG  . TRP A 1 198 ? 9.988   3.101   5.091   1.00 12.31 ? 198 TRP A CG  1 
ATOM   1467 C CD1 . TRP A 1 198 ? 9.542   4.363   4.818   1.00 13.11 ? 198 TRP A CD1 1 
ATOM   1468 C CD2 . TRP A 1 198 ? 9.047   2.208   4.494   1.00 11.66 ? 198 TRP A CD2 1 
ATOM   1469 N NE1 . TRP A 1 198 ? 8.374   4.314   4.091   1.00 12.01 ? 198 TRP A NE1 1 
ATOM   1470 C CE2 . TRP A 1 198 ? 8.049   3.001   3.879   1.00 13.30 ? 198 TRP A CE2 1 
ATOM   1471 C CE3 . TRP A 1 198 ? 8.945   0.814   4.421   1.00 13.87 ? 198 TRP A CE3 1 
ATOM   1472 C CZ2 . TRP A 1 198 ? 6.963   2.444   3.200   1.00 15.63 ? 198 TRP A CZ2 1 
ATOM   1473 C CZ3 . TRP A 1 198 ? 7.862   0.257   3.744   1.00 15.64 ? 198 TRP A CZ3 1 
ATOM   1474 C CH2 . TRP A 1 198 ? 6.886   1.073   3.143   1.00 15.09 ? 198 TRP A CH2 1 
ATOM   1475 N N   . HIS A 1 199 ? 12.722  4.086   3.623   1.00 15.46 ? 199 HIS A N   1 
ATOM   1476 C CA  . HIS A 1 199 ? 12.753  4.777   2.340   1.00 14.81 ? 199 HIS A CA  1 
ATOM   1477 C C   . HIS A 1 199 ? 13.812  4.233   1.390   1.00 14.71 ? 199 HIS A C   1 
ATOM   1478 O O   . HIS A 1 199 ? 13.569  4.119   0.187   1.00 15.49 ? 199 HIS A O   1 
ATOM   1479 C CB  . HIS A 1 199 ? 12.946  6.282   2.561   1.00 13.21 ? 199 HIS A CB  1 
ATOM   1480 C CG  . HIS A 1 199 ? 11.713  6.970   3.049   1.00 14.10 ? 199 HIS A CG  1 
ATOM   1481 N ND1 . HIS A 1 199 ? 11.718  7.842   4.114   1.00 13.35 ? 199 HIS A ND1 1 
ATOM   1482 C CD2 . HIS A 1 199 ? 10.424  6.879   2.643   1.00 13.70 ? 199 HIS A CD2 1 
ATOM   1483 C CE1 . HIS A 1 199 ? 10.483  8.254   4.347   1.00 13.70 ? 199 HIS A CE1 1 
ATOM   1484 N NE2 . HIS A 1 199 ? 9.679   7.684   3.468   1.00 12.87 ? 199 HIS A NE2 1 
ATOM   1485 N N   . THR A 1 200 ? 14.978  3.888   1.924   1.00 15.11 ? 200 THR A N   1 
ATOM   1486 C CA  . THR A 1 200 ? 16.048  3.340   1.101   1.00 15.86 ? 200 THR A CA  1 
ATOM   1487 C C   . THR A 1 200 ? 15.655  1.977   0.527   1.00 16.01 ? 200 THR A C   1 
ATOM   1488 O O   . THR A 1 200 ? 15.795  1.736   -0.674  1.00 17.57 ? 200 THR A O   1 
ATOM   1489 C CB  . THR A 1 200 ? 17.350  3.192   1.912   1.00 14.93 ? 200 THR A CB  1 
ATOM   1490 O OG1 . THR A 1 200 ? 17.861  4.494   2.206   1.00 16.81 ? 200 THR A OG1 1 
ATOM   1491 C CG2 . THR A 1 200 ? 18.402  2.411   1.127   1.00 16.90 ? 200 THR A CG2 1 
ATOM   1492 N N   . GLY A 1 201 ? 15.162  1.091   1.385   1.00 16.12 ? 201 GLY A N   1 
ATOM   1493 C CA  . GLY A 1 201 ? 14.757  -0.228  0.927   1.00 15.51 ? 201 GLY A CA  1 
ATOM   1494 C C   . GLY A 1 201 ? 13.647  -0.134  -0.100  1.00 14.38 ? 201 GLY A C   1 
ATOM   1495 O O   . GLY A 1 201 ? 13.637  -0.861  -1.089  1.00 13.25 ? 201 GLY A O   1 
ATOM   1496 N N   . LEU A 1 202 ? 12.716  0.785   0.134   1.00 15.32 ? 202 LEU A N   1 
ATOM   1497 C CA  . LEU A 1 202 ? 11.585  0.989   -0.758  1.00 14.53 ? 202 LEU A CA  1 
ATOM   1498 C C   . LEU A 1 202 ? 12.056  1.432   -2.145  1.00 15.20 ? 202 LEU A C   1 
ATOM   1499 O O   . LEU A 1 202 ? 11.691  0.833   -3.159  1.00 13.75 ? 202 LEU A O   1 
ATOM   1500 C CB  . LEU A 1 202 ? 10.651  2.054   -0.177  1.00 16.03 ? 202 LEU A CB  1 
ATOM   1501 C CG  . LEU A 1 202 ? 9.148   1.939   -0.434  1.00 17.77 ? 202 LEU A CG  1 
ATOM   1502 C CD1 . LEU A 1 202 ? 8.550   3.324   -0.310  1.00 17.28 ? 202 LEU A CD1 1 
ATOM   1503 C CD2 . LEU A 1 202 ? 8.853   1.368   -1.802  1.00 18.26 ? 202 LEU A CD2 1 
ATOM   1504 N N   . LEU A 1 203 ? 12.862  2.488   -2.189  1.00 14.94 ? 203 LEU A N   1 
ATOM   1505 C CA  . LEU A 1 203 ? 13.359  2.999   -3.462  1.00 16.94 ? 203 LEU A CA  1 
ATOM   1506 C C   . LEU A 1 203 ? 14.174  1.953   -4.212  1.00 17.85 ? 203 LEU A C   1 
ATOM   1507 O O   . LEU A 1 203 ? 14.027  1.793   -5.421  1.00 19.36 ? 203 LEU A O   1 
ATOM   1508 C CB  . LEU A 1 203 ? 14.196  4.265   -3.236  1.00 16.95 ? 203 LEU A CB  1 
ATOM   1509 C CG  . LEU A 1 203 ? 13.378  5.514   -2.890  1.00 17.88 ? 203 LEU A CG  1 
ATOM   1510 C CD1 . LEU A 1 203 ? 14.301  6.654   -2.519  1.00 18.89 ? 203 LEU A CD1 1 
ATOM   1511 C CD2 . LEU A 1 203 ? 12.509  5.901   -4.077  1.00 17.99 ? 203 LEU A CD2 1 
ATOM   1512 N N   . ASP A 1 204 ? 15.030  1.242   -3.489  1.00 19.57 ? 204 ASP A N   1 
ATOM   1513 C CA  . ASP A 1 204 ? 15.859  0.202   -4.080  1.00 20.57 ? 204 ASP A CA  1 
ATOM   1514 C C   . ASP A 1 204 ? 14.949  -0.836  -4.743  1.00 20.05 ? 204 ASP A C   1 
ATOM   1515 O O   . ASP A 1 204 ? 15.218  -1.298  -5.848  1.00 19.38 ? 204 ASP A O   1 
ATOM   1516 C CB  . ASP A 1 204 ? 16.715  -0.440  -2.987  1.00 25.84 ? 204 ASP A CB  1 
ATOM   1517 C CG  . ASP A 1 204 ? 17.592  -1.560  -3.506  1.00 31.23 ? 204 ASP A CG  1 
ATOM   1518 O OD1 . ASP A 1 204 ? 18.424  -1.306  -4.403  1.00 34.75 ? 204 ASP A OD1 1 
ATOM   1519 O OD2 . ASP A 1 204 ? 17.450  -2.699  -3.007  1.00 34.77 ? 204 ASP A OD2 1 
ATOM   1520 N N   . PHE A 1 205 ? 13.863  -1.190  -4.064  1.00 19.73 ? 205 PHE A N   1 
ATOM   1521 C CA  . PHE A 1 205 ? 12.913  -2.162  -4.595  1.00 18.79 ? 205 PHE A CA  1 
ATOM   1522 C C   . PHE A 1 205 ? 12.248  -1.646  -5.870  1.00 18.69 ? 205 PHE A C   1 
ATOM   1523 O O   . PHE A 1 205 ? 12.288  -2.306  -6.906  1.00 19.01 ? 205 PHE A O   1 
ATOM   1524 C CB  . PHE A 1 205 ? 11.832  -2.471  -3.558  1.00 18.60 ? 205 PHE A CB  1 
ATOM   1525 C CG  . PHE A 1 205 ? 10.758  -3.405  -4.056  1.00 18.03 ? 205 PHE A CG  1 
ATOM   1526 C CD1 . PHE A 1 205 ? 11.038  -4.747  -4.294  1.00 17.01 ? 205 PHE A CD1 1 
ATOM   1527 C CD2 . PHE A 1 205 ? 9.464   -2.940  -4.278  1.00 18.54 ? 205 PHE A CD2 1 
ATOM   1528 C CE1 . PHE A 1 205 ? 10.042  -5.622  -4.746  1.00 19.03 ? 205 PHE A CE1 1 
ATOM   1529 C CE2 . PHE A 1 205 ? 8.453   -3.804  -4.730  1.00 19.03 ? 205 PHE A CE2 1 
ATOM   1530 C CZ  . PHE A 1 205 ? 8.745   -5.148  -4.963  1.00 19.21 ? 205 PHE A CZ  1 
ATOM   1531 N N   . LEU A 1 206 ? 11.635  -0.467  -5.787  1.00 18.63 ? 206 LEU A N   1 
ATOM   1532 C CA  . LEU A 1 206 ? 10.952  0.132   -6.930  1.00 18.94 ? 206 LEU A CA  1 
ATOM   1533 C C   . LEU A 1 206 ? 11.851  0.273   -8.153  1.00 20.09 ? 206 LEU A C   1 
ATOM   1534 O O   . LEU A 1 206 ? 11.377  0.215   -9.284  1.00 21.00 ? 206 LEU A O   1 
ATOM   1535 C CB  . LEU A 1 206 ? 10.370  1.499   -6.552  1.00 18.04 ? 206 LEU A CB  1 
ATOM   1536 C CG  . LEU A 1 206 ? 9.272   1.512   -5.475  1.00 17.59 ? 206 LEU A CG  1 
ATOM   1537 C CD1 . LEU A 1 206 ? 8.819   2.935   -5.236  1.00 15.95 ? 206 LEU A CD1 1 
ATOM   1538 C CD2 . LEU A 1 206 ? 8.091   0.654   -5.913  1.00 15.93 ? 206 LEU A CD2 1 
ATOM   1539 N N   . GLN A 1 207 ? 13.146  0.454   -7.929  1.00 21.92 ? 207 GLN A N   1 
ATOM   1540 C CA  . GLN A 1 207 ? 14.088  0.585   -9.033  1.00 24.96 ? 207 GLN A CA  1 
ATOM   1541 C C   . GLN A 1 207 ? 14.180  -0.683  -9.866  1.00 25.48 ? 207 GLN A C   1 
ATOM   1542 O O   . GLN A 1 207 ? 14.268  -0.621  -11.092 1.00 25.44 ? 207 GLN A O   1 
ATOM   1543 C CB  . GLN A 1 207 ? 15.480  0.904   -8.517  1.00 28.09 ? 207 GLN A CB  1 
ATOM   1544 C CG  . GLN A 1 207 ? 15.731  2.356   -8.261  1.00 34.86 ? 207 GLN A CG  1 
ATOM   1545 C CD  . GLN A 1 207 ? 17.209  2.642   -8.171  1.00 38.80 ? 207 GLN A CD  1 
ATOM   1546 O OE1 . GLN A 1 207 ? 17.631  3.800   -8.110  1.00 41.47 ? 207 GLN A OE1 1 
ATOM   1547 N NE2 . GLN A 1 207 ? 18.014  1.581   -8.165  1.00 40.23 ? 207 GLN A NE2 1 
ATOM   1548 N N   . GLY A 1 208 ? 14.171  -1.829  -9.194  1.00 25.51 ? 208 GLY A N   1 
ATOM   1549 C CA  . GLY A 1 208 ? 14.279  -3.099  -9.889  1.00 27.91 ? 208 GLY A CA  1 
ATOM   1550 C C   . GLY A 1 208 ? 13.046  -3.618  -10.612 1.00 29.93 ? 208 GLY A C   1 
ATOM   1551 O O   . GLY A 1 208 ? 13.043  -4.757  -11.082 1.00 31.37 ? 208 GLY A O   1 
ATOM   1552 N N   . LEU A 1 209 ? 12.000  -2.805  -10.716 1.00 29.94 ? 209 LEU A N   1 
ATOM   1553 C CA  . LEU A 1 209 ? 10.786  -3.242  -11.397 1.00 29.89 ? 209 LEU A CA  1 
ATOM   1554 C C   . LEU A 1 209 ? 10.815  -2.978  -12.901 1.00 31.26 ? 209 LEU A C   1 
ATOM   1555 O O   . LEU A 1 209 ? 10.999  -1.842  -13.346 1.00 32.79 ? 209 LEU A O   1 
ATOM   1556 C CB  . LEU A 1 209 ? 9.567   -2.567  -10.768 1.00 27.53 ? 209 LEU A CB  1 
ATOM   1557 C CG  . LEU A 1 209 ? 9.313   -2.967  -9.313  1.00 25.99 ? 209 LEU A CG  1 
ATOM   1558 C CD1 . LEU A 1 209 ? 8.157   -2.166  -8.755  1.00 24.30 ? 209 LEU A CD1 1 
ATOM   1559 C CD2 . LEU A 1 209 ? 9.025   -4.461  -9.234  1.00 24.35 ? 209 LEU A CD2 1 
HETATM 1560 S S   . SO4 B 2 .   ? -1.946  0.022   12.910  1.00 14.02 ? 211 SO4 A S   1 
HETATM 1561 O O1  . SO4 B 2 .   ? -3.015  -0.658  12.165  1.00 16.36 ? 211 SO4 A O1  1 
HETATM 1562 O O2  . SO4 B 2 .   ? -2.434  1.337   13.365  1.00 15.17 ? 211 SO4 A O2  1 
HETATM 1563 O O3  . SO4 B 2 .   ? -1.559  -0.795  14.082  1.00 15.95 ? 211 SO4 A O3  1 
HETATM 1564 O O4  . SO4 B 2 .   ? -0.785  0.204   12.023  1.00 14.85 ? 211 SO4 A O4  1 
HETATM 1565 O O   . HOH C 3 .   ? 6.141   -4.670  11.262  1.00 14.21 ? 212 HOH A O   1 
HETATM 1566 O O   . HOH C 3 .   ? -8.800  -9.653  10.489  1.00 14.74 ? 213 HOH A O   1 
HETATM 1567 O O   . HOH C 3 .   ? 5.567   13.550  1.450   1.00 11.77 ? 214 HOH A O   1 
HETATM 1568 O O   . HOH C 3 .   ? -2.562  6.007   3.056   1.00 8.61  ? 215 HOH A O   1 
HETATM 1569 O O   . HOH C 3 .   ? -9.110  8.275   11.594  1.00 25.76 ? 216 HOH A O   1 
HETATM 1570 O O   . HOH C 3 .   ? -16.587 -9.497  3.696   1.00 14.53 ? 217 HOH A O   1 
HETATM 1571 O O   . HOH C 3 .   ? -5.456  12.194  5.984   1.00 16.10 ? 218 HOH A O   1 
HETATM 1572 O O   . HOH C 3 .   ? -11.491 -9.725  -13.991 1.00 11.05 ? 219 HOH A O   1 
HETATM 1573 O O   . HOH C 3 .   ? -0.213  -4.102  16.925  1.00 20.30 ? 220 HOH A O   1 
HETATM 1574 O O   . HOH C 3 .   ? -13.898 -10.564 -12.786 1.00 17.44 ? 221 HOH A O   1 
HETATM 1575 O O   . HOH C 3 .   ? -4.616  -2.867  12.425  1.00 10.32 ? 222 HOH A O   1 
HETATM 1576 O O   . HOH C 3 .   ? -9.976  -4.086  -2.153  1.00 12.01 ? 223 HOH A O   1 
HETATM 1577 O O   . HOH C 3 .   ? -4.820  -11.426 10.823  1.00 26.43 ? 224 HOH A O   1 
HETATM 1578 O O   . HOH C 3 .   ? -12.446 -10.256 -3.192  1.00 12.99 ? 225 HOH A O   1 
HETATM 1579 O O   . HOH C 3 .   ? 5.335   -10.213 7.097   1.00 30.28 ? 226 HOH A O   1 
HETATM 1580 O O   . HOH C 3 .   ? -8.409  -1.358  -12.040 1.00 29.92 ? 227 HOH A O   1 
HETATM 1581 O O   . HOH C 3 .   ? -4.040  -20.846 6.974   1.00 46.61 ? 228 HOH A O   1 
HETATM 1582 O O   . HOH C 3 .   ? -12.941 15.936  6.710   1.00 39.79 ? 229 HOH A O   1 
HETATM 1583 O O   . HOH C 3 .   ? 1.536   -5.851  16.251  1.00 20.13 ? 230 HOH A O   1 
HETATM 1584 O O   . HOH C 3 .   ? 2.699   21.419  -5.446  1.00 29.26 ? 231 HOH A O   1 
HETATM 1585 O O   . HOH C 3 .   ? 16.082  11.548  8.289   1.00 29.42 ? 232 HOH A O   1 
HETATM 1586 O O   . HOH C 3 .   ? -10.660 -11.452 -4.733  1.00 28.48 ? 233 HOH A O   1 
HETATM 1587 O O   . HOH C 3 .   ? 13.604  4.521   -7.314  1.00 26.20 ? 234 HOH A O   1 
HETATM 1588 O O   . HOH C 3 .   ? -2.418  -19.080 3.675   1.00 35.50 ? 235 HOH A O   1 
HETATM 1589 O O   . HOH C 3 .   ? -14.154 3.835   -10.751 1.00 29.88 ? 236 HOH A O   1 
HETATM 1590 O O   . HOH C 3 .   ? -8.446  20.085  0.926   1.00 43.52 ? 237 HOH A O   1 
HETATM 1591 O O   . HOH C 3 .   ? -13.827 -12.499 4.561   1.00 24.64 ? 238 HOH A O   1 
HETATM 1592 O O   . HOH C 3 .   ? -10.209 -13.164 -1.488  1.00 41.03 ? 239 HOH A O   1 
HETATM 1593 O O   . HOH C 3 .   ? -15.368 12.583  5.302   1.00 33.60 ? 240 HOH A O   1 
HETATM 1594 O O   . HOH C 3 .   ? 7.155   -5.601  -11.959 1.00 30.06 ? 241 HOH A O   1 
HETATM 1595 O O   . HOH C 3 .   ? -20.329 4.196   -8.719  1.00 38.70 ? 242 HOH A O   1 
HETATM 1596 O O   . HOH C 3 .   ? -5.791  18.927  7.854   1.00 32.84 ? 243 HOH A O   1 
HETATM 1597 O O   . HOH C 3 .   ? 20.516  8.140   8.269   1.00 40.88 ? 244 HOH A O   1 
HETATM 1598 O O   . HOH C 3 .   ? -20.714 -10.046 7.829   1.00 41.53 ? 245 HOH A O   1 
HETATM 1599 O O   . HOH C 3 .   ? -8.260  5.475   14.209  1.00 27.90 ? 246 HOH A O   1 
HETATM 1600 O O   . HOH C 3 .   ? -12.465 -10.950 -0.409  1.00 26.06 ? 247 HOH A O   1 
HETATM 1601 O O   . HOH C 3 .   ? 14.955  4.080   -11.550 1.00 39.11 ? 248 HOH A O   1 
HETATM 1602 O O   . HOH C 3 .   ? -17.823 -4.881  16.234  1.00 44.53 ? 249 HOH A O   1 
HETATM 1603 O O   . HOH C 3 .   ? -23.512 9.269   -4.674  1.00 26.86 ? 250 HOH A O   1 
HETATM 1604 O O   . HOH C 3 .   ? 11.791  -13.834 7.386   1.00 32.63 ? 251 HOH A O   1 
HETATM 1605 O O   . HOH C 3 .   ? -2.161  -3.266  14.896  1.00 13.25 ? 252 HOH A O   1 
HETATM 1606 O O   . HOH C 3 .   ? -18.701 11.117  -9.425  1.00 43.69 ? 253 HOH A O   1 
HETATM 1607 O O   . HOH C 3 .   ? 1.719   12.465  11.478  1.00 35.48 ? 254 HOH A O   1 
HETATM 1608 O O   . HOH C 3 .   ? -18.573 1.339   8.466   1.00 30.21 ? 255 HOH A O   1 
HETATM 1609 O O   . HOH C 3 .   ? -19.751 0.682   1.365   1.00 28.28 ? 256 HOH A O   1 
HETATM 1610 O O   . HOH C 3 .   ? -22.178 6.620   6.246   1.00 48.48 ? 257 HOH A O   1 
HETATM 1611 O O   . HOH C 3 .   ? -8.483  -14.175 -3.134  1.00 30.15 ? 258 HOH A O   1 
HETATM 1612 O O   . HOH C 3 .   ? 16.681  -5.840  17.323  1.00 43.05 ? 259 HOH A O   1 
HETATM 1613 O O   . HOH C 3 .   ? -14.106 10.316  -9.193  1.00 38.39 ? 260 HOH A O   1 
HETATM 1614 O O   . HOH C 3 .   ? 10.523  -10.270 -5.748  1.00 48.08 ? 261 HOH A O   1 
HETATM 1615 O O   . HOH C 3 .   ? 2.055   17.251  -18.643 1.00 50.93 ? 262 HOH A O   1 
HETATM 1616 O O   . HOH C 3 .   ? -6.420  3.234   -14.523 1.00 32.78 ? 263 HOH A O   1 
HETATM 1617 O O   . HOH C 3 .   ? 19.691  5.022   4.085   1.00 41.36 ? 264 HOH A O   1 
HETATM 1618 O O   . HOH C 3 .   ? -5.974  -8.957  13.293  1.00 34.33 ? 265 HOH A O   1 
HETATM 1619 O O   . HOH C 3 .   ? 8.401   -19.232 -2.150  1.00 26.26 ? 266 HOH A O   1 
HETATM 1620 O O   . HOH C 3 .   ? 6.136   -11.970 19.378  1.00 28.83 ? 267 HOH A O   1 
HETATM 1621 O O   . HOH C 3 .   ? 17.542  -3.696  9.916   1.00 22.27 ? 268 HOH A O   1 
HETATM 1622 O O   . HOH C 3 .   ? 9.398   -2.615  -15.163 1.00 41.13 ? 269 HOH A O   1 
HETATM 1623 O O   . HOH C 3 .   ? 9.495   9.759   -14.571 1.00 40.47 ? 270 HOH A O   1 
HETATM 1624 O O   . HOH C 3 .   ? -5.412  -13.014 -12.333 1.00 49.05 ? 271 HOH A O   1 
HETATM 1625 O O   . HOH C 3 .   ? -2.344  -0.988  -18.473 1.00 40.11 ? 272 HOH A O   1 
HETATM 1626 O O   . HOH C 3 .   ? -0.867  16.225  -13.804 1.00 43.49 ? 273 HOH A O   1 
HETATM 1627 O O   . HOH C 3 .   ? -21.854 -0.237  4.527   1.00 39.38 ? 274 HOH A O   1 
HETATM 1628 O O   . HOH C 3 .   ? -3.932  -19.753 9.627   1.00 46.46 ? 275 HOH A O   1 
HETATM 1629 O O   . HOH C 3 .   ? -2.159  13.428  -11.683 1.00 28.05 ? 276 HOH A O   1 
HETATM 1630 O O   . HOH C 3 .   ? 11.529  -8.297  -10.370 1.00 43.14 ? 277 HOH A O   1 
HETATM 1631 O O   . HOH C 3 .   ? -10.132 -17.762 8.595   1.00 39.61 ? 278 HOH A O   1 
HETATM 1632 O O   . HOH C 3 .   ? -2.332  -14.639 -11.283 1.00 42.64 ? 279 HOH A O   1 
HETATM 1633 O O   . HOH C 3 .   ? 7.201   10.348  16.255  1.00 37.34 ? 280 HOH A O   1 
HETATM 1634 O O   . HOH C 3 .   ? 6.943   22.522  -7.399  1.00 52.00 ? 281 HOH A O   1 
HETATM 1635 O O   . HOH C 3 .   ? -6.007  21.861  -9.558  1.00 46.55 ? 282 HOH A O   1 
HETATM 1636 O O   . HOH C 3 .   ? -12.519 18.476  -3.462  1.00 46.04 ? 283 HOH A O   1 
HETATM 1637 O O   . HOH C 3 .   ? 2.727   -9.308  -12.463 1.00 46.06 ? 284 HOH A O   1 
HETATM 1638 O O   . HOH C 3 .   ? 10.302  -6.989  -12.199 1.00 42.92 ? 285 HOH A O   1 
HETATM 1639 O O   . HOH C 3 .   ? -8.142  -5.633  -11.424 1.00 30.76 ? 286 HOH A O   1 
HETATM 1640 O O   . HOH C 3 .   ? -10.049 14.797  -8.622  1.00 46.11 ? 287 HOH A O   1 
HETATM 1641 O O   . HOH C 3 .   ? 20.299  2.072   12.988  1.00 42.28 ? 288 HOH A O   1 
HETATM 1642 O O   . HOH C 3 .   ? 19.781  -9.210  13.748  1.00 52.81 ? 289 HOH A O   1 
HETATM 1643 O O   . HOH C 3 .   ? -20.888 8.827   2.060   1.00 28.64 ? 290 HOH A O   1 
HETATM 1644 O O   . HOH C 3 .   ? 2.992   18.694  -21.338 1.00 42.68 ? 291 HOH A O   1 
HETATM 1645 O O   . HOH C 3 .   ? -18.720 14.821  1.130   1.00 43.45 ? 292 HOH A O   1 
HETATM 1646 O O   . HOH C 3 .   ? -12.346 13.558  -9.423  1.00 49.36 ? 293 HOH A O   1 
HETATM 1647 O O   . HOH C 3 .   ? 17.542  -7.022  7.460   1.00 43.89 ? 294 HOH A O   1 
HETATM 1648 O O   . HOH C 3 .   ? -16.033 3.326   -1.295  1.00 24.43 ? 295 HOH A O   1 
HETATM 1649 O O   . HOH C 3 .   ? -9.567  4.395   -16.423 1.00 41.55 ? 296 HOH A O   1 
HETATM 1650 O O   . HOH C 3 .   ? 13.226  -5.289  -7.275  1.00 33.79 ? 297 HOH A O   1 
HETATM 1651 O O   . HOH C 3 .   ? 4.778   -1.584  17.789  1.00 26.78 ? 298 HOH A O   1 
HETATM 1652 O O   . HOH C 3 .   ? -7.813  11.357  -15.009 1.00 52.75 ? 299 HOH A O   1 
HETATM 1653 O O   . HOH C 3 .   ? 22.244  0.181   0.649   1.00 30.10 ? 300 HOH A O   1 
HETATM 1654 O O   . HOH C 3 .   ? 12.209  10.936  4.624   1.00 31.82 ? 301 HOH A O   1 
HETATM 1655 O O   . HOH C 3 .   ? -18.826 -7.390  12.983  1.00 32.56 ? 302 HOH A O   1 
HETATM 1656 O O   . HOH C 3 .   ? 16.830  -12.750 7.553   1.00 45.11 ? 303 HOH A O   1 
HETATM 1657 O O   . HOH C 3 .   ? -5.672  12.294  -11.263 1.00 48.12 ? 304 HOH A O   1 
HETATM 1658 O O   . HOH C 3 .   ? -15.107 -12.162 2.057   1.00 35.91 ? 305 HOH A O   1 
HETATM 1659 O O   . HOH C 3 .   ? -2.138  -8.942  -16.941 1.00 40.08 ? 306 HOH A O   1 
HETATM 1660 O O   . HOH C 3 .   ? 11.799  17.411  -14.988 1.00 45.42 ? 307 HOH A O   1 
HETATM 1661 O O   . HOH C 3 .   ? 12.934  7.241   -12.745 1.00 46.17 ? 308 HOH A O   1 
HETATM 1662 O O   . HOH C 3 .   ? 12.405  -18.300 7.943   1.00 41.18 ? 309 HOH A O   1 
HETATM 1663 O O   . HOH C 3 .   ? 16.161  1.244   -12.636 1.00 43.96 ? 310 HOH A O   1 
HETATM 1664 O O   . HOH C 3 .   ? -16.294 10.517  2.609   1.00 37.57 ? 311 HOH A O   1 
HETATM 1665 O O   . HOH C 3 .   ? 9.968   8.062   15.370  1.00 43.00 ? 312 HOH A O   1 
HETATM 1666 O O   . HOH C 3 .   ? -0.862  5.414   -16.774 1.00 39.94 ? 313 HOH A O   1 
HETATM 1667 O O   . HOH C 3 .   ? 14.769  -9.531  -6.354  1.00 39.52 ? 314 HOH A O   1 
HETATM 1668 O O   . HOH C 3 .   ? 16.275  12.773  -9.256  1.00 39.37 ? 315 HOH A O   1 
HETATM 1669 O O   . HOH C 3 .   ? 22.584  -3.566  13.121  1.00 43.81 ? 316 HOH A O   1 
HETATM 1670 O O   . HOH C 3 .   ? 4.940   -7.770  5.806   1.00 18.84 ? 317 HOH A O   1 
HETATM 1671 O O   . HOH C 3 .   ? -10.488 -7.363  8.376   1.00 18.02 ? 318 HOH A O   1 
HETATM 1672 O O   . HOH C 3 .   ? 2.486   -2.313  9.852   1.00 11.00 ? 319 HOH A O   1 
HETATM 1673 O O   . HOH C 3 .   ? 0.062   3.363   7.960   1.00 19.12 ? 320 HOH A O   1 
HETATM 1674 O O   . HOH C 3 .   ? 0.165   5.948   6.728   1.00 20.30 ? 321 HOH A O   1 
HETATM 1675 O O   . HOH C 3 .   ? 0.980   2.623   -13.080 1.00 18.93 ? 322 HOH A O   1 
HETATM 1676 O O   . HOH C 3 .   ? 4.916   -13.454 -6.094  1.00 24.92 ? 323 HOH A O   1 
HETATM 1677 O O   . HOH C 3 .   ? -20.176 -4.550  0.968   1.00 26.42 ? 324 HOH A O   1 
HETATM 1678 O O   . HOH C 3 .   ? 14.900  -3.268  -1.291  1.00 24.21 ? 325 HOH A O   1 
HETATM 1679 O O   . HOH C 3 .   ? -1.588  -8.619  -8.513  1.00 38.22 ? 326 HOH A O   1 
HETATM 1680 O O   . HOH C 3 .   ? -10.161 -9.261  13.406  1.00 27.40 ? 327 HOH A O   1 
HETATM 1681 O O   . HOH C 3 .   ? 9.144   10.853  14.278  1.00 28.05 ? 328 HOH A O   1 
HETATM 1682 O O   . HOH C 3 .   ? 16.737  6.887   3.002   1.00 34.19 ? 329 HOH A O   1 
HETATM 1683 O O   . HOH C 3 .   ? -3.535  10.769  10.593  1.00 36.01 ? 330 HOH A O   1 
HETATM 1684 O O   . HOH C 3 .   ? -16.670 3.670   -8.477  1.00 29.05 ? 331 HOH A O   1 
HETATM 1685 O O   . HOH C 3 .   ? -8.493  20.014  -2.491  1.00 37.46 ? 332 HOH A O   1 
HETATM 1686 O O   . HOH C 3 .   ? 6.409   0.769   17.510  1.00 38.22 ? 333 HOH A O   1 
HETATM 1687 O O   . HOH C 3 .   ? 1.798   15.353  -1.057  1.00 34.25 ? 334 HOH A O   1 
HETATM 1688 O O   . HOH C 3 .   ? 17.307  -0.336  3.631   1.00 38.22 ? 335 HOH A O   1 
HETATM 1689 O O   . HOH C 3 .   ? -20.111 -3.516  5.784   1.00 38.10 ? 336 HOH A O   1 
HETATM 1690 O O   . HOH C 3 .   ? 9.949   19.479  -13.569 1.00 36.92 ? 337 HOH A O   1 
HETATM 1691 O O   . HOH C 3 .   ? -7.937  -23.084 2.346   1.00 37.87 ? 338 HOH A O   1 
HETATM 1692 O O   . HOH C 3 .   ? -8.761  11.260  -11.557 1.00 33.99 ? 339 HOH A O   1 
HETATM 1693 O O   . HOH C 3 .   ? 16.573  5.261   9.838   1.00 37.29 ? 340 HOH A O   1 
HETATM 1694 O O   . HOH C 3 .   ? 21.888  -3.227  -0.717  1.00 34.76 ? 341 HOH A O   1 
HETATM 1695 O O   . HOH C 3 .   ? -19.842 14.927  -1.406  1.00 38.00 ? 342 HOH A O   1 
HETATM 1696 O O   . HOH C 3 .   ? 15.197  -11.475 1.163   1.00 38.22 ? 343 HOH A O   1 
HETATM 1697 O O   . HOH C 3 .   ? 20.066  7.982   3.644   1.00 32.83 ? 344 HOH A O   1 
HETATM 1698 O O   . HOH C 3 .   ? -12.084 10.427  -12.748 1.00 38.22 ? 345 HOH A O   1 
HETATM 1699 O O   . HOH C 3 .   ? -21.079 -11.979 10.607  1.00 38.22 ? 346 HOH A O   1 
HETATM 1700 O O   . HOH C 3 .   ? 7.512   21.748  -14.691 1.00 38.22 ? 347 HOH A O   1 
HETATM 1701 O O   . HOH C 3 .   ? -5.261  13.377  12.850  1.00 38.22 ? 348 HOH A O   1 
HETATM 1702 O O   . HOH C 3 .   ? 10.975  -11.421 18.506  1.00 38.22 ? 349 HOH A O   1 
HETATM 1703 O O   . HOH C 3 .   ? -20.045 -6.802  4.040   1.00 38.22 ? 350 HOH A O   1 
HETATM 1704 O O   . HOH C 3 .   ? 10.708  13.854  -9.956  1.00 31.01 ? 351 HOH A O   1 
HETATM 1705 O O   . HOH C 3 .   ? 8.324   -11.063 14.588  1.00 38.22 ? 352 HOH A O   1 
HETATM 1706 O O   . HOH C 3 .   ? 5.446   8.280   15.647  1.00 38.22 ? 353 HOH A O   1 
HETATM 1707 O O   . HOH C 3 .   ? 20.249  4.802   -3.760  1.00 38.22 ? 354 HOH A O   1 
HETATM 1708 O O   . HOH C 3 .   ? 10.833  -4.014  22.487  1.00 38.22 ? 355 HOH A O   1 
HETATM 1709 O O   . HOH C 3 .   ? 8.408   0.623   -16.635 1.00 38.22 ? 356 HOH A O   1 
HETATM 1710 O O   . HOH C 3 .   ? 18.371  -2.691  16.379  1.00 38.22 ? 357 HOH A O   1 
HETATM 1711 O O   . HOH C 3 .   ? 4.250   -21.048 -3.016  1.00 38.22 ? 358 HOH A O   1 
HETATM 1712 O O   . HOH C 3 .   ? 2.879   6.030   -15.670 1.00 37.61 ? 359 HOH A O   1 
HETATM 1713 O O   . HOH C 3 .   ? 6.125   20.359  -3.300  1.00 38.22 ? 360 HOH A O   1 
HETATM 1714 O O   . HOH C 3 .   ? 15.696  9.622   10.280  1.00 38.22 ? 361 HOH A O   1 
HETATM 1715 O O   . HOH C 3 .   ? -10.918 18.394  4.375   1.00 38.22 ? 362 HOH A O   1 
HETATM 1716 O O   . HOH C 3 .   ? 10.440  -20.185 6.359   1.00 38.22 ? 363 HOH A O   1 
HETATM 1717 O O   . HOH C 3 .   ? -5.681  -18.436 -8.055  1.00 38.22 ? 364 HOH A O   1 
HETATM 1718 O O   . HOH C 3 .   ? 6.862   -3.361  -14.068 1.00 38.22 ? 365 HOH A O   1 
HETATM 1719 O O   . HOH C 3 .   ? -9.957  -18.956 12.053  1.00 38.22 ? 366 HOH A O   1 
HETATM 1720 O O   . HOH C 3 .   ? -7.541  -13.826 11.388  1.00 38.22 ? 367 HOH A O   1 
HETATM 1721 O O   . HOH C 3 .   ? -15.866 6.614   10.768  1.00 38.22 ? 368 HOH A O   1 
HETATM 1722 O O   . HOH C 3 .   ? 6.677   -21.245 1.051   1.00 38.22 ? 369 HOH A O   1 
HETATM 1723 O O   . HOH C 3 .   ? 7.347   -11.853 -12.045 1.00 38.22 ? 370 HOH A O   1 
HETATM 1724 O O   . HOH C 3 .   ? -5.593  12.923  8.790   1.00 38.22 ? 371 HOH A O   1 
HETATM 1725 O O   . HOH C 3 .   ? 3.511   1.774   -16.168 1.00 38.22 ? 372 HOH A O   1 
HETATM 1726 O O   . HOH C 3 .   ? -4.518  -22.799 10.092  1.00 38.22 ? 373 HOH A O   1 
HETATM 1727 O O   . HOH C 3 .   ? -1.175  8.282   15.020  1.00 34.07 ? 374 HOH A O   1 
HETATM 1728 O O   . HOH C 3 .   ? -21.185 11.135  -3.290  1.00 38.22 ? 375 HOH A O   1 
HETATM 1729 O O   . HOH C 3 .   ? 11.888  -7.982  -7.644  1.00 38.22 ? 376 HOH A O   1 
HETATM 1730 O O   . HOH C 3 .   ? -0.085  16.532  11.389  1.00 38.22 ? 377 HOH A O   1 
HETATM 1731 O O   . HOH C 3 .   ? -7.254  -19.458 3.478   1.00 38.22 ? 378 HOH A O   1 
HETATM 1732 O O   . HOH C 3 .   ? 20.002  -1.943  8.330   1.00 38.22 ? 379 HOH A O   1 
HETATM 1733 O O   . HOH C 3 .   ? -5.325  -22.446 4.404   1.00 38.22 ? 380 HOH A O   1 
HETATM 1734 O O   . HOH C 3 .   ? 0.844   1.236   -17.433 1.00 38.22 ? 381 HOH A O   1 
HETATM 1735 O O   . HOH C 3 .   ? 13.516  -14.936 5.069   1.00 31.85 ? 382 HOH A O   1 
HETATM 1736 O O   . HOH C 3 .   ? -21.279 8.331   -8.367  1.00 38.22 ? 383 HOH A O   1 
HETATM 1737 O O   . HOH C 3 .   ? 19.612  1.882   4.693   1.00 38.22 ? 384 HOH A O   1 
HETATM 1738 O O   . HOH C 3 .   ? 4.629   22.252  -0.219  1.00 38.22 ? 385 HOH A O   1 
HETATM 1739 O O   . HOH C 3 .   ? 11.889  6.545   16.610  1.00 38.22 ? 386 HOH A O   1 
HETATM 1740 O O   . HOH C 3 .   ? 8.204   -9.306  18.681  1.00 38.22 ? 387 HOH A O   1 
HETATM 1741 O O   . HOH C 3 .   ? -5.932  18.582  3.845   1.00 38.22 ? 388 HOH A O   1 
HETATM 1742 O O   . HOH C 3 .   ? 13.830  10.987  -11.480 1.00 38.22 ? 389 HOH A O   1 
HETATM 1743 O O   . HOH C 3 .   ? -15.791 17.246  -1.521  1.00 38.22 ? 390 HOH A O   1 
HETATM 1744 O O   . HOH C 3 .   ? 8.414   -2.133  19.871  1.00 38.22 ? 391 HOH A O   1 
HETATM 1745 O O   . HOH C 3 .   ? 20.768  -2.154  1.625   1.00 38.22 ? 392 HOH A O   1 
HETATM 1746 O O   . HOH C 3 .   ? 9.983   -12.886 15.967  1.00 38.22 ? 393 HOH A O   1 
HETATM 1747 O O   . HOH C 3 .   ? -9.030  -22.807 -2.933  1.00 38.22 ? 394 HOH A O   1 
HETATM 1748 O O   . HOH C 3 .   ? 8.268   20.269  -1.507  1.00 38.22 ? 395 HOH A O   1 
HETATM 1749 O O   . HOH C 3 .   ? 7.303   -23.630 6.942   1.00 38.22 ? 396 HOH A O   1 
HETATM 1750 O O   . HOH C 3 .   ? -24.045 -10.304 9.129   1.00 38.22 ? 397 HOH A O   1 
HETATM 1751 O O   . HOH C 3 .   ? 17.856  3.529   -2.225  1.00 38.22 ? 398 HOH A O   1 
HETATM 1752 O O   . HOH C 3 .   ? -7.945  13.649  10.005  1.00 38.22 ? 399 HOH A O   1 
HETATM 1753 O O   . HOH C 3 .   ? 11.531  1.400   -17.148 1.00 38.22 ? 400 HOH A O   1 
HETATM 1754 O O   . HOH C 3 .   ? 1.332   -0.558  -19.539 1.00 38.22 ? 401 HOH A O   1 
HETATM 1755 O O   . HOH C 3 .   ? -11.837 -20.300 10.021  1.00 36.69 ? 402 HOH A O   1 
HETATM 1756 O O   . HOH C 3 .   ? 21.678  -2.360  -5.628  1.00 38.22 ? 403 HOH A O   1 
# 
